data_1MZ4
# 
_entry.id   1MZ4 
# 
_audit_conform.dict_name       mmcif_pdbx.dic 
_audit_conform.dict_version    5.398 
_audit_conform.dict_location   http://mmcif.pdb.org/dictionaries/ascii/mmcif_pdbx.dic 
# 
loop_
_database_2.database_id 
_database_2.database_code 
_database_2.pdbx_database_accession 
_database_2.pdbx_DOI 
PDB   1MZ4         pdb_00001mz4 10.2210/pdb1mz4/pdb 
RCSB  RCSB017318   ?            ?                   
WWPDB D_1000017318 ?            ?                   
# 
loop_
_pdbx_audit_revision_history.ordinal 
_pdbx_audit_revision_history.data_content_type 
_pdbx_audit_revision_history.major_revision 
_pdbx_audit_revision_history.minor_revision 
_pdbx_audit_revision_history.revision_date 
1 'Structure model' 1 0 2003-09-23 
2 'Structure model' 1 1 2007-10-16 
3 'Structure model' 1 2 2011-07-13 
4 'Structure model' 2 0 2021-03-03 
5 'Structure model' 2 1 2024-11-06 
# 
_pdbx_audit_revision_details.ordinal             1 
_pdbx_audit_revision_details.revision_ordinal    1 
_pdbx_audit_revision_details.data_content_type   'Structure model' 
_pdbx_audit_revision_details.provider            repository 
_pdbx_audit_revision_details.type                'Initial release' 
_pdbx_audit_revision_details.description         ? 
_pdbx_audit_revision_details.details             ? 
# 
loop_
_pdbx_audit_revision_group.ordinal 
_pdbx_audit_revision_group.revision_ordinal 
_pdbx_audit_revision_group.data_content_type 
_pdbx_audit_revision_group.group 
1  2 'Structure model' 'Version format compliance' 
2  3 'Structure model' 'Non-polymer description'   
3  3 'Structure model' 'Version format compliance' 
4  4 'Structure model' 'Atomic model'              
5  4 'Structure model' 'Data collection'           
6  4 'Structure model' 'Derived calculations'      
7  4 'Structure model' 'Non-polymer description'   
8  4 'Structure model' 'Structure summary'         
9  5 'Structure model' 'Data collection'           
10 5 'Structure model' 'Database references'       
11 5 'Structure model' 'Structure summary'         
# 
loop_
_pdbx_audit_revision_category.ordinal 
_pdbx_audit_revision_category.revision_ordinal 
_pdbx_audit_revision_category.data_content_type 
_pdbx_audit_revision_category.category 
1  4 'Structure model' atom_site                 
2  4 'Structure model' chem_comp                 
3  4 'Structure model' entity                    
4  4 'Structure model' pdbx_entity_nonpoly       
5  4 'Structure model' pdbx_nonpoly_scheme       
6  4 'Structure model' pdbx_struct_conn_angle    
7  4 'Structure model' struct_conn               
8  4 'Structure model' struct_conn_type          
9  4 'Structure model' struct_site               
10 4 'Structure model' struct_site_gen           
11 5 'Structure model' chem_comp_atom            
12 5 'Structure model' chem_comp_bond            
13 5 'Structure model' database_2                
14 5 'Structure model' pdbx_entry_details        
15 5 'Structure model' pdbx_modification_feature 
# 
loop_
_pdbx_audit_revision_item.ordinal 
_pdbx_audit_revision_item.revision_ordinal 
_pdbx_audit_revision_item.data_content_type 
_pdbx_audit_revision_item.item 
1  4 'Structure model' '_atom_site.B_iso_or_equiv'                   
2  4 'Structure model' '_atom_site.Cartn_x'                          
3  4 'Structure model' '_atom_site.Cartn_y'                          
4  4 'Structure model' '_atom_site.Cartn_z'                          
5  4 'Structure model' '_atom_site.auth_atom_id'                     
6  4 'Structure model' '_atom_site.auth_comp_id'                     
7  4 'Structure model' '_atom_site.label_atom_id'                    
8  4 'Structure model' '_atom_site.label_comp_id'                    
9  4 'Structure model' '_atom_site.type_symbol'                      
10 4 'Structure model' '_chem_comp.formula'                          
11 4 'Structure model' '_chem_comp.formula_weight'                   
12 4 'Structure model' '_chem_comp.id'                               
13 4 'Structure model' '_chem_comp.name'                             
14 4 'Structure model' '_chem_comp.pdbx_synonyms'                    
15 4 'Structure model' '_entity.formula_weight'                      
16 4 'Structure model' '_entity.pdbx_description'                    
17 4 'Structure model' '_pdbx_entity_nonpoly.comp_id'                
18 4 'Structure model' '_pdbx_entity_nonpoly.name'                   
19 4 'Structure model' '_pdbx_nonpoly_scheme.mon_id'                 
20 4 'Structure model' '_pdbx_nonpoly_scheme.pdb_mon_id'             
21 4 'Structure model' '_pdbx_struct_conn_angle.ptnr1_auth_comp_id'  
22 4 'Structure model' '_pdbx_struct_conn_angle.ptnr1_label_comp_id' 
23 4 'Structure model' '_pdbx_struct_conn_angle.ptnr2_auth_comp_id'  
24 4 'Structure model' '_pdbx_struct_conn_angle.ptnr2_label_comp_id' 
25 4 'Structure model' '_pdbx_struct_conn_angle.ptnr3_auth_comp_id'  
26 4 'Structure model' '_pdbx_struct_conn_angle.ptnr3_label_comp_id' 
27 4 'Structure model' '_struct_conn.conn_type_id'                   
28 4 'Structure model' '_struct_conn.id'                             
29 4 'Structure model' '_struct_conn.pdbx_dist_value'                
30 4 'Structure model' '_struct_conn.pdbx_leaving_atom_flag'         
31 4 'Structure model' '_struct_conn.ptnr1_auth_comp_id'             
32 4 'Structure model' '_struct_conn.ptnr1_auth_seq_id'              
33 4 'Structure model' '_struct_conn.ptnr1_label_atom_id'            
34 4 'Structure model' '_struct_conn.ptnr1_label_comp_id'            
35 4 'Structure model' '_struct_conn.ptnr1_label_seq_id'             
36 4 'Structure model' '_struct_conn.ptnr2_auth_comp_id'             
37 4 'Structure model' '_struct_conn.ptnr2_label_atom_id'            
38 4 'Structure model' '_struct_conn.ptnr2_label_comp_id'            
39 4 'Structure model' '_struct_conn_type.id'                        
40 4 'Structure model' '_struct_site.details'                        
41 4 'Structure model' '_struct_site.pdbx_auth_asym_id'              
42 4 'Structure model' '_struct_site.pdbx_auth_comp_id'              
43 4 'Structure model' '_struct_site.pdbx_auth_seq_id'               
44 4 'Structure model' '_struct_site_gen.auth_comp_id'               
45 4 'Structure model' '_struct_site_gen.label_comp_id'              
46 5 'Structure model' '_database_2.pdbx_DOI'                        
47 5 'Structure model' '_database_2.pdbx_database_accession'         
# 
_pdbx_database_status.status_code                     REL 
_pdbx_database_status.entry_id                        1MZ4 
_pdbx_database_status.recvd_initial_deposition_date   2002-10-05 
_pdbx_database_status.deposit_site                    RCSB 
_pdbx_database_status.process_site                    RCSB 
_pdbx_database_status.status_code_sf                  REL 
_pdbx_database_status.SG_entry                        . 
_pdbx_database_status.pdb_format_compatible           Y 
_pdbx_database_status.status_code_mr                  ? 
_pdbx_database_status.status_code_cs                  ? 
_pdbx_database_status.status_code_nmr_data            ? 
_pdbx_database_status.methods_development_category    ? 
# 
loop_
_pdbx_database_related.db_name 
_pdbx_database_related.db_id 
_pdbx_database_related.details 
_pdbx_database_related.content_type 
PDB 1f1c 
;CRYSTAL STRUCTURE OF CYTOCHROME C549 from 
ARTHROSPIRA MAXIMA
;
unspecified 
PDB 1e29 'PSII ASSOCIATED CYTOCHROME C549 FROM SYNECHOCYSTIS SP.'        unspecified 
# 
loop_
_audit_author.name 
_audit_author.pdbx_ordinal 
'Kerfeld, C.A.'  1 
'Sawaya, M.R.'   2 
'Bottin, H.'     3 
'Tran, K.T.'     4 
'Sugiura, M.'    5 
'Kirilovsky, D.' 6 
'Krogmann, D.'   7 
'Yeates, T.O.'   8 
'Boussac, A.'    9 
# 
_citation.id                        primary 
_citation.title                     
;Structural and EPR characterization of the soluble form of cytochrome c-550 and of the psbV2 gene product from the cyanobacterium Thermosynechococcus elongatus.
;
_citation.journal_abbrev            'Plant Cell.Physiol.' 
_citation.journal_volume            44 
_citation.page_first                697 
_citation.page_last                 706 
_citation.year                      2003 
_citation.journal_id_ASTM           PCPHA5 
_citation.country                   JA 
_citation.journal_id_ISSN           0032-0781 
_citation.journal_id_CSD            2167 
_citation.book_publisher            ? 
_citation.pdbx_database_id_PubMed   12881497 
_citation.pdbx_database_id_DOI      10.1093/pcp/pcg084 
# 
loop_
_citation_author.citation_id 
_citation_author.name 
_citation_author.ordinal 
_citation_author.identifier_ORCID 
primary 'Kerfeld, C.A.'  1  ? 
primary 'Sawaya, M.R.'   2  ? 
primary 'Bottin, H.'     3  ? 
primary 'Tran, K.T.'     4  ? 
primary 'Sugiura, M.'    5  ? 
primary 'Cascio, D.'     6  ? 
primary 'Desbois, A.'    7  ? 
primary 'Yeates, T.O.'   8  ? 
primary 'Kirilovsky, D.' 9  ? 
primary 'Boussac, A.'    10 ? 
# 
loop_
_entity.id 
_entity.type 
_entity.src_method 
_entity.pdbx_description 
_entity.formula_weight 
_entity.pdbx_number_of_molecules 
_entity.pdbx_ec 
_entity.pdbx_mutation 
_entity.pdbx_fragment 
_entity.details 
1 polymer     nat 'cytochrome c550' 15148.255 1   ? ? ? ? 
2 non-polymer syn 'PHOSPHATE ION'   94.971    5   ? ? ? ? 
3 non-polymer syn 'BICARBONATE ION' 61.017    1   ? ? ? ? 
4 non-polymer syn 'HEME C'          618.503   1   ? ? ? ? 
5 non-polymer syn GLYCEROL          92.094    5   ? ? ? ? 
6 water       nat water             18.015    105 ? ? ? ? 
# 
_entity_name_com.entity_id   1 
_entity_name_com.name        'C550, Low potential cytochrome c' 
# 
_entity_poly.entity_id                      1 
_entity_poly.type                           'polypeptide(L)' 
_entity_poly.nstd_linkage                   no 
_entity_poly.nstd_monomer                   no 
_entity_poly.pdbx_seq_one_letter_code       
;AELTPEVLTVPLNSEGKTITLTEKQYLEGKRLFQYACASCHVGGITKTNPSLDLRTETLALATPPRDNIEGLVDYMKNPT
TYDGEQEIAEVHPSLRSADIFPKMRNLTEKDLVAIAGHILVEPKILGDKWGGGKVYY
;
_entity_poly.pdbx_seq_one_letter_code_can   
;AELTPEVLTVPLNSEGKTITLTEKQYLEGKRLFQYACASCHVGGITKTNPSLDLRTETLALATPPRDNIEGLVDYMKNPT
TYDGEQEIAEVHPSLRSADIFPKMRNLTEKDLVAIAGHILVEPKILGDKWGGGKVYY
;
_entity_poly.pdbx_strand_id                 A 
_entity_poly.pdbx_target_identifier         ? 
# 
loop_
_pdbx_entity_nonpoly.entity_id 
_pdbx_entity_nonpoly.name 
_pdbx_entity_nonpoly.comp_id 
2 'PHOSPHATE ION'   PO4 
3 'BICARBONATE ION' BCT 
4 'HEME C'          HEC 
5 GLYCEROL          GOL 
6 water             HOH 
# 
loop_
_entity_poly_seq.entity_id 
_entity_poly_seq.num 
_entity_poly_seq.mon_id 
_entity_poly_seq.hetero 
1 1   ALA n 
1 2   GLU n 
1 3   LEU n 
1 4   THR n 
1 5   PRO n 
1 6   GLU n 
1 7   VAL n 
1 8   LEU n 
1 9   THR n 
1 10  VAL n 
1 11  PRO n 
1 12  LEU n 
1 13  ASN n 
1 14  SER n 
1 15  GLU n 
1 16  GLY n 
1 17  LYS n 
1 18  THR n 
1 19  ILE n 
1 20  THR n 
1 21  LEU n 
1 22  THR n 
1 23  GLU n 
1 24  LYS n 
1 25  GLN n 
1 26  TYR n 
1 27  LEU n 
1 28  GLU n 
1 29  GLY n 
1 30  LYS n 
1 31  ARG n 
1 32  LEU n 
1 33  PHE n 
1 34  GLN n 
1 35  TYR n 
1 36  ALA n 
1 37  CYS n 
1 38  ALA n 
1 39  SER n 
1 40  CYS n 
1 41  HIS n 
1 42  VAL n 
1 43  GLY n 
1 44  GLY n 
1 45  ILE n 
1 46  THR n 
1 47  LYS n 
1 48  THR n 
1 49  ASN n 
1 50  PRO n 
1 51  SER n 
1 52  LEU n 
1 53  ASP n 
1 54  LEU n 
1 55  ARG n 
1 56  THR n 
1 57  GLU n 
1 58  THR n 
1 59  LEU n 
1 60  ALA n 
1 61  LEU n 
1 62  ALA n 
1 63  THR n 
1 64  PRO n 
1 65  PRO n 
1 66  ARG n 
1 67  ASP n 
1 68  ASN n 
1 69  ILE n 
1 70  GLU n 
1 71  GLY n 
1 72  LEU n 
1 73  VAL n 
1 74  ASP n 
1 75  TYR n 
1 76  MET n 
1 77  LYS n 
1 78  ASN n 
1 79  PRO n 
1 80  THR n 
1 81  THR n 
1 82  TYR n 
1 83  ASP n 
1 84  GLY n 
1 85  GLU n 
1 86  GLN n 
1 87  GLU n 
1 88  ILE n 
1 89  ALA n 
1 90  GLU n 
1 91  VAL n 
1 92  HIS n 
1 93  PRO n 
1 94  SER n 
1 95  LEU n 
1 96  ARG n 
1 97  SER n 
1 98  ALA n 
1 99  ASP n 
1 100 ILE n 
1 101 PHE n 
1 102 PRO n 
1 103 LYS n 
1 104 MET n 
1 105 ARG n 
1 106 ASN n 
1 107 LEU n 
1 108 THR n 
1 109 GLU n 
1 110 LYS n 
1 111 ASP n 
1 112 LEU n 
1 113 VAL n 
1 114 ALA n 
1 115 ILE n 
1 116 ALA n 
1 117 GLY n 
1 118 HIS n 
1 119 ILE n 
1 120 LEU n 
1 121 VAL n 
1 122 GLU n 
1 123 PRO n 
1 124 LYS n 
1 125 ILE n 
1 126 LEU n 
1 127 GLY n 
1 128 ASP n 
1 129 LYS n 
1 130 TRP n 
1 131 GLY n 
1 132 GLY n 
1 133 GLY n 
1 134 LYS n 
1 135 VAL n 
1 136 TYR n 
1 137 TYR n 
# 
_entity_src_nat.entity_id                  1 
_entity_src_nat.pdbx_src_id                1 
_entity_src_nat.pdbx_alt_source_flag       sample 
_entity_src_nat.pdbx_beg_seq_num           ? 
_entity_src_nat.pdbx_end_seq_num           ? 
_entity_src_nat.common_name                ? 
_entity_src_nat.pdbx_organism_scientific   'Thermosynechococcus elongatus' 
_entity_src_nat.pdbx_ncbi_taxonomy_id      146786 
_entity_src_nat.genus                      Thermosynechococcus 
_entity_src_nat.species                    ? 
_entity_src_nat.strain                     ? 
_entity_src_nat.tissue                     ? 
_entity_src_nat.tissue_fraction            ? 
_entity_src_nat.pdbx_secretion             ? 
_entity_src_nat.pdbx_fragment              ? 
_entity_src_nat.pdbx_variant               ? 
_entity_src_nat.pdbx_cell_line             ? 
_entity_src_nat.pdbx_atcc                  ? 
_entity_src_nat.pdbx_cellular_location     ? 
_entity_src_nat.pdbx_organ                 ? 
_entity_src_nat.pdbx_organelle             ? 
_entity_src_nat.pdbx_cell                  ? 
_entity_src_nat.pdbx_plasmid_name          ? 
_entity_src_nat.pdbx_plasmid_details       ? 
_entity_src_nat.details                    ? 
# 
loop_
_chem_comp.id 
_chem_comp.type 
_chem_comp.mon_nstd_flag 
_chem_comp.name 
_chem_comp.pdbx_synonyms 
_chem_comp.formula 
_chem_comp.formula_weight 
ALA 'L-peptide linking' y ALANINE           ?                               'C3 H7 N O2'       89.093  
ARG 'L-peptide linking' y ARGININE          ?                               'C6 H15 N4 O2 1'   175.209 
ASN 'L-peptide linking' y ASPARAGINE        ?                               'C4 H8 N2 O3'      132.118 
ASP 'L-peptide linking' y 'ASPARTIC ACID'   ?                               'C4 H7 N O4'       133.103 
BCT non-polymer         . 'BICARBONATE ION' ?                               'C H O3 -1'        61.017  
CYS 'L-peptide linking' y CYSTEINE          ?                               'C3 H7 N O2 S'     121.158 
GLN 'L-peptide linking' y GLUTAMINE         ?                               'C5 H10 N2 O3'     146.144 
GLU 'L-peptide linking' y 'GLUTAMIC ACID'   ?                               'C5 H9 N O4'       147.129 
GLY 'peptide linking'   y GLYCINE           ?                               'C2 H5 N O2'       75.067  
GOL non-polymer         . GLYCEROL          'GLYCERIN; PROPANE-1,2,3-TRIOL' 'C3 H8 O3'         92.094  
HEC non-polymer         . 'HEME C'          ?                               'C34 H34 Fe N4 O4' 618.503 
HIS 'L-peptide linking' y HISTIDINE         ?                               'C6 H10 N3 O2 1'   156.162 
HOH non-polymer         . WATER             ?                               'H2 O'             18.015  
ILE 'L-peptide linking' y ISOLEUCINE        ?                               'C6 H13 N O2'      131.173 
LEU 'L-peptide linking' y LEUCINE           ?                               'C6 H13 N O2'      131.173 
LYS 'L-peptide linking' y LYSINE            ?                               'C6 H15 N2 O2 1'   147.195 
MET 'L-peptide linking' y METHIONINE        ?                               'C5 H11 N O2 S'    149.211 
PHE 'L-peptide linking' y PHENYLALANINE     ?                               'C9 H11 N O2'      165.189 
PO4 non-polymer         . 'PHOSPHATE ION'   ?                               'O4 P -3'          94.971  
PRO 'L-peptide linking' y PROLINE           ?                               'C5 H9 N O2'       115.130 
SER 'L-peptide linking' y SERINE            ?                               'C3 H7 N O3'       105.093 
THR 'L-peptide linking' y THREONINE         ?                               'C4 H9 N O3'       119.119 
TRP 'L-peptide linking' y TRYPTOPHAN        ?                               'C11 H12 N2 O2'    204.225 
TYR 'L-peptide linking' y TYROSINE          ?                               'C9 H11 N O3'      181.189 
VAL 'L-peptide linking' y VALINE            ?                               'C5 H11 N O2'      117.146 
# 
loop_
_pdbx_poly_seq_scheme.asym_id 
_pdbx_poly_seq_scheme.entity_id 
_pdbx_poly_seq_scheme.seq_id 
_pdbx_poly_seq_scheme.mon_id 
_pdbx_poly_seq_scheme.ndb_seq_num 
_pdbx_poly_seq_scheme.pdb_seq_num 
_pdbx_poly_seq_scheme.auth_seq_num 
_pdbx_poly_seq_scheme.pdb_mon_id 
_pdbx_poly_seq_scheme.auth_mon_id 
_pdbx_poly_seq_scheme.pdb_strand_id 
_pdbx_poly_seq_scheme.pdb_ins_code 
_pdbx_poly_seq_scheme.hetero 
A 1 1   ALA 1   1   1   ALA ALA A . n 
A 1 2   GLU 2   2   2   GLU GLU A . n 
A 1 3   LEU 3   3   3   LEU LEU A . n 
A 1 4   THR 4   4   4   THR THR A . n 
A 1 5   PRO 5   5   5   PRO PRO A . n 
A 1 6   GLU 6   6   6   GLU GLU A . n 
A 1 7   VAL 7   7   7   VAL VAL A . n 
A 1 8   LEU 8   8   8   LEU LEU A . n 
A 1 9   THR 9   9   9   THR THR A . n 
A 1 10  VAL 10  10  10  VAL VAL A . n 
A 1 11  PRO 11  11  11  PRO PRO A . n 
A 1 12  LEU 12  12  12  LEU LEU A . n 
A 1 13  ASN 13  13  13  ASN ASN A . n 
A 1 14  SER 14  14  14  SER SER A . n 
A 1 15  GLU 15  15  15  GLU GLU A . n 
A 1 16  GLY 16  16  16  GLY GLY A . n 
A 1 17  LYS 17  17  17  LYS LYS A . n 
A 1 18  THR 18  18  18  THR THR A . n 
A 1 19  ILE 19  19  19  ILE ILE A . n 
A 1 20  THR 20  20  20  THR THR A . n 
A 1 21  LEU 21  21  21  LEU LEU A . n 
A 1 22  THR 22  22  22  THR THR A . n 
A 1 23  GLU 23  23  23  GLU GLU A . n 
A 1 24  LYS 24  24  24  LYS LYS A . n 
A 1 25  GLN 25  25  25  GLN GLN A . n 
A 1 26  TYR 26  26  26  TYR TYR A . n 
A 1 27  LEU 27  27  27  LEU LEU A . n 
A 1 28  GLU 28  28  28  GLU GLU A . n 
A 1 29  GLY 29  29  29  GLY GLY A . n 
A 1 30  LYS 30  30  30  LYS LYS A . n 
A 1 31  ARG 31  31  31  ARG ARG A . n 
A 1 32  LEU 32  32  32  LEU LEU A . n 
A 1 33  PHE 33  33  33  PHE PHE A . n 
A 1 34  GLN 34  34  34  GLN GLN A . n 
A 1 35  TYR 35  35  35  TYR TYR A . n 
A 1 36  ALA 36  36  36  ALA ALA A . n 
A 1 37  CYS 37  37  37  CYS CYS A . n 
A 1 38  ALA 38  38  38  ALA ALA A . n 
A 1 39  SER 39  39  39  SER SER A . n 
A 1 40  CYS 40  40  40  CYS CYS A . n 
A 1 41  HIS 41  41  41  HIS HIS A . n 
A 1 42  VAL 42  42  42  VAL VAL A . n 
A 1 43  GLY 43  43  43  GLY GLY A . n 
A 1 44  GLY 44  44  44  GLY GLY A . n 
A 1 45  ILE 45  45  45  ILE ILE A . n 
A 1 46  THR 46  46  46  THR THR A . n 
A 1 47  LYS 47  47  47  LYS LYS A . n 
A 1 48  THR 48  48  48  THR THR A . n 
A 1 49  ASN 49  49  49  ASN ASN A . n 
A 1 50  PRO 50  50  50  PRO PRO A . n 
A 1 51  SER 51  51  51  SER SER A . n 
A 1 52  LEU 52  52  52  LEU LEU A . n 
A 1 53  ASP 53  53  53  ASP ASP A . n 
A 1 54  LEU 54  54  54  LEU LEU A . n 
A 1 55  ARG 55  55  55  ARG ARG A . n 
A 1 56  THR 56  56  56  THR THR A . n 
A 1 57  GLU 57  57  57  GLU GLU A . n 
A 1 58  THR 58  58  58  THR THR A . n 
A 1 59  LEU 59  59  59  LEU LEU A . n 
A 1 60  ALA 60  60  60  ALA ALA A . n 
A 1 61  LEU 61  61  61  LEU LEU A . n 
A 1 62  ALA 62  62  62  ALA ALA A . n 
A 1 63  THR 63  63  63  THR THR A . n 
A 1 64  PRO 64  64  64  PRO PRO A . n 
A 1 65  PRO 65  65  65  PRO PRO A . n 
A 1 66  ARG 66  66  66  ARG ARG A . n 
A 1 67  ASP 67  67  67  ASP ASP A . n 
A 1 68  ASN 68  68  68  ASN ASN A . n 
A 1 69  ILE 69  69  69  ILE ILE A . n 
A 1 70  GLU 70  70  70  GLU GLU A . n 
A 1 71  GLY 71  71  71  GLY GLY A . n 
A 1 72  LEU 72  72  72  LEU LEU A . n 
A 1 73  VAL 73  73  73  VAL VAL A . n 
A 1 74  ASP 74  74  74  ASP ASP A . n 
A 1 75  TYR 75  75  75  TYR TYR A . n 
A 1 76  MET 76  76  76  MET MET A . n 
A 1 77  LYS 77  77  77  LYS LYS A . n 
A 1 78  ASN 78  78  78  ASN ASN A . n 
A 1 79  PRO 79  79  79  PRO PRO A . n 
A 1 80  THR 80  80  80  THR THR A . n 
A 1 81  THR 81  81  81  THR THR A . n 
A 1 82  TYR 82  82  82  TYR TYR A . n 
A 1 83  ASP 83  83  83  ASP ASP A . n 
A 1 84  GLY 84  84  84  GLY GLY A . n 
A 1 85  GLU 85  85  85  GLU GLU A . n 
A 1 86  GLN 86  86  86  GLN GLN A . n 
A 1 87  GLU 87  87  87  GLU GLU A . n 
A 1 88  ILE 88  88  88  ILE ILE A . n 
A 1 89  ALA 89  89  89  ALA ALA A . n 
A 1 90  GLU 90  90  90  GLU GLU A . n 
A 1 91  VAL 91  91  91  VAL VAL A . n 
A 1 92  HIS 92  92  92  HIS HIS A . n 
A 1 93  PRO 93  93  93  PRO PRO A . n 
A 1 94  SER 94  94  94  SER SER A . n 
A 1 95  LEU 95  95  95  LEU LEU A . n 
A 1 96  ARG 96  96  96  ARG ARG A . n 
A 1 97  SER 97  97  97  SER SER A . n 
A 1 98  ALA 98  98  98  ALA ALA A . n 
A 1 99  ASP 99  99  99  ASP ASP A . n 
A 1 100 ILE 100 100 100 ILE ILE A . n 
A 1 101 PHE 101 101 101 PHE PHE A . n 
A 1 102 PRO 102 102 102 PRO PRO A . n 
A 1 103 LYS 103 103 103 LYS LYS A . n 
A 1 104 MET 104 104 104 MET MET A . n 
A 1 105 ARG 105 105 105 ARG ARG A . n 
A 1 106 ASN 106 106 106 ASN ASN A . n 
A 1 107 LEU 107 107 107 LEU LEU A . n 
A 1 108 THR 108 108 108 THR THR A . n 
A 1 109 GLU 109 109 109 GLU GLU A . n 
A 1 110 LYS 110 110 110 LYS LYS A . n 
A 1 111 ASP 111 111 111 ASP ASP A . n 
A 1 112 LEU 112 112 112 LEU LEU A . n 
A 1 113 VAL 113 113 113 VAL VAL A . n 
A 1 114 ALA 114 114 114 ALA ALA A . n 
A 1 115 ILE 115 115 115 ILE ILE A . n 
A 1 116 ALA 116 116 116 ALA ALA A . n 
A 1 117 GLY 117 117 117 GLY GLY A . n 
A 1 118 HIS 118 118 118 HIS HIS A . n 
A 1 119 ILE 119 119 119 ILE ILE A . n 
A 1 120 LEU 120 120 120 LEU LEU A . n 
A 1 121 VAL 121 121 121 VAL VAL A . n 
A 1 122 GLU 122 122 122 GLU GLU A . n 
A 1 123 PRO 123 123 123 PRO PRO A . n 
A 1 124 LYS 124 124 124 LYS LYS A . n 
A 1 125 ILE 125 125 125 ILE ILE A . n 
A 1 126 LEU 126 126 126 LEU LEU A . n 
A 1 127 GLY 127 127 127 GLY GLY A . n 
A 1 128 ASP 128 128 128 ASP ASP A . n 
A 1 129 LYS 129 129 129 LYS LYS A . n 
A 1 130 TRP 130 130 130 TRP TRP A . n 
A 1 131 GLY 131 131 131 GLY GLY A . n 
A 1 132 GLY 132 132 ?   ?   ?   A . n 
A 1 133 GLY 133 133 ?   ?   ?   A . n 
A 1 134 LYS 134 134 ?   ?   ?   A . n 
A 1 135 VAL 135 135 ?   ?   ?   A . n 
A 1 136 TYR 136 136 ?   ?   ?   A . n 
A 1 137 TYR 137 137 ?   ?   ?   A . n 
# 
loop_
_pdbx_nonpoly_scheme.asym_id 
_pdbx_nonpoly_scheme.entity_id 
_pdbx_nonpoly_scheme.mon_id 
_pdbx_nonpoly_scheme.ndb_seq_num 
_pdbx_nonpoly_scheme.pdb_seq_num 
_pdbx_nonpoly_scheme.auth_seq_num 
_pdbx_nonpoly_scheme.pdb_mon_id 
_pdbx_nonpoly_scheme.auth_mon_id 
_pdbx_nonpoly_scheme.pdb_strand_id 
_pdbx_nonpoly_scheme.pdb_ins_code 
B 2 PO4 1   145 145 PO4 PO4 A . 
C 2 PO4 1   146 146 PO4 PO4 A . 
D 2 PO4 1   147 147 PO4 PO4 A . 
E 2 PO4 1   148 148 PO4 PO4 A . 
F 2 PO4 1   149 149 PO4 PO4 A . 
G 3 BCT 1   150 150 BCT BCT A . 
H 4 HEC 1   151 135 HEC HEM A . 
I 5 GOL 1   140 140 GOL GOL A . 
J 5 GOL 1   141 141 GOL GOL A . 
K 5 GOL 1   142 142 GOL GOL A . 
L 5 GOL 1   143 143 GOL GOL A . 
M 5 GOL 1   144 144 GOL GOL A . 
N 6 HOH 1   152 1   HOH HOH A . 
N 6 HOH 2   153 2   HOH HOH A . 
N 6 HOH 3   154 3   HOH HOH A . 
N 6 HOH 4   155 4   HOH HOH A . 
N 6 HOH 5   156 5   HOH HOH A . 
N 6 HOH 6   157 6   HOH HOH A . 
N 6 HOH 7   158 7   HOH HOH A . 
N 6 HOH 8   159 8   HOH HOH A . 
N 6 HOH 9   160 9   HOH HOH A . 
N 6 HOH 10  161 10  HOH HOH A . 
N 6 HOH 11  162 11  HOH HOH A . 
N 6 HOH 12  163 12  HOH HOH A . 
N 6 HOH 13  164 13  HOH HOH A . 
N 6 HOH 14  165 14  HOH HOH A . 
N 6 HOH 15  166 15  HOH HOH A . 
N 6 HOH 16  167 16  HOH HOH A . 
N 6 HOH 17  168 17  HOH HOH A . 
N 6 HOH 18  169 18  HOH HOH A . 
N 6 HOH 19  170 19  HOH HOH A . 
N 6 HOH 20  171 20  HOH HOH A . 
N 6 HOH 21  172 21  HOH HOH A . 
N 6 HOH 22  173 22  HOH HOH A . 
N 6 HOH 23  174 23  HOH HOH A . 
N 6 HOH 24  175 24  HOH HOH A . 
N 6 HOH 25  176 25  HOH HOH A . 
N 6 HOH 26  177 26  HOH HOH A . 
N 6 HOH 27  178 27  HOH HOH A . 
N 6 HOH 28  179 28  HOH HOH A . 
N 6 HOH 29  180 29  HOH HOH A . 
N 6 HOH 30  181 30  HOH HOH A . 
N 6 HOH 31  182 31  HOH HOH A . 
N 6 HOH 32  183 32  HOH HOH A . 
N 6 HOH 33  184 33  HOH HOH A . 
N 6 HOH 34  185 34  HOH HOH A . 
N 6 HOH 35  186 35  HOH HOH A . 
N 6 HOH 36  187 36  HOH HOH A . 
N 6 HOH 37  188 37  HOH HOH A . 
N 6 HOH 38  189 38  HOH HOH A . 
N 6 HOH 39  190 39  HOH HOH A . 
N 6 HOH 40  191 40  HOH HOH A . 
N 6 HOH 41  192 41  HOH HOH A . 
N 6 HOH 42  193 42  HOH HOH A . 
N 6 HOH 43  194 43  HOH HOH A . 
N 6 HOH 44  195 44  HOH HOH A . 
N 6 HOH 45  196 45  HOH HOH A . 
N 6 HOH 46  197 46  HOH HOH A . 
N 6 HOH 47  198 47  HOH HOH A . 
N 6 HOH 48  199 48  HOH HOH A . 
N 6 HOH 49  200 49  HOH HOH A . 
N 6 HOH 50  201 50  HOH HOH A . 
N 6 HOH 51  202 51  HOH HOH A . 
N 6 HOH 52  203 52  HOH HOH A . 
N 6 HOH 53  204 53  HOH HOH A . 
N 6 HOH 54  205 54  HOH HOH A . 
N 6 HOH 55  206 55  HOH HOH A . 
N 6 HOH 56  207 56  HOH HOH A . 
N 6 HOH 57  208 57  HOH HOH A . 
N 6 HOH 58  209 58  HOH HOH A . 
N 6 HOH 59  210 59  HOH HOH A . 
N 6 HOH 60  211 60  HOH HOH A . 
N 6 HOH 61  212 61  HOH HOH A . 
N 6 HOH 62  213 62  HOH HOH A . 
N 6 HOH 63  214 63  HOH HOH A . 
N 6 HOH 64  215 64  HOH HOH A . 
N 6 HOH 65  216 65  HOH HOH A . 
N 6 HOH 66  217 66  HOH HOH A . 
N 6 HOH 67  218 67  HOH HOH A . 
N 6 HOH 68  219 68  HOH HOH A . 
N 6 HOH 69  220 69  HOH HOH A . 
N 6 HOH 70  221 70  HOH HOH A . 
N 6 HOH 71  222 71  HOH HOH A . 
N 6 HOH 72  223 72  HOH HOH A . 
N 6 HOH 73  224 73  HOH HOH A . 
N 6 HOH 74  225 74  HOH HOH A . 
N 6 HOH 75  226 75  HOH HOH A . 
N 6 HOH 76  227 76  HOH HOH A . 
N 6 HOH 77  228 77  HOH HOH A . 
N 6 HOH 78  229 78  HOH HOH A . 
N 6 HOH 79  230 79  HOH HOH A . 
N 6 HOH 80  231 80  HOH HOH A . 
N 6 HOH 81  232 81  HOH HOH A . 
N 6 HOH 82  233 82  HOH HOH A . 
N 6 HOH 83  234 83  HOH HOH A . 
N 6 HOH 84  235 84  HOH HOH A . 
N 6 HOH 85  236 85  HOH HOH A . 
N 6 HOH 86  237 86  HOH HOH A . 
N 6 HOH 87  238 87  HOH HOH A . 
N 6 HOH 88  239 88  HOH HOH A . 
N 6 HOH 89  240 89  HOH HOH A . 
N 6 HOH 90  241 90  HOH HOH A . 
N 6 HOH 91  242 91  HOH HOH A . 
N 6 HOH 92  243 92  HOH HOH A . 
N 6 HOH 93  244 93  HOH HOH A . 
N 6 HOH 94  245 94  HOH HOH A . 
N 6 HOH 95  246 95  HOH HOH A . 
N 6 HOH 96  247 96  HOH HOH A . 
N 6 HOH 97  248 97  HOH HOH A . 
N 6 HOH 98  249 98  HOH HOH A . 
N 6 HOH 99  250 99  HOH HOH A . 
N 6 HOH 100 251 100 HOH HOH A . 
N 6 HOH 101 252 101 HOH HOH A . 
N 6 HOH 102 253 102 HOH HOH A . 
N 6 HOH 103 254 103 HOH HOH A . 
N 6 HOH 104 255 104 HOH HOH A . 
N 6 HOH 105 256 105 HOH HOH A . 
# 
loop_
_software.name 
_software.classification 
_software.version 
_software.citation_id 
_software.pdbx_ordinal 
DENZO     'data reduction' .   ? 1 
SCALEPACK 'data scaling'   .   ? 2 
MLPHARE   phasing          .   ? 3 
CNS       refinement       1.1 ? 4 
# 
_cell.entry_id           1MZ4 
_cell.length_a           69.641 
_cell.length_b           69.641 
_cell.length_c           92.849 
_cell.angle_alpha        90.00 
_cell.angle_beta         90.00 
_cell.angle_gamma        120.00 
_cell.Z_PDB              6 
_cell.pdbx_unique_axis   ? 
# 
_symmetry.entry_id                         1MZ4 
_symmetry.space_group_name_H-M             'P 32 2 1' 
_symmetry.pdbx_full_space_group_name_H-M   ? 
_symmetry.cell_setting                     ? 
_symmetry.Int_Tables_number                154 
# 
_exptl.entry_id          1MZ4 
_exptl.method            'X-RAY DIFFRACTION' 
_exptl.crystals_number   1 
# 
_exptl_crystal.id                    1 
_exptl_crystal.density_meas          ? 
_exptl_crystal.density_Matthews      4.29 
_exptl_crystal.density_percent_sol   71.32 
_exptl_crystal.description           ? 
# 
_exptl_crystal_grow.crystal_id      1 
_exptl_crystal_grow.method          'VAPOR DIFFUSION, HANGING DROP' 
_exptl_crystal_grow.temp            298 
_exptl_crystal_grow.temp_details    ? 
_exptl_crystal_grow.pH              8.5 
_exptl_crystal_grow.pdbx_details    '2 M dihydrogen phosphate, MES, pH 8.5, VAPOR DIFFUSION, HANGING DROP, temperature 298K' 
_exptl_crystal_grow.pdbx_pH_range   . 
# 
_diffrn.id                     1 
_diffrn.ambient_temp           100 
_diffrn.ambient_temp_details   ? 
_diffrn.crystal_id             1 
# 
_diffrn_detector.diffrn_id              1 
_diffrn_detector.detector               CCD 
_diffrn_detector.type                   'ADSC QUANTUM 4' 
_diffrn_detector.pdbx_collection_date   2002-06-01 
_diffrn_detector.details                'collimating mirror' 
# 
_diffrn_radiation.diffrn_id                        1 
_diffrn_radiation.wavelength_id                    1 
_diffrn_radiation.pdbx_monochromatic_or_laue_m_l   M 
_diffrn_radiation.monochromator                    mirrors 
_diffrn_radiation.pdbx_diffrn_protocol             'SINGLE WAVELENGTH' 
_diffrn_radiation.pdbx_scattering_type             x-ray 
# 
_diffrn_radiation_wavelength.id           1 
_diffrn_radiation_wavelength.wavelength   1.100 
_diffrn_radiation_wavelength.wt           1.0 
# 
_diffrn_source.diffrn_id                   1 
_diffrn_source.source                      SYNCHROTRON 
_diffrn_source.type                        'NSLS BEAMLINE X8C' 
_diffrn_source.pdbx_synchrotron_site       NSLS 
_diffrn_source.pdbx_synchrotron_beamline   X8C 
_diffrn_source.pdbx_wavelength             ? 
_diffrn_source.pdbx_wavelength_list        1.100 
# 
_reflns.entry_id                     1MZ4 
_reflns.observed_criterion_sigma_I   0.0 
_reflns.observed_criterion_sigma_F   0.0 
_reflns.d_resolution_low             50 
_reflns.d_resolution_high            1.8 
_reflns.number_obs                   25953 
_reflns.number_all                   25953 
_reflns.percent_possible_obs         98.2 
_reflns.pdbx_Rmerge_I_obs            ? 
_reflns.pdbx_Rsym_value              0.08 
_reflns.pdbx_netI_over_sigmaI        25.2 
_reflns.B_iso_Wilson_estimate        17.3 
_reflns.pdbx_redundancy              7.8 
_reflns.R_free_details               ? 
_reflns.limit_h_max                  ? 
_reflns.limit_h_min                  ? 
_reflns.limit_k_max                  ? 
_reflns.limit_k_min                  ? 
_reflns.limit_l_max                  ? 
_reflns.limit_l_min                  ? 
_reflns.observed_criterion_F_max     ? 
_reflns.observed_criterion_F_min     ? 
_reflns.pdbx_ordinal                 1 
_reflns.pdbx_diffrn_id               1 
# 
_reflns_shell.d_res_high             1.80 
_reflns_shell.d_res_low              1.86 
_reflns_shell.percent_possible_all   96.7 
_reflns_shell.Rmerge_I_obs           ? 
_reflns_shell.pdbx_Rsym_value        0.454 
_reflns_shell.meanI_over_sigI_obs    4.6 
_reflns_shell.pdbx_redundancy        ? 
_reflns_shell.percent_possible_obs   ? 
_reflns_shell.number_unique_all      ? 
_reflns_shell.pdbx_ordinal           1 
_reflns_shell.pdbx_diffrn_id         1 
# 
_refine.entry_id                                 1MZ4 
_refine.ls_number_reflns_obs                     23890 
_refine.ls_number_reflns_all                     23890 
_refine.pdbx_ls_sigma_I                          ? 
_refine.pdbx_ls_sigma_F                          0.0 
_refine.pdbx_data_cutoff_high_absF               ? 
_refine.pdbx_data_cutoff_low_absF                ? 
_refine.ls_d_res_low                             50.58 
_refine.ls_d_res_high                            1.80 
_refine.ls_percent_reflns_obs                    96.8 
_refine.ls_R_factor_obs                          0.182 
_refine.ls_R_factor_all                          0.184 
_refine.ls_R_factor_R_work                       0.182 
_refine.ls_R_factor_R_free                       0.202 
_refine.ls_R_factor_R_free_error                 0.004 
_refine.ls_R_factor_R_free_error_details         ? 
_refine.ls_percent_reflns_R_free                 10.1 
_refine.ls_number_reflns_R_free                  2419 
_refine.ls_number_parameters                     ? 
_refine.ls_number_restraints                     ? 
_refine.occupancy_min                            ? 
_refine.occupancy_max                            ? 
_refine.correlation_coeff_Fo_to_Fc               ? 
_refine.correlation_coeff_Fo_to_Fc_free          ? 
_refine.B_iso_mean                               23.9 
_refine.aniso_B[1][1]                            1.05 
_refine.aniso_B[2][2]                            1.05 
_refine.aniso_B[3][3]                            -2.10 
_refine.aniso_B[1][2]                            1.30 
_refine.aniso_B[1][3]                            0.00 
_refine.aniso_B[2][3]                            0.00 
_refine.solvent_model_details                    'FLAT MODEL' 
_refine.solvent_model_param_ksol                 0.384513 
_refine.solvent_model_param_bsol                 51.2179 
_refine.pdbx_solvent_vdw_probe_radii             ? 
_refine.pdbx_solvent_ion_probe_radii             ? 
_refine.pdbx_solvent_shrinkage_radii             ? 
_refine.pdbx_ls_cross_valid_method               THROUGHOUT 
_refine.details                                  ? 
_refine.pdbx_starting_model                      ? 
_refine.pdbx_method_to_determine_struct          'two wavelength anomalous dispersion' 
_refine.pdbx_isotropic_thermal_model             RESTRAINED 
_refine.pdbx_stereochemistry_target_values       'Engh & Huber' 
_refine.pdbx_stereochem_target_val_spec_case     ? 
_refine.pdbx_R_Free_selection_details            RANDOM 
_refine.pdbx_overall_ESU_R_Free                  ? 
_refine.overall_SU_B                             ? 
_refine.ls_redundancy_reflns_obs                 ? 
_refine.B_iso_min                                ? 
_refine.B_iso_max                                ? 
_refine.overall_SU_R_Cruickshank_DPI             ? 
_refine.overall_SU_R_free                        ? 
_refine.overall_SU_ML                            ? 
_refine.pdbx_overall_ESU_R                       ? 
_refine.pdbx_data_cutoff_high_rms_absF           ? 
_refine.pdbx_refine_id                           'X-RAY DIFFRACTION' 
_refine.pdbx_diffrn_id                           1 
_refine.pdbx_TLS_residual_ADP_flag               ? 
_refine.pdbx_overall_phase_error                 ? 
_refine.pdbx_overall_SU_R_free_Cruickshank_DPI   ? 
_refine.pdbx_overall_SU_R_Blow_DPI               ? 
_refine.pdbx_overall_SU_R_free_Blow_DPI          ? 
# 
_refine_analyze.entry_id                        1MZ4 
_refine_analyze.Luzzati_coordinate_error_obs    ? 
_refine_analyze.Luzzati_sigma_a_obs             ? 
_refine_analyze.Luzzati_d_res_low_obs           ? 
_refine_analyze.Luzzati_coordinate_error_free   0.20 
_refine_analyze.Luzzati_sigma_a_free            0.14 
_refine_analyze.Luzzati_d_res_low_free          ? 
_refine_analyze.number_disordered_residues      ? 
_refine_analyze.occupancy_sum_hydrogen          ? 
_refine_analyze.occupancy_sum_non_hydrogen      ? 
_refine_analyze.pdbx_Luzzati_d_res_high_obs     ? 
_refine_analyze.pdbx_refine_id                  'X-RAY DIFFRACTION' 
# 
_refine_hist.pdbx_refine_id                   'X-RAY DIFFRACTION' 
_refine_hist.cycle_id                         LAST 
_refine_hist.pdbx_number_atoms_protein        1015 
_refine_hist.pdbx_number_atoms_nucleic_acid   0 
_refine_hist.pdbx_number_atoms_ligand         102 
_refine_hist.number_atoms_solvent             105 
_refine_hist.number_atoms_total               1222 
_refine_hist.d_res_high                       1.80 
_refine_hist.d_res_low                        50.58 
# 
loop_
_refine_ls_restr.type 
_refine_ls_restr.dev_ideal 
_refine_ls_restr.dev_ideal_target 
_refine_ls_restr.weight 
_refine_ls_restr.number 
_refine_ls_restr.pdbx_refine_id 
_refine_ls_restr.pdbx_restraint_function 
c_bond_d           0.006 ? ? ? 'X-RAY DIFFRACTION' ? 
c_angle_deg        1.8   ? ? ? 'X-RAY DIFFRACTION' ? 
c_dihedral_angle_d 21.3  ? ? ? 'X-RAY DIFFRACTION' ? 
c_improper_angle_d 0.90  ? ? ? 'X-RAY DIFFRACTION' ? 
# 
_refine_ls_shell.pdbx_total_number_of_bins_used   6 
_refine_ls_shell.d_res_high                       1.80 
_refine_ls_shell.d_res_low                        1.91 
_refine_ls_shell.number_reflns_R_work             3368 
_refine_ls_shell.R_factor_R_work                  0.201 
_refine_ls_shell.percent_reflns_obs               93.0 
_refine_ls_shell.R_factor_R_free                  0.239 
_refine_ls_shell.R_factor_R_free_error            0.012 
_refine_ls_shell.percent_reflns_R_free            10.3 
_refine_ls_shell.number_reflns_R_free             387 
_refine_ls_shell.number_reflns_obs                ? 
_refine_ls_shell.redundancy_reflns_obs            ? 
_refine_ls_shell.number_reflns_all                ? 
_refine_ls_shell.pdbx_refine_id                   'X-RAY DIFFRACTION' 
_refine_ls_shell.R_factor_all                     ? 
# 
loop_
_pdbx_xplor_file.serial_no 
_pdbx_xplor_file.param_file 
_pdbx_xplor_file.topol_file 
_pdbx_xplor_file.pdbx_refine_id 
1 PROTEIN_REP.PARAM PROTEIN.TOP   'X-RAY DIFFRACTION' 
2 WATER.PARAM       WATER.TOP     'X-RAY DIFFRACTION' 
3 PARAM19X.HEME     TOPH19XB.HEME 'X-RAY DIFFRACTION' 
4 BCT.PAR           BCT.TOP       'X-RAY DIFFRACTION' 
5 GOL.PAR           GOL.TOP       'X-RAY DIFFRACTION' 
# 
_struct.entry_id                  1MZ4 
_struct.title                     'Crystal Structure of Cytochrome c550 from Thermosynechococcus elongatus' 
_struct.pdbx_model_details        ? 
_struct.pdbx_CASP_flag            ? 
_struct.pdbx_model_type_details   ? 
# 
_struct_keywords.entry_id        1MZ4 
_struct_keywords.pdbx_keywords   'ELECTRON TRANSPORT' 
_struct_keywords.text            'PSII ASSOCIATED CYTOCHROME, ELECTRON TRANSPORT' 
# 
loop_
_struct_asym.id 
_struct_asym.pdbx_blank_PDB_chainid_flag 
_struct_asym.pdbx_modified 
_struct_asym.entity_id 
_struct_asym.details 
A N N 1 ? 
B N N 2 ? 
C N N 2 ? 
D N N 2 ? 
E N N 2 ? 
F N N 2 ? 
G N N 3 ? 
H N N 4 ? 
I N N 5 ? 
J N N 5 ? 
K N N 5 ? 
L N N 5 ? 
M N N 5 ? 
N N N 6 ? 
# 
_struct_ref.id                         1 
_struct_ref.db_name                    UNP 
_struct_ref.db_code                    CY550_SYNEL 
_struct_ref.entity_id                  1 
_struct_ref.pdbx_seq_one_letter_code   
;AELTPEVLTVPLNSEGKTITLTEKQYLEGKRLFQYACASCHVGGITKTNPSLDLRTETLALATPPRDNIEGLVDYMKNPT
TYDGEQEIAEVHPSLRSADIFPKMRNLTEKDLVAIAGHILVEPKILGDKWGGGKVYY
;
_struct_ref.pdbx_align_begin           27 
_struct_ref.pdbx_db_accession          P0A386 
_struct_ref.pdbx_db_isoform            ? 
# 
_struct_ref_seq.align_id                      1 
_struct_ref_seq.ref_id                        1 
_struct_ref_seq.pdbx_PDB_id_code              1MZ4 
_struct_ref_seq.pdbx_strand_id                A 
_struct_ref_seq.seq_align_beg                 1 
_struct_ref_seq.pdbx_seq_align_beg_ins_code   ? 
_struct_ref_seq.seq_align_end                 137 
_struct_ref_seq.pdbx_seq_align_end_ins_code   ? 
_struct_ref_seq.pdbx_db_accession             P0A386 
_struct_ref_seq.db_align_beg                  27 
_struct_ref_seq.pdbx_db_align_beg_ins_code    ? 
_struct_ref_seq.db_align_end                  163 
_struct_ref_seq.pdbx_db_align_end_ins_code    ? 
_struct_ref_seq.pdbx_auth_seq_align_beg       1 
_struct_ref_seq.pdbx_auth_seq_align_end       137 
# 
_pdbx_struct_assembly.id                   1 
_pdbx_struct_assembly.details              author_defined_assembly 
_pdbx_struct_assembly.method_details       ? 
_pdbx_struct_assembly.oligomeric_details   monomeric 
_pdbx_struct_assembly.oligomeric_count     1 
# 
_pdbx_struct_assembly_gen.assembly_id       1 
_pdbx_struct_assembly_gen.oper_expression   1 
_pdbx_struct_assembly_gen.asym_id_list      A,B,C,D,E,F,G,H,I,J,K,L,M,N 
# 
_pdbx_struct_oper_list.id                   1 
_pdbx_struct_oper_list.type                 'identity operation' 
_pdbx_struct_oper_list.name                 1_555 
_pdbx_struct_oper_list.symmetry_operation   x,y,z 
_pdbx_struct_oper_list.matrix[1][1]         1.0000000000 
_pdbx_struct_oper_list.matrix[1][2]         0.0000000000 
_pdbx_struct_oper_list.matrix[1][3]         0.0000000000 
_pdbx_struct_oper_list.vector[1]            0.0000000000 
_pdbx_struct_oper_list.matrix[2][1]         0.0000000000 
_pdbx_struct_oper_list.matrix[2][2]         1.0000000000 
_pdbx_struct_oper_list.matrix[2][3]         0.0000000000 
_pdbx_struct_oper_list.vector[2]            0.0000000000 
_pdbx_struct_oper_list.matrix[3][1]         0.0000000000 
_pdbx_struct_oper_list.matrix[3][2]         0.0000000000 
_pdbx_struct_oper_list.matrix[3][3]         1.0000000000 
_pdbx_struct_oper_list.vector[3]            0.0000000000 
# 
_struct_biol.id                    1 
_struct_biol.details               'The biological unit is the monomer contained within the asymmetric unit.' 
_struct_biol.pdbx_parent_biol_id   ? 
# 
loop_
_struct_conf.conf_type_id 
_struct_conf.id 
_struct_conf.pdbx_PDB_helix_id 
_struct_conf.beg_label_comp_id 
_struct_conf.beg_label_asym_id 
_struct_conf.beg_label_seq_id 
_struct_conf.pdbx_beg_PDB_ins_code 
_struct_conf.end_label_comp_id 
_struct_conf.end_label_asym_id 
_struct_conf.end_label_seq_id 
_struct_conf.pdbx_end_PDB_ins_code 
_struct_conf.beg_auth_comp_id 
_struct_conf.beg_auth_asym_id 
_struct_conf.beg_auth_seq_id 
_struct_conf.end_auth_comp_id 
_struct_conf.end_auth_asym_id 
_struct_conf.end_auth_seq_id 
_struct_conf.pdbx_PDB_helix_class 
_struct_conf.details 
_struct_conf.pdbx_PDB_helix_length 
HELX_P HELX_P1  1  THR A 4   ? LEU A 8   ? THR A 4   LEU A 8   1 ? 5  
HELX_P HELX_P2  2  THR A 22  ? CYS A 37  ? THR A 22  CYS A 37  1 ? 16 
HELX_P HELX_P3  3  CYS A 37  ? VAL A 42  ? CYS A 37  VAL A 42  1 ? 6  
HELX_P HELX_P4  4  GLY A 43  ? ILE A 45  ? GLY A 43  ILE A 45  5 ? 3  
HELX_P HELX_P5  5  ASN A 49  ? ASP A 53  ? ASN A 49  ASP A 53  5 ? 5  
HELX_P HELX_P6  6  ARG A 55  ? LEU A 61  ? ARG A 55  LEU A 61  1 ? 7  
HELX_P HELX_P7  7  ASN A 68  ? ASN A 78  ? ASN A 68  ASN A 78  1 ? 11 
HELX_P HELX_P8  8  SER A 94  ? ALA A 98  ? SER A 94  ALA A 98  5 ? 5  
HELX_P HELX_P9  9  PHE A 101 ? ARG A 105 ? PHE A 101 ARG A 105 5 ? 5  
HELX_P HELX_P10 10 THR A 108 ? GLY A 127 ? THR A 108 GLY A 127 1 ? 20 
HELX_P HELX_P11 11 ASP A 128 ? TRP A 130 ? ASP A 128 TRP A 130 5 ? 3  
# 
_struct_conf_type.id          HELX_P 
_struct_conf_type.criteria    ? 
_struct_conf_type.reference   ? 
# 
loop_
_struct_conn.id 
_struct_conn.conn_type_id 
_struct_conn.pdbx_leaving_atom_flag 
_struct_conn.pdbx_PDB_id 
_struct_conn.ptnr1_label_asym_id 
_struct_conn.ptnr1_label_comp_id 
_struct_conn.ptnr1_label_seq_id 
_struct_conn.ptnr1_label_atom_id 
_struct_conn.pdbx_ptnr1_label_alt_id 
_struct_conn.pdbx_ptnr1_PDB_ins_code 
_struct_conn.pdbx_ptnr1_standard_comp_id 
_struct_conn.ptnr1_symmetry 
_struct_conn.ptnr2_label_asym_id 
_struct_conn.ptnr2_label_comp_id 
_struct_conn.ptnr2_label_seq_id 
_struct_conn.ptnr2_label_atom_id 
_struct_conn.pdbx_ptnr2_label_alt_id 
_struct_conn.pdbx_ptnr2_PDB_ins_code 
_struct_conn.ptnr1_auth_asym_id 
_struct_conn.ptnr1_auth_comp_id 
_struct_conn.ptnr1_auth_seq_id 
_struct_conn.ptnr2_auth_asym_id 
_struct_conn.ptnr2_auth_comp_id 
_struct_conn.ptnr2_auth_seq_id 
_struct_conn.ptnr2_symmetry 
_struct_conn.pdbx_ptnr3_label_atom_id 
_struct_conn.pdbx_ptnr3_label_seq_id 
_struct_conn.pdbx_ptnr3_label_comp_id 
_struct_conn.pdbx_ptnr3_label_asym_id 
_struct_conn.pdbx_ptnr3_label_alt_id 
_struct_conn.pdbx_ptnr3_PDB_ins_code 
_struct_conn.details 
_struct_conn.pdbx_dist_value 
_struct_conn.pdbx_value_order 
_struct_conn.pdbx_role 
covale1 covale none ? A CYS 37 SG  ? ? ? 1_555 H HEC . CAB ? ? A CYS 37 A HEC 151 1_555 ? ? ? ? ? ? ? 1.830 ? ? 
covale2 covale none ? A CYS 40 SG  ? ? ? 1_555 H HEC . CAC ? ? A CYS 40 A HEC 151 1_555 ? ? ? ? ? ? ? 1.828 ? ? 
metalc1 metalc ?    ? A HIS 41 NE2 ? ? ? 1_555 H HEC . FE  ? ? A HIS 41 A HEC 151 1_555 ? ? ? ? ? ? ? 2.017 ? ? 
metalc2 metalc ?    ? A HIS 92 NE2 ? ? ? 1_555 H HEC . FE  ? ? A HIS 92 A HEC 151 1_555 ? ? ? ? ? ? ? 2.020 ? ? 
# 
loop_
_struct_conn_type.id 
_struct_conn_type.criteria 
_struct_conn_type.reference 
covale ? ? 
metalc ? ? 
# 
loop_
_pdbx_struct_conn_angle.id 
_pdbx_struct_conn_angle.ptnr1_label_atom_id 
_pdbx_struct_conn_angle.ptnr1_label_alt_id 
_pdbx_struct_conn_angle.ptnr1_label_asym_id 
_pdbx_struct_conn_angle.ptnr1_label_comp_id 
_pdbx_struct_conn_angle.ptnr1_label_seq_id 
_pdbx_struct_conn_angle.ptnr1_auth_atom_id 
_pdbx_struct_conn_angle.ptnr1_auth_asym_id 
_pdbx_struct_conn_angle.ptnr1_auth_comp_id 
_pdbx_struct_conn_angle.ptnr1_auth_seq_id 
_pdbx_struct_conn_angle.ptnr1_PDB_ins_code 
_pdbx_struct_conn_angle.ptnr1_symmetry 
_pdbx_struct_conn_angle.ptnr2_label_atom_id 
_pdbx_struct_conn_angle.ptnr2_label_alt_id 
_pdbx_struct_conn_angle.ptnr2_label_asym_id 
_pdbx_struct_conn_angle.ptnr2_label_comp_id 
_pdbx_struct_conn_angle.ptnr2_label_seq_id 
_pdbx_struct_conn_angle.ptnr2_auth_atom_id 
_pdbx_struct_conn_angle.ptnr2_auth_asym_id 
_pdbx_struct_conn_angle.ptnr2_auth_comp_id 
_pdbx_struct_conn_angle.ptnr2_auth_seq_id 
_pdbx_struct_conn_angle.ptnr2_PDB_ins_code 
_pdbx_struct_conn_angle.ptnr2_symmetry 
_pdbx_struct_conn_angle.ptnr3_label_atom_id 
_pdbx_struct_conn_angle.ptnr3_label_alt_id 
_pdbx_struct_conn_angle.ptnr3_label_asym_id 
_pdbx_struct_conn_angle.ptnr3_label_comp_id 
_pdbx_struct_conn_angle.ptnr3_label_seq_id 
_pdbx_struct_conn_angle.ptnr3_auth_atom_id 
_pdbx_struct_conn_angle.ptnr3_auth_asym_id 
_pdbx_struct_conn_angle.ptnr3_auth_comp_id 
_pdbx_struct_conn_angle.ptnr3_auth_seq_id 
_pdbx_struct_conn_angle.ptnr3_PDB_ins_code 
_pdbx_struct_conn_angle.ptnr3_symmetry 
_pdbx_struct_conn_angle.value 
_pdbx_struct_conn_angle.value_esd 
1  NE2 ? A HIS 41 ? A HIS 41  ? 1_555 FE ? H HEC . ? A HEC 151 ? 1_555 NA  ? H HEC .  ? A HEC 151 ? 1_555 89.7  ? 
2  NE2 ? A HIS 41 ? A HIS 41  ? 1_555 FE ? H HEC . ? A HEC 151 ? 1_555 NB  ? H HEC .  ? A HEC 151 ? 1_555 90.8  ? 
3  NA  ? H HEC .  ? A HEC 151 ? 1_555 FE ? H HEC . ? A HEC 151 ? 1_555 NB  ? H HEC .  ? A HEC 151 ? 1_555 90.7  ? 
4  NE2 ? A HIS 41 ? A HIS 41  ? 1_555 FE ? H HEC . ? A HEC 151 ? 1_555 NC  ? H HEC .  ? A HEC 151 ? 1_555 89.6  ? 
5  NA  ? H HEC .  ? A HEC 151 ? 1_555 FE ? H HEC . ? A HEC 151 ? 1_555 NC  ? H HEC .  ? A HEC 151 ? 1_555 179.2 ? 
6  NB  ? H HEC .  ? A HEC 151 ? 1_555 FE ? H HEC . ? A HEC 151 ? 1_555 NC  ? H HEC .  ? A HEC 151 ? 1_555 88.8  ? 
7  NE2 ? A HIS 41 ? A HIS 41  ? 1_555 FE ? H HEC . ? A HEC 151 ? 1_555 ND  ? H HEC .  ? A HEC 151 ? 1_555 88.4  ? 
8  NA  ? H HEC .  ? A HEC 151 ? 1_555 FE ? H HEC . ? A HEC 151 ? 1_555 ND  ? H HEC .  ? A HEC 151 ? 1_555 89.3  ? 
9  NB  ? H HEC .  ? A HEC 151 ? 1_555 FE ? H HEC . ? A HEC 151 ? 1_555 ND  ? H HEC .  ? A HEC 151 ? 1_555 179.2 ? 
10 NC  ? H HEC .  ? A HEC 151 ? 1_555 FE ? H HEC . ? A HEC 151 ? 1_555 ND  ? H HEC .  ? A HEC 151 ? 1_555 91.1  ? 
11 NE2 ? A HIS 41 ? A HIS 41  ? 1_555 FE ? H HEC . ? A HEC 151 ? 1_555 NE2 ? A HIS 92 ? A HIS 92  ? 1_555 177.3 ? 
12 NA  ? H HEC .  ? A HEC 151 ? 1_555 FE ? H HEC . ? A HEC 151 ? 1_555 NE2 ? A HIS 92 ? A HIS 92  ? 1_555 87.9  ? 
13 NB  ? H HEC .  ? A HEC 151 ? 1_555 FE ? H HEC . ? A HEC 151 ? 1_555 NE2 ? A HIS 92 ? A HIS 92  ? 1_555 88.0  ? 
14 NC  ? H HEC .  ? A HEC 151 ? 1_555 FE ? H HEC . ? A HEC 151 ? 1_555 NE2 ? A HIS 92 ? A HIS 92  ? 1_555 92.8  ? 
15 ND  ? H HEC .  ? A HEC 151 ? 1_555 FE ? H HEC . ? A HEC 151 ? 1_555 NE2 ? A HIS 92 ? A HIS 92  ? 1_555 92.8  ? 
# 
loop_
_pdbx_modification_feature.ordinal 
_pdbx_modification_feature.label_comp_id 
_pdbx_modification_feature.label_asym_id 
_pdbx_modification_feature.label_seq_id 
_pdbx_modification_feature.label_alt_id 
_pdbx_modification_feature.modified_residue_label_comp_id 
_pdbx_modification_feature.modified_residue_label_asym_id 
_pdbx_modification_feature.modified_residue_label_seq_id 
_pdbx_modification_feature.modified_residue_label_alt_id 
_pdbx_modification_feature.auth_comp_id 
_pdbx_modification_feature.auth_asym_id 
_pdbx_modification_feature.auth_seq_id 
_pdbx_modification_feature.PDB_ins_code 
_pdbx_modification_feature.symmetry 
_pdbx_modification_feature.modified_residue_auth_comp_id 
_pdbx_modification_feature.modified_residue_auth_asym_id 
_pdbx_modification_feature.modified_residue_auth_seq_id 
_pdbx_modification_feature.modified_residue_PDB_ins_code 
_pdbx_modification_feature.modified_residue_symmetry 
_pdbx_modification_feature.comp_id_linking_atom 
_pdbx_modification_feature.modified_residue_id_linking_atom 
_pdbx_modification_feature.modified_residue_id 
_pdbx_modification_feature.ref_pcm_id 
_pdbx_modification_feature.ref_comp_id 
_pdbx_modification_feature.type 
_pdbx_modification_feature.category 
1 HEC H . ? CYS A 37 ? HEC A 151 ? 1_555 CYS A 37 ? 1_555 CAB SG CYS 2 HEC None Heme/heme-like 
2 HEC H . ? CYS A 40 ? HEC A 151 ? 1_555 CYS A 40 ? 1_555 CAC SG CYS 3 HEC None Heme/heme-like 
# 
_struct_mon_prot_cis.pdbx_id                1 
_struct_mon_prot_cis.label_comp_id          THR 
_struct_mon_prot_cis.label_seq_id           63 
_struct_mon_prot_cis.label_asym_id          A 
_struct_mon_prot_cis.label_alt_id           . 
_struct_mon_prot_cis.pdbx_PDB_ins_code      ? 
_struct_mon_prot_cis.auth_comp_id           THR 
_struct_mon_prot_cis.auth_seq_id            63 
_struct_mon_prot_cis.auth_asym_id           A 
_struct_mon_prot_cis.pdbx_label_comp_id_2   PRO 
_struct_mon_prot_cis.pdbx_label_seq_id_2    64 
_struct_mon_prot_cis.pdbx_label_asym_id_2   A 
_struct_mon_prot_cis.pdbx_PDB_ins_code_2    ? 
_struct_mon_prot_cis.pdbx_auth_comp_id_2    PRO 
_struct_mon_prot_cis.pdbx_auth_seq_id_2     64 
_struct_mon_prot_cis.pdbx_auth_asym_id_2    A 
_struct_mon_prot_cis.pdbx_PDB_model_num     1 
_struct_mon_prot_cis.pdbx_omega_angle       -0.65 
# 
_struct_sheet.id               A 
_struct_sheet.type             ? 
_struct_sheet.number_strands   2 
_struct_sheet.details          ? 
# 
_struct_sheet_order.sheet_id     A 
_struct_sheet_order.range_id_1   1 
_struct_sheet_order.range_id_2   2 
_struct_sheet_order.offset       ? 
_struct_sheet_order.sense        anti-parallel 
# 
loop_
_struct_sheet_range.sheet_id 
_struct_sheet_range.id 
_struct_sheet_range.beg_label_comp_id 
_struct_sheet_range.beg_label_asym_id 
_struct_sheet_range.beg_label_seq_id 
_struct_sheet_range.pdbx_beg_PDB_ins_code 
_struct_sheet_range.end_label_comp_id 
_struct_sheet_range.end_label_asym_id 
_struct_sheet_range.end_label_seq_id 
_struct_sheet_range.pdbx_end_PDB_ins_code 
_struct_sheet_range.beg_auth_comp_id 
_struct_sheet_range.beg_auth_asym_id 
_struct_sheet_range.beg_auth_seq_id 
_struct_sheet_range.end_auth_comp_id 
_struct_sheet_range.end_auth_asym_id 
_struct_sheet_range.end_auth_seq_id 
A 1 THR A 9  ? PRO A 11 ? THR A 9  PRO A 11 
A 2 THR A 18 ? THR A 20 ? THR A 18 THR A 20 
# 
_pdbx_struct_sheet_hbond.sheet_id                A 
_pdbx_struct_sheet_hbond.range_id_1              1 
_pdbx_struct_sheet_hbond.range_id_2              2 
_pdbx_struct_sheet_hbond.range_1_label_atom_id   N 
_pdbx_struct_sheet_hbond.range_1_label_comp_id   VAL 
_pdbx_struct_sheet_hbond.range_1_label_asym_id   A 
_pdbx_struct_sheet_hbond.range_1_label_seq_id    10 
_pdbx_struct_sheet_hbond.range_1_PDB_ins_code    ? 
_pdbx_struct_sheet_hbond.range_1_auth_atom_id    N 
_pdbx_struct_sheet_hbond.range_1_auth_comp_id    VAL 
_pdbx_struct_sheet_hbond.range_1_auth_asym_id    A 
_pdbx_struct_sheet_hbond.range_1_auth_seq_id     10 
_pdbx_struct_sheet_hbond.range_2_label_atom_id   O 
_pdbx_struct_sheet_hbond.range_2_label_comp_id   ILE 
_pdbx_struct_sheet_hbond.range_2_label_asym_id   A 
_pdbx_struct_sheet_hbond.range_2_label_seq_id    19 
_pdbx_struct_sheet_hbond.range_2_PDB_ins_code    ? 
_pdbx_struct_sheet_hbond.range_2_auth_atom_id    O 
_pdbx_struct_sheet_hbond.range_2_auth_comp_id    ILE 
_pdbx_struct_sheet_hbond.range_2_auth_asym_id    A 
_pdbx_struct_sheet_hbond.range_2_auth_seq_id     19 
# 
loop_
_struct_site.id 
_struct_site.pdbx_evidence_code 
_struct_site.pdbx_auth_asym_id 
_struct_site.pdbx_auth_comp_id 
_struct_site.pdbx_auth_seq_id 
_struct_site.pdbx_auth_ins_code 
_struct_site.pdbx_num_residues 
_struct_site.details 
AC1 Software A PO4 145 ? 10 'BINDING SITE FOR RESIDUE PO4 A 145' 
AC2 Software A PO4 146 ? 7  'BINDING SITE FOR RESIDUE PO4 A 146' 
AC3 Software A PO4 147 ? 9  'BINDING SITE FOR RESIDUE PO4 A 147' 
AC4 Software A PO4 148 ? 6  'BINDING SITE FOR RESIDUE PO4 A 148' 
AC5 Software A PO4 149 ? 4  'BINDING SITE FOR RESIDUE PO4 A 149' 
AC6 Software A BCT 150 ? 8  'BINDING SITE FOR RESIDUE BCT A 150' 
AC7 Software A HEC 151 ? 22 'BINDING SITE FOR RESIDUE HEC A 151' 
AC8 Software A GOL 140 ? 6  'BINDING SITE FOR RESIDUE GOL A 140' 
AC9 Software A GOL 141 ? 6  'BINDING SITE FOR RESIDUE GOL A 141' 
BC1 Software A GOL 142 ? 7  'BINDING SITE FOR RESIDUE GOL A 142' 
BC2 Software A GOL 143 ? 2  'BINDING SITE FOR RESIDUE GOL A 143' 
BC3 Software A GOL 144 ? 2  'BINDING SITE FOR RESIDUE GOL A 144' 
# 
loop_
_struct_site_gen.id 
_struct_site_gen.site_id 
_struct_site_gen.pdbx_num_res 
_struct_site_gen.label_comp_id 
_struct_site_gen.label_asym_id 
_struct_site_gen.label_seq_id 
_struct_site_gen.pdbx_auth_ins_code 
_struct_site_gen.auth_comp_id 
_struct_site_gen.auth_asym_id 
_struct_site_gen.auth_seq_id 
_struct_site_gen.label_atom_id 
_struct_site_gen.label_alt_id 
_struct_site_gen.symmetry 
_struct_site_gen.details 
1  AC1 10 THR A 4   ? THR A 4   . ? 4_655 ? 
2  AC1 10 PRO A 5   ? PRO A 5   . ? 4_655 ? 
3  AC1 10 GLU A 6   ? GLU A 6   . ? 4_655 ? 
4  AC1 10 GLU A 23  ? GLU A 23  . ? 2_654 ? 
5  AC1 10 GLU A 87  ? GLU A 87  . ? 1_555 ? 
6  AC1 10 ILE A 88  ? ILE A 88  . ? 1_555 ? 
7  AC1 10 ALA A 89  ? ALA A 89  . ? 1_555 ? 
8  AC1 10 GLU A 90  ? GLU A 90  . ? 1_555 ? 
9  AC1 10 HOH N .   ? HOH A 167 . ? 2_654 ? 
10 AC1 10 HOH N .   ? HOH A 185 . ? 1_555 ? 
11 AC2 7  THR A 22  ? THR A 22  . ? 2_654 ? 
12 AC2 7  GLU A 23  ? GLU A 23  . ? 2_654 ? 
13 AC2 7  LYS A 24  ? LYS A 24  . ? 2_654 ? 
14 AC2 7  GLU A 90  ? GLU A 90  . ? 1_555 ? 
15 AC2 7  HOH N .   ? HOH A 169 . ? 1_555 ? 
16 AC2 7  HOH N .   ? HOH A 172 . ? 4_655 ? 
17 AC2 7  HOH N .   ? HOH A 181 . ? 2_654 ? 
18 AC3 9  TYR A 26  ? TYR A 26  . ? 1_555 ? 
19 AC3 9  LYS A 30  ? LYS A 30  . ? 1_555 ? 
20 AC3 9  ASP A 83  ? ASP A 83  . ? 3_665 ? 
21 AC3 9  GLU A 85  ? GLU A 85  . ? 3_665 ? 
22 AC3 9  GLN A 86  ? GLN A 86  . ? 3_665 ? 
23 AC3 9  GLU A 122 ? GLU A 122 . ? 1_555 ? 
24 AC3 9  LEU A 126 ? LEU A 126 . ? 1_555 ? 
25 AC3 9  PO4 E .   ? PO4 A 148 . ? 1_555 ? 
26 AC3 9  HOH N .   ? HOH A 245 . ? 3_665 ? 
27 AC4 6  HIS A 118 ? HIS A 118 . ? 1_555 ? 
28 AC4 6  GLU A 122 ? GLU A 122 . ? 1_555 ? 
29 AC4 6  LEU A 126 ? LEU A 126 . ? 1_555 ? 
30 AC4 6  PO4 D .   ? PO4 A 147 . ? 1_555 ? 
31 AC4 6  HOH N .   ? HOH A 176 . ? 1_555 ? 
32 AC4 6  HOH N .   ? HOH A 256 . ? 1_555 ? 
33 AC5 4  LYS A 24  ? LYS A 24  . ? 1_555 ? 
34 AC5 4  GLU A 28  ? GLU A 28  . ? 1_555 ? 
35 AC5 4  HOH N .   ? HOH A 159 . ? 1_555 ? 
36 AC5 4  HOH N .   ? HOH A 181 . ? 1_555 ? 
37 AC6 8  LYS A 30  ? LYS A 30  . ? 2_654 ? 
38 AC6 8  LEU A 52  ? LEU A 52  . ? 1_555 ? 
39 AC6 8  THR A 81  ? THR A 81  . ? 1_555 ? 
40 AC6 8  TYR A 82  ? TYR A 82  . ? 1_555 ? 
41 AC6 8  HEC H .   ? HEC A 151 . ? 1_555 ? 
42 AC6 8  HOH N .   ? HOH A 162 . ? 1_555 ? 
43 AC6 8  HOH N .   ? HOH A 208 . ? 1_555 ? 
44 AC6 8  HOH N .   ? HOH A 248 . ? 1_555 ? 
45 AC7 22 ALA A 36  ? ALA A 36  . ? 1_555 ? 
46 AC7 22 CYS A 37  ? CYS A 37  . ? 1_555 ? 
47 AC7 22 SER A 39  ? SER A 39  . ? 1_555 ? 
48 AC7 22 CYS A 40  ? CYS A 40  . ? 1_555 ? 
49 AC7 22 HIS A 41  ? HIS A 41  . ? 1_555 ? 
50 AC7 22 THR A 46  ? THR A 46  . ? 1_555 ? 
51 AC7 22 THR A 48  ? THR A 48  . ? 1_555 ? 
52 AC7 22 LEU A 52  ? LEU A 52  . ? 1_555 ? 
53 AC7 22 ASP A 53  ? ASP A 53  . ? 1_555 ? 
54 AC7 22 LEU A 54  ? LEU A 54  . ? 1_555 ? 
55 AC7 22 THR A 58  ? THR A 58  . ? 1_555 ? 
56 AC7 22 LEU A 59  ? LEU A 59  . ? 1_555 ? 
57 AC7 22 LEU A 72  ? LEU A 72  . ? 1_555 ? 
58 AC7 22 TYR A 75  ? TYR A 75  . ? 1_555 ? 
59 AC7 22 TYR A 82  ? TYR A 82  . ? 1_555 ? 
60 AC7 22 HIS A 92  ? HIS A 92  . ? 1_555 ? 
61 AC7 22 ILE A 115 ? ILE A 115 . ? 1_555 ? 
62 AC7 22 ILE A 119 ? ILE A 119 . ? 1_555 ? 
63 AC7 22 GOL J .   ? GOL A 141 . ? 1_555 ? 
64 AC7 22 BCT G .   ? BCT A 150 . ? 1_555 ? 
65 AC7 22 HOH N .   ? HOH A 153 . ? 1_555 ? 
66 AC7 22 HOH N .   ? HOH A 154 . ? 1_555 ? 
67 AC8 6  THR A 56  ? THR A 56  . ? 1_555 ? 
68 AC8 6  ARG A 105 ? ARG A 105 . ? 4_545 ? 
69 AC8 6  HOH N .   ? HOH A 220 . ? 1_555 ? 
70 AC8 6  HOH N .   ? HOH A 229 . ? 1_555 ? 
71 AC8 6  HOH N .   ? HOH A 236 . ? 1_555 ? 
72 AC8 6  HOH N .   ? HOH A 239 . ? 1_555 ? 
73 AC9 6  LYS A 24  ? LYS A 24  . ? 2_654 ? 
74 AC9 6  GLU A 28  ? GLU A 28  . ? 2_654 ? 
75 AC9 6  ARG A 31  ? ARG A 31  . ? 2_654 ? 
76 AC9 6  THR A 48  ? THR A 48  . ? 1_555 ? 
77 AC9 6  ASN A 49  ? ASN A 49  . ? 1_555 ? 
78 AC9 6  HEC H .   ? HEC A 151 . ? 1_555 ? 
79 BC1 7  ASN A 13  ? ASN A 13  . ? 1_555 ? 
80 BC1 7  SER A 14  ? SER A 14  . ? 1_555 ? 
81 BC1 7  GLY A 16  ? GLY A 16  . ? 1_555 ? 
82 BC1 7  ASP A 67  ? ASP A 67  . ? 1_555 ? 
83 BC1 7  ASN A 68  ? ASN A 68  . ? 1_555 ? 
84 BC1 7  ARG A 105 ? ARG A 105 . ? 4_545 ? 
85 BC1 7  HOH N .   ? HOH A 216 . ? 4_545 ? 
86 BC2 2  ARG A 31  ? ARG A 31  . ? 1_555 ? 
87 BC2 2  TYR A 35  ? TYR A 35  . ? 1_555 ? 
88 BC3 2  GLU A 87  ? GLU A 87  . ? 1_555 ? 
89 BC3 2  ARG A 96  ? ARG A 96  . ? 1_555 ? 
# 
_pdbx_entry_details.entry_id                   1MZ4 
_pdbx_entry_details.compound_details           ? 
_pdbx_entry_details.source_details             ? 
_pdbx_entry_details.nonpolymer_details         ? 
_pdbx_entry_details.sequence_details           ? 
_pdbx_entry_details.has_ligand_of_interest     ? 
_pdbx_entry_details.has_protein_modification   Y 
# 
loop_
_pdbx_validate_torsion.id 
_pdbx_validate_torsion.PDB_model_num 
_pdbx_validate_torsion.auth_comp_id 
_pdbx_validate_torsion.auth_asym_id 
_pdbx_validate_torsion.auth_seq_id 
_pdbx_validate_torsion.PDB_ins_code 
_pdbx_validate_torsion.label_alt_id 
_pdbx_validate_torsion.phi 
_pdbx_validate_torsion.psi 
1 1 THR A 48 ? ? 74.09   -11.02 
2 1 ASN A 49 ? ? -158.32 67.62  
3 1 LEU A 52 ? ? -100.02 53.04  
4 1 ASP A 67 ? ? -95.36  34.00  
# 
loop_
_pdbx_struct_special_symmetry.id 
_pdbx_struct_special_symmetry.PDB_model_num 
_pdbx_struct_special_symmetry.auth_asym_id 
_pdbx_struct_special_symmetry.auth_comp_id 
_pdbx_struct_special_symmetry.auth_seq_id 
_pdbx_struct_special_symmetry.PDB_ins_code 
_pdbx_struct_special_symmetry.label_asym_id 
_pdbx_struct_special_symmetry.label_comp_id 
_pdbx_struct_special_symmetry.label_seq_id 
1 1 A HOH 227 ? N HOH . 
2 1 A HOH 228 ? N HOH . 
# 
loop_
_pdbx_unobs_or_zero_occ_residues.id 
_pdbx_unobs_or_zero_occ_residues.PDB_model_num 
_pdbx_unobs_or_zero_occ_residues.polymer_flag 
_pdbx_unobs_or_zero_occ_residues.occupancy_flag 
_pdbx_unobs_or_zero_occ_residues.auth_asym_id 
_pdbx_unobs_or_zero_occ_residues.auth_comp_id 
_pdbx_unobs_or_zero_occ_residues.auth_seq_id 
_pdbx_unobs_or_zero_occ_residues.PDB_ins_code 
_pdbx_unobs_or_zero_occ_residues.label_asym_id 
_pdbx_unobs_or_zero_occ_residues.label_comp_id 
_pdbx_unobs_or_zero_occ_residues.label_seq_id 
1 1 Y 1 A GLY 132 ? A GLY 132 
2 1 Y 1 A GLY 133 ? A GLY 133 
3 1 Y 1 A LYS 134 ? A LYS 134 
4 1 Y 1 A VAL 135 ? A VAL 135 
5 1 Y 1 A TYR 136 ? A TYR 136 
6 1 Y 1 A TYR 137 ? A TYR 137 
# 
loop_
_chem_comp_atom.comp_id 
_chem_comp_atom.atom_id 
_chem_comp_atom.type_symbol 
_chem_comp_atom.pdbx_aromatic_flag 
_chem_comp_atom.pdbx_stereo_config 
_chem_comp_atom.pdbx_ordinal 
ALA N    N  N N 1   
ALA CA   C  N S 2   
ALA C    C  N N 3   
ALA O    O  N N 4   
ALA CB   C  N N 5   
ALA OXT  O  N N 6   
ALA H    H  N N 7   
ALA H2   H  N N 8   
ALA HA   H  N N 9   
ALA HB1  H  N N 10  
ALA HB2  H  N N 11  
ALA HB3  H  N N 12  
ALA HXT  H  N N 13  
ARG N    N  N N 14  
ARG CA   C  N S 15  
ARG C    C  N N 16  
ARG O    O  N N 17  
ARG CB   C  N N 18  
ARG CG   C  N N 19  
ARG CD   C  N N 20  
ARG NE   N  N N 21  
ARG CZ   C  N N 22  
ARG NH1  N  N N 23  
ARG NH2  N  N N 24  
ARG OXT  O  N N 25  
ARG H    H  N N 26  
ARG H2   H  N N 27  
ARG HA   H  N N 28  
ARG HB2  H  N N 29  
ARG HB3  H  N N 30  
ARG HG2  H  N N 31  
ARG HG3  H  N N 32  
ARG HD2  H  N N 33  
ARG HD3  H  N N 34  
ARG HE   H  N N 35  
ARG HH11 H  N N 36  
ARG HH12 H  N N 37  
ARG HH21 H  N N 38  
ARG HH22 H  N N 39  
ARG HXT  H  N N 40  
ASN N    N  N N 41  
ASN CA   C  N S 42  
ASN C    C  N N 43  
ASN O    O  N N 44  
ASN CB   C  N N 45  
ASN CG   C  N N 46  
ASN OD1  O  N N 47  
ASN ND2  N  N N 48  
ASN OXT  O  N N 49  
ASN H    H  N N 50  
ASN H2   H  N N 51  
ASN HA   H  N N 52  
ASN HB2  H  N N 53  
ASN HB3  H  N N 54  
ASN HD21 H  N N 55  
ASN HD22 H  N N 56  
ASN HXT  H  N N 57  
ASP N    N  N N 58  
ASP CA   C  N S 59  
ASP C    C  N N 60  
ASP O    O  N N 61  
ASP CB   C  N N 62  
ASP CG   C  N N 63  
ASP OD1  O  N N 64  
ASP OD2  O  N N 65  
ASP OXT  O  N N 66  
ASP H    H  N N 67  
ASP H2   H  N N 68  
ASP HA   H  N N 69  
ASP HB2  H  N N 70  
ASP HB3  H  N N 71  
ASP HD2  H  N N 72  
ASP HXT  H  N N 73  
BCT C    C  N N 74  
BCT O1   O  N N 75  
BCT O2   O  N N 76  
BCT O3   O  N N 77  
BCT HO3  H  N N 78  
CYS N    N  N N 79  
CYS CA   C  N R 80  
CYS C    C  N N 81  
CYS O    O  N N 82  
CYS CB   C  N N 83  
CYS SG   S  N N 84  
CYS OXT  O  N N 85  
CYS H    H  N N 86  
CYS H2   H  N N 87  
CYS HA   H  N N 88  
CYS HB2  H  N N 89  
CYS HB3  H  N N 90  
CYS HG   H  N N 91  
CYS HXT  H  N N 92  
GLN N    N  N N 93  
GLN CA   C  N S 94  
GLN C    C  N N 95  
GLN O    O  N N 96  
GLN CB   C  N N 97  
GLN CG   C  N N 98  
GLN CD   C  N N 99  
GLN OE1  O  N N 100 
GLN NE2  N  N N 101 
GLN OXT  O  N N 102 
GLN H    H  N N 103 
GLN H2   H  N N 104 
GLN HA   H  N N 105 
GLN HB2  H  N N 106 
GLN HB3  H  N N 107 
GLN HG2  H  N N 108 
GLN HG3  H  N N 109 
GLN HE21 H  N N 110 
GLN HE22 H  N N 111 
GLN HXT  H  N N 112 
GLU N    N  N N 113 
GLU CA   C  N S 114 
GLU C    C  N N 115 
GLU O    O  N N 116 
GLU CB   C  N N 117 
GLU CG   C  N N 118 
GLU CD   C  N N 119 
GLU OE1  O  N N 120 
GLU OE2  O  N N 121 
GLU OXT  O  N N 122 
GLU H    H  N N 123 
GLU H2   H  N N 124 
GLU HA   H  N N 125 
GLU HB2  H  N N 126 
GLU HB3  H  N N 127 
GLU HG2  H  N N 128 
GLU HG3  H  N N 129 
GLU HE2  H  N N 130 
GLU HXT  H  N N 131 
GLY N    N  N N 132 
GLY CA   C  N N 133 
GLY C    C  N N 134 
GLY O    O  N N 135 
GLY OXT  O  N N 136 
GLY H    H  N N 137 
GLY H2   H  N N 138 
GLY HA2  H  N N 139 
GLY HA3  H  N N 140 
GLY HXT  H  N N 141 
GOL C1   C  N N 142 
GOL O1   O  N N 143 
GOL C2   C  N N 144 
GOL O2   O  N N 145 
GOL C3   C  N N 146 
GOL O3   O  N N 147 
GOL H11  H  N N 148 
GOL H12  H  N N 149 
GOL HO1  H  N N 150 
GOL H2   H  N N 151 
GOL HO2  H  N N 152 
GOL H31  H  N N 153 
GOL H32  H  N N 154 
GOL HO3  H  N N 155 
HEC FE   FE N N 156 
HEC CHA  C  N N 157 
HEC CHB  C  N N 158 
HEC CHC  C  N N 159 
HEC CHD  C  N N 160 
HEC NA   N  Y N 161 
HEC C1A  C  Y N 162 
HEC C2A  C  Y N 163 
HEC C3A  C  Y N 164 
HEC C4A  C  Y N 165 
HEC CMA  C  N N 166 
HEC CAA  C  N N 167 
HEC CBA  C  N N 168 
HEC CGA  C  N N 169 
HEC O1A  O  N N 170 
HEC O2A  O  N N 171 
HEC NB   N  Y N 172 
HEC C1B  C  Y N 173 
HEC C2B  C  Y N 174 
HEC C3B  C  Y N 175 
HEC C4B  C  Y N 176 
HEC CMB  C  N N 177 
HEC CAB  C  N N 178 
HEC CBB  C  N N 179 
HEC NC   N  Y N 180 
HEC C1C  C  Y N 181 
HEC C2C  C  Y N 182 
HEC C3C  C  Y N 183 
HEC C4C  C  Y N 184 
HEC CMC  C  N N 185 
HEC CAC  C  N N 186 
HEC CBC  C  N N 187 
HEC ND   N  Y N 188 
HEC C1D  C  Y N 189 
HEC C2D  C  Y N 190 
HEC C3D  C  Y N 191 
HEC C4D  C  Y N 192 
HEC CMD  C  N N 193 
HEC CAD  C  N N 194 
HEC CBD  C  N N 195 
HEC CGD  C  N N 196 
HEC O1D  O  N N 197 
HEC O2D  O  N N 198 
HEC HHA  H  N N 199 
HEC HHB  H  N N 200 
HEC HHC  H  N N 201 
HEC HHD  H  N N 202 
HEC HMA1 H  N N 203 
HEC HMA2 H  N N 204 
HEC HMA3 H  N N 205 
HEC HAA1 H  N N 206 
HEC HAA2 H  N N 207 
HEC HBA1 H  N N 208 
HEC HBA2 H  N N 209 
HEC H2A  H  N N 210 
HEC HMB1 H  N N 211 
HEC HMB2 H  N N 212 
HEC HMB3 H  N N 213 
HEC HAB  H  N N 214 
HEC HBB1 H  N N 215 
HEC HBB2 H  N N 216 
HEC HBB3 H  N N 217 
HEC HMC1 H  N N 218 
HEC HMC2 H  N N 219 
HEC HMC3 H  N N 220 
HEC HAC  H  N N 221 
HEC HBC1 H  N N 222 
HEC HBC2 H  N N 223 
HEC HBC3 H  N N 224 
HEC HMD1 H  N N 225 
HEC HMD2 H  N N 226 
HEC HMD3 H  N N 227 
HEC HAD1 H  N N 228 
HEC HAD2 H  N N 229 
HEC HBD1 H  N N 230 
HEC HBD2 H  N N 231 
HEC H2D  H  N N 232 
HIS N    N  N N 233 
HIS CA   C  N S 234 
HIS C    C  N N 235 
HIS O    O  N N 236 
HIS CB   C  N N 237 
HIS CG   C  Y N 238 
HIS ND1  N  Y N 239 
HIS CD2  C  Y N 240 
HIS CE1  C  Y N 241 
HIS NE2  N  Y N 242 
HIS OXT  O  N N 243 
HIS H    H  N N 244 
HIS H2   H  N N 245 
HIS HA   H  N N 246 
HIS HB2  H  N N 247 
HIS HB3  H  N N 248 
HIS HD1  H  N N 249 
HIS HD2  H  N N 250 
HIS HE1  H  N N 251 
HIS HE2  H  N N 252 
HIS HXT  H  N N 253 
HOH O    O  N N 254 
HOH H1   H  N N 255 
HOH H2   H  N N 256 
ILE N    N  N N 257 
ILE CA   C  N S 258 
ILE C    C  N N 259 
ILE O    O  N N 260 
ILE CB   C  N S 261 
ILE CG1  C  N N 262 
ILE CG2  C  N N 263 
ILE CD1  C  N N 264 
ILE OXT  O  N N 265 
ILE H    H  N N 266 
ILE H2   H  N N 267 
ILE HA   H  N N 268 
ILE HB   H  N N 269 
ILE HG12 H  N N 270 
ILE HG13 H  N N 271 
ILE HG21 H  N N 272 
ILE HG22 H  N N 273 
ILE HG23 H  N N 274 
ILE HD11 H  N N 275 
ILE HD12 H  N N 276 
ILE HD13 H  N N 277 
ILE HXT  H  N N 278 
LEU N    N  N N 279 
LEU CA   C  N S 280 
LEU C    C  N N 281 
LEU O    O  N N 282 
LEU CB   C  N N 283 
LEU CG   C  N N 284 
LEU CD1  C  N N 285 
LEU CD2  C  N N 286 
LEU OXT  O  N N 287 
LEU H    H  N N 288 
LEU H2   H  N N 289 
LEU HA   H  N N 290 
LEU HB2  H  N N 291 
LEU HB3  H  N N 292 
LEU HG   H  N N 293 
LEU HD11 H  N N 294 
LEU HD12 H  N N 295 
LEU HD13 H  N N 296 
LEU HD21 H  N N 297 
LEU HD22 H  N N 298 
LEU HD23 H  N N 299 
LEU HXT  H  N N 300 
LYS N    N  N N 301 
LYS CA   C  N S 302 
LYS C    C  N N 303 
LYS O    O  N N 304 
LYS CB   C  N N 305 
LYS CG   C  N N 306 
LYS CD   C  N N 307 
LYS CE   C  N N 308 
LYS NZ   N  N N 309 
LYS OXT  O  N N 310 
LYS H    H  N N 311 
LYS H2   H  N N 312 
LYS HA   H  N N 313 
LYS HB2  H  N N 314 
LYS HB3  H  N N 315 
LYS HG2  H  N N 316 
LYS HG3  H  N N 317 
LYS HD2  H  N N 318 
LYS HD3  H  N N 319 
LYS HE2  H  N N 320 
LYS HE3  H  N N 321 
LYS HZ1  H  N N 322 
LYS HZ2  H  N N 323 
LYS HZ3  H  N N 324 
LYS HXT  H  N N 325 
MET N    N  N N 326 
MET CA   C  N S 327 
MET C    C  N N 328 
MET O    O  N N 329 
MET CB   C  N N 330 
MET CG   C  N N 331 
MET SD   S  N N 332 
MET CE   C  N N 333 
MET OXT  O  N N 334 
MET H    H  N N 335 
MET H2   H  N N 336 
MET HA   H  N N 337 
MET HB2  H  N N 338 
MET HB3  H  N N 339 
MET HG2  H  N N 340 
MET HG3  H  N N 341 
MET HE1  H  N N 342 
MET HE2  H  N N 343 
MET HE3  H  N N 344 
MET HXT  H  N N 345 
PHE N    N  N N 346 
PHE CA   C  N S 347 
PHE C    C  N N 348 
PHE O    O  N N 349 
PHE CB   C  N N 350 
PHE CG   C  Y N 351 
PHE CD1  C  Y N 352 
PHE CD2  C  Y N 353 
PHE CE1  C  Y N 354 
PHE CE2  C  Y N 355 
PHE CZ   C  Y N 356 
PHE OXT  O  N N 357 
PHE H    H  N N 358 
PHE H2   H  N N 359 
PHE HA   H  N N 360 
PHE HB2  H  N N 361 
PHE HB3  H  N N 362 
PHE HD1  H  N N 363 
PHE HD2  H  N N 364 
PHE HE1  H  N N 365 
PHE HE2  H  N N 366 
PHE HZ   H  N N 367 
PHE HXT  H  N N 368 
PO4 P    P  N N 369 
PO4 O1   O  N N 370 
PO4 O2   O  N N 371 
PO4 O3   O  N N 372 
PO4 O4   O  N N 373 
PRO N    N  N N 374 
PRO CA   C  N S 375 
PRO C    C  N N 376 
PRO O    O  N N 377 
PRO CB   C  N N 378 
PRO CG   C  N N 379 
PRO CD   C  N N 380 
PRO OXT  O  N N 381 
PRO H    H  N N 382 
PRO HA   H  N N 383 
PRO HB2  H  N N 384 
PRO HB3  H  N N 385 
PRO HG2  H  N N 386 
PRO HG3  H  N N 387 
PRO HD2  H  N N 388 
PRO HD3  H  N N 389 
PRO HXT  H  N N 390 
SER N    N  N N 391 
SER CA   C  N S 392 
SER C    C  N N 393 
SER O    O  N N 394 
SER CB   C  N N 395 
SER OG   O  N N 396 
SER OXT  O  N N 397 
SER H    H  N N 398 
SER H2   H  N N 399 
SER HA   H  N N 400 
SER HB2  H  N N 401 
SER HB3  H  N N 402 
SER HG   H  N N 403 
SER HXT  H  N N 404 
THR N    N  N N 405 
THR CA   C  N S 406 
THR C    C  N N 407 
THR O    O  N N 408 
THR CB   C  N R 409 
THR OG1  O  N N 410 
THR CG2  C  N N 411 
THR OXT  O  N N 412 
THR H    H  N N 413 
THR H2   H  N N 414 
THR HA   H  N N 415 
THR HB   H  N N 416 
THR HG1  H  N N 417 
THR HG21 H  N N 418 
THR HG22 H  N N 419 
THR HG23 H  N N 420 
THR HXT  H  N N 421 
TRP N    N  N N 422 
TRP CA   C  N S 423 
TRP C    C  N N 424 
TRP O    O  N N 425 
TRP CB   C  N N 426 
TRP CG   C  Y N 427 
TRP CD1  C  Y N 428 
TRP CD2  C  Y N 429 
TRP NE1  N  Y N 430 
TRP CE2  C  Y N 431 
TRP CE3  C  Y N 432 
TRP CZ2  C  Y N 433 
TRP CZ3  C  Y N 434 
TRP CH2  C  Y N 435 
TRP OXT  O  N N 436 
TRP H    H  N N 437 
TRP H2   H  N N 438 
TRP HA   H  N N 439 
TRP HB2  H  N N 440 
TRP HB3  H  N N 441 
TRP HD1  H  N N 442 
TRP HE1  H  N N 443 
TRP HE3  H  N N 444 
TRP HZ2  H  N N 445 
TRP HZ3  H  N N 446 
TRP HH2  H  N N 447 
TRP HXT  H  N N 448 
TYR N    N  N N 449 
TYR CA   C  N S 450 
TYR C    C  N N 451 
TYR O    O  N N 452 
TYR CB   C  N N 453 
TYR CG   C  Y N 454 
TYR CD1  C  Y N 455 
TYR CD2  C  Y N 456 
TYR CE1  C  Y N 457 
TYR CE2  C  Y N 458 
TYR CZ   C  Y N 459 
TYR OH   O  N N 460 
TYR OXT  O  N N 461 
TYR H    H  N N 462 
TYR H2   H  N N 463 
TYR HA   H  N N 464 
TYR HB2  H  N N 465 
TYR HB3  H  N N 466 
TYR HD1  H  N N 467 
TYR HD2  H  N N 468 
TYR HE1  H  N N 469 
TYR HE2  H  N N 470 
TYR HH   H  N N 471 
TYR HXT  H  N N 472 
VAL N    N  N N 473 
VAL CA   C  N S 474 
VAL C    C  N N 475 
VAL O    O  N N 476 
VAL CB   C  N N 477 
VAL CG1  C  N N 478 
VAL CG2  C  N N 479 
VAL OXT  O  N N 480 
VAL H    H  N N 481 
VAL H2   H  N N 482 
VAL HA   H  N N 483 
VAL HB   H  N N 484 
VAL HG11 H  N N 485 
VAL HG12 H  N N 486 
VAL HG13 H  N N 487 
VAL HG21 H  N N 488 
VAL HG22 H  N N 489 
VAL HG23 H  N N 490 
VAL HXT  H  N N 491 
# 
loop_
_chem_comp_bond.comp_id 
_chem_comp_bond.atom_id_1 
_chem_comp_bond.atom_id_2 
_chem_comp_bond.value_order 
_chem_comp_bond.pdbx_aromatic_flag 
_chem_comp_bond.pdbx_stereo_config 
_chem_comp_bond.pdbx_ordinal 
ALA N   CA   sing N N 1   
ALA N   H    sing N N 2   
ALA N   H2   sing N N 3   
ALA CA  C    sing N N 4   
ALA CA  CB   sing N N 5   
ALA CA  HA   sing N N 6   
ALA C   O    doub N N 7   
ALA C   OXT  sing N N 8   
ALA CB  HB1  sing N N 9   
ALA CB  HB2  sing N N 10  
ALA CB  HB3  sing N N 11  
ALA OXT HXT  sing N N 12  
ARG N   CA   sing N N 13  
ARG N   H    sing N N 14  
ARG N   H2   sing N N 15  
ARG CA  C    sing N N 16  
ARG CA  CB   sing N N 17  
ARG CA  HA   sing N N 18  
ARG C   O    doub N N 19  
ARG C   OXT  sing N N 20  
ARG CB  CG   sing N N 21  
ARG CB  HB2  sing N N 22  
ARG CB  HB3  sing N N 23  
ARG CG  CD   sing N N 24  
ARG CG  HG2  sing N N 25  
ARG CG  HG3  sing N N 26  
ARG CD  NE   sing N N 27  
ARG CD  HD2  sing N N 28  
ARG CD  HD3  sing N N 29  
ARG NE  CZ   sing N N 30  
ARG NE  HE   sing N N 31  
ARG CZ  NH1  sing N N 32  
ARG CZ  NH2  doub N N 33  
ARG NH1 HH11 sing N N 34  
ARG NH1 HH12 sing N N 35  
ARG NH2 HH21 sing N N 36  
ARG NH2 HH22 sing N N 37  
ARG OXT HXT  sing N N 38  
ASN N   CA   sing N N 39  
ASN N   H    sing N N 40  
ASN N   H2   sing N N 41  
ASN CA  C    sing N N 42  
ASN CA  CB   sing N N 43  
ASN CA  HA   sing N N 44  
ASN C   O    doub N N 45  
ASN C   OXT  sing N N 46  
ASN CB  CG   sing N N 47  
ASN CB  HB2  sing N N 48  
ASN CB  HB3  sing N N 49  
ASN CG  OD1  doub N N 50  
ASN CG  ND2  sing N N 51  
ASN ND2 HD21 sing N N 52  
ASN ND2 HD22 sing N N 53  
ASN OXT HXT  sing N N 54  
ASP N   CA   sing N N 55  
ASP N   H    sing N N 56  
ASP N   H2   sing N N 57  
ASP CA  C    sing N N 58  
ASP CA  CB   sing N N 59  
ASP CA  HA   sing N N 60  
ASP C   O    doub N N 61  
ASP C   OXT  sing N N 62  
ASP CB  CG   sing N N 63  
ASP CB  HB2  sing N N 64  
ASP CB  HB3  sing N N 65  
ASP CG  OD1  doub N N 66  
ASP CG  OD2  sing N N 67  
ASP OD2 HD2  sing N N 68  
ASP OXT HXT  sing N N 69  
BCT C   O1   doub N N 70  
BCT C   O2   sing N N 71  
BCT C   O3   sing N N 72  
BCT O3  HO3  sing N N 73  
CYS N   CA   sing N N 74  
CYS N   H    sing N N 75  
CYS N   H2   sing N N 76  
CYS CA  C    sing N N 77  
CYS CA  CB   sing N N 78  
CYS CA  HA   sing N N 79  
CYS C   O    doub N N 80  
CYS C   OXT  sing N N 81  
CYS CB  SG   sing N N 82  
CYS CB  HB2  sing N N 83  
CYS CB  HB3  sing N N 84  
CYS SG  HG   sing N N 85  
CYS OXT HXT  sing N N 86  
GLN N   CA   sing N N 87  
GLN N   H    sing N N 88  
GLN N   H2   sing N N 89  
GLN CA  C    sing N N 90  
GLN CA  CB   sing N N 91  
GLN CA  HA   sing N N 92  
GLN C   O    doub N N 93  
GLN C   OXT  sing N N 94  
GLN CB  CG   sing N N 95  
GLN CB  HB2  sing N N 96  
GLN CB  HB3  sing N N 97  
GLN CG  CD   sing N N 98  
GLN CG  HG2  sing N N 99  
GLN CG  HG3  sing N N 100 
GLN CD  OE1  doub N N 101 
GLN CD  NE2  sing N N 102 
GLN NE2 HE21 sing N N 103 
GLN NE2 HE22 sing N N 104 
GLN OXT HXT  sing N N 105 
GLU N   CA   sing N N 106 
GLU N   H    sing N N 107 
GLU N   H2   sing N N 108 
GLU CA  C    sing N N 109 
GLU CA  CB   sing N N 110 
GLU CA  HA   sing N N 111 
GLU C   O    doub N N 112 
GLU C   OXT  sing N N 113 
GLU CB  CG   sing N N 114 
GLU CB  HB2  sing N N 115 
GLU CB  HB3  sing N N 116 
GLU CG  CD   sing N N 117 
GLU CG  HG2  sing N N 118 
GLU CG  HG3  sing N N 119 
GLU CD  OE1  doub N N 120 
GLU CD  OE2  sing N N 121 
GLU OE2 HE2  sing N N 122 
GLU OXT HXT  sing N N 123 
GLY N   CA   sing N N 124 
GLY N   H    sing N N 125 
GLY N   H2   sing N N 126 
GLY CA  C    sing N N 127 
GLY CA  HA2  sing N N 128 
GLY CA  HA3  sing N N 129 
GLY C   O    doub N N 130 
GLY C   OXT  sing N N 131 
GLY OXT HXT  sing N N 132 
GOL C1  O1   sing N N 133 
GOL C1  C2   sing N N 134 
GOL C1  H11  sing N N 135 
GOL C1  H12  sing N N 136 
GOL O1  HO1  sing N N 137 
GOL C2  O2   sing N N 138 
GOL C2  C3   sing N N 139 
GOL C2  H2   sing N N 140 
GOL O2  HO2  sing N N 141 
GOL C3  O3   sing N N 142 
GOL C3  H31  sing N N 143 
GOL C3  H32  sing N N 144 
GOL O3  HO3  sing N N 145 
HEC FE  NA   sing N N 146 
HEC FE  NB   sing N N 147 
HEC FE  NC   sing N N 148 
HEC FE  ND   sing N N 149 
HEC CHA C1A  doub N N 150 
HEC CHA C4D  sing N N 151 
HEC CHA HHA  sing N N 152 
HEC CHB C4A  doub N N 153 
HEC CHB C1B  sing N N 154 
HEC CHB HHB  sing N N 155 
HEC CHC C4B  doub N N 156 
HEC CHC C1C  sing N N 157 
HEC CHC HHC  sing N N 158 
HEC CHD C4C  doub N N 159 
HEC CHD C1D  sing N N 160 
HEC CHD HHD  sing N N 161 
HEC NA  C1A  sing Y N 162 
HEC NA  C4A  sing Y N 163 
HEC C1A C2A  sing Y N 164 
HEC C2A C3A  doub Y N 165 
HEC C2A CAA  sing N N 166 
HEC C3A C4A  sing Y N 167 
HEC C3A CMA  sing N N 168 
HEC CMA HMA1 sing N N 169 
HEC CMA HMA2 sing N N 170 
HEC CMA HMA3 sing N N 171 
HEC CAA CBA  sing N N 172 
HEC CAA HAA1 sing N N 173 
HEC CAA HAA2 sing N N 174 
HEC CBA CGA  sing N N 175 
HEC CBA HBA1 sing N N 176 
HEC CBA HBA2 sing N N 177 
HEC CGA O1A  doub N N 178 
HEC CGA O2A  sing N N 179 
HEC O2A H2A  sing N N 180 
HEC NB  C1B  sing Y N 181 
HEC NB  C4B  sing Y N 182 
HEC C1B C2B  doub Y N 183 
HEC C2B C3B  sing Y N 184 
HEC C2B CMB  sing N N 185 
HEC C3B C4B  sing Y N 186 
HEC C3B CAB  doub N E 187 
HEC CMB HMB1 sing N N 188 
HEC CMB HMB2 sing N N 189 
HEC CMB HMB3 sing N N 190 
HEC CAB CBB  sing N N 191 
HEC CAB HAB  sing N N 192 
HEC CBB HBB1 sing N N 193 
HEC CBB HBB2 sing N N 194 
HEC CBB HBB3 sing N N 195 
HEC NC  C1C  sing Y N 196 
HEC NC  C4C  sing Y N 197 
HEC C1C C2C  doub Y N 198 
HEC C2C C3C  sing Y N 199 
HEC C2C CMC  sing N N 200 
HEC C3C C4C  sing Y N 201 
HEC C3C CAC  doub N E 202 
HEC CMC HMC1 sing N N 203 
HEC CMC HMC2 sing N N 204 
HEC CMC HMC3 sing N N 205 
HEC CAC CBC  sing N N 206 
HEC CAC HAC  sing N N 207 
HEC CBC HBC1 sing N N 208 
HEC CBC HBC2 sing N N 209 
HEC CBC HBC3 sing N N 210 
HEC ND  C1D  sing Y N 211 
HEC ND  C4D  sing Y N 212 
HEC C1D C2D  doub Y N 213 
HEC C2D C3D  sing Y N 214 
HEC C2D CMD  sing N N 215 
HEC C3D C4D  doub Y N 216 
HEC C3D CAD  sing N N 217 
HEC CMD HMD1 sing N N 218 
HEC CMD HMD2 sing N N 219 
HEC CMD HMD3 sing N N 220 
HEC CAD CBD  sing N N 221 
HEC CAD HAD1 sing N N 222 
HEC CAD HAD2 sing N N 223 
HEC CBD CGD  sing N N 224 
HEC CBD HBD1 sing N N 225 
HEC CBD HBD2 sing N N 226 
HEC CGD O1D  doub N N 227 
HEC CGD O2D  sing N N 228 
HEC O2D H2D  sing N N 229 
HIS N   CA   sing N N 230 
HIS N   H    sing N N 231 
HIS N   H2   sing N N 232 
HIS CA  C    sing N N 233 
HIS CA  CB   sing N N 234 
HIS CA  HA   sing N N 235 
HIS C   O    doub N N 236 
HIS C   OXT  sing N N 237 
HIS CB  CG   sing N N 238 
HIS CB  HB2  sing N N 239 
HIS CB  HB3  sing N N 240 
HIS CG  ND1  sing Y N 241 
HIS CG  CD2  doub Y N 242 
HIS ND1 CE1  doub Y N 243 
HIS ND1 HD1  sing N N 244 
HIS CD2 NE2  sing Y N 245 
HIS CD2 HD2  sing N N 246 
HIS CE1 NE2  sing Y N 247 
HIS CE1 HE1  sing N N 248 
HIS NE2 HE2  sing N N 249 
HIS OXT HXT  sing N N 250 
HOH O   H1   sing N N 251 
HOH O   H2   sing N N 252 
ILE N   CA   sing N N 253 
ILE N   H    sing N N 254 
ILE N   H2   sing N N 255 
ILE CA  C    sing N N 256 
ILE CA  CB   sing N N 257 
ILE CA  HA   sing N N 258 
ILE C   O    doub N N 259 
ILE C   OXT  sing N N 260 
ILE CB  CG1  sing N N 261 
ILE CB  CG2  sing N N 262 
ILE CB  HB   sing N N 263 
ILE CG1 CD1  sing N N 264 
ILE CG1 HG12 sing N N 265 
ILE CG1 HG13 sing N N 266 
ILE CG2 HG21 sing N N 267 
ILE CG2 HG22 sing N N 268 
ILE CG2 HG23 sing N N 269 
ILE CD1 HD11 sing N N 270 
ILE CD1 HD12 sing N N 271 
ILE CD1 HD13 sing N N 272 
ILE OXT HXT  sing N N 273 
LEU N   CA   sing N N 274 
LEU N   H    sing N N 275 
LEU N   H2   sing N N 276 
LEU CA  C    sing N N 277 
LEU CA  CB   sing N N 278 
LEU CA  HA   sing N N 279 
LEU C   O    doub N N 280 
LEU C   OXT  sing N N 281 
LEU CB  CG   sing N N 282 
LEU CB  HB2  sing N N 283 
LEU CB  HB3  sing N N 284 
LEU CG  CD1  sing N N 285 
LEU CG  CD2  sing N N 286 
LEU CG  HG   sing N N 287 
LEU CD1 HD11 sing N N 288 
LEU CD1 HD12 sing N N 289 
LEU CD1 HD13 sing N N 290 
LEU CD2 HD21 sing N N 291 
LEU CD2 HD22 sing N N 292 
LEU CD2 HD23 sing N N 293 
LEU OXT HXT  sing N N 294 
LYS N   CA   sing N N 295 
LYS N   H    sing N N 296 
LYS N   H2   sing N N 297 
LYS CA  C    sing N N 298 
LYS CA  CB   sing N N 299 
LYS CA  HA   sing N N 300 
LYS C   O    doub N N 301 
LYS C   OXT  sing N N 302 
LYS CB  CG   sing N N 303 
LYS CB  HB2  sing N N 304 
LYS CB  HB3  sing N N 305 
LYS CG  CD   sing N N 306 
LYS CG  HG2  sing N N 307 
LYS CG  HG3  sing N N 308 
LYS CD  CE   sing N N 309 
LYS CD  HD2  sing N N 310 
LYS CD  HD3  sing N N 311 
LYS CE  NZ   sing N N 312 
LYS CE  HE2  sing N N 313 
LYS CE  HE3  sing N N 314 
LYS NZ  HZ1  sing N N 315 
LYS NZ  HZ2  sing N N 316 
LYS NZ  HZ3  sing N N 317 
LYS OXT HXT  sing N N 318 
MET N   CA   sing N N 319 
MET N   H    sing N N 320 
MET N   H2   sing N N 321 
MET CA  C    sing N N 322 
MET CA  CB   sing N N 323 
MET CA  HA   sing N N 324 
MET C   O    doub N N 325 
MET C   OXT  sing N N 326 
MET CB  CG   sing N N 327 
MET CB  HB2  sing N N 328 
MET CB  HB3  sing N N 329 
MET CG  SD   sing N N 330 
MET CG  HG2  sing N N 331 
MET CG  HG3  sing N N 332 
MET SD  CE   sing N N 333 
MET CE  HE1  sing N N 334 
MET CE  HE2  sing N N 335 
MET CE  HE3  sing N N 336 
MET OXT HXT  sing N N 337 
PHE N   CA   sing N N 338 
PHE N   H    sing N N 339 
PHE N   H2   sing N N 340 
PHE CA  C    sing N N 341 
PHE CA  CB   sing N N 342 
PHE CA  HA   sing N N 343 
PHE C   O    doub N N 344 
PHE C   OXT  sing N N 345 
PHE CB  CG   sing N N 346 
PHE CB  HB2  sing N N 347 
PHE CB  HB3  sing N N 348 
PHE CG  CD1  doub Y N 349 
PHE CG  CD2  sing Y N 350 
PHE CD1 CE1  sing Y N 351 
PHE CD1 HD1  sing N N 352 
PHE CD2 CE2  doub Y N 353 
PHE CD2 HD2  sing N N 354 
PHE CE1 CZ   doub Y N 355 
PHE CE1 HE1  sing N N 356 
PHE CE2 CZ   sing Y N 357 
PHE CE2 HE2  sing N N 358 
PHE CZ  HZ   sing N N 359 
PHE OXT HXT  sing N N 360 
PO4 P   O1   doub N N 361 
PO4 P   O2   sing N N 362 
PO4 P   O3   sing N N 363 
PO4 P   O4   sing N N 364 
PRO N   CA   sing N N 365 
PRO N   CD   sing N N 366 
PRO N   H    sing N N 367 
PRO CA  C    sing N N 368 
PRO CA  CB   sing N N 369 
PRO CA  HA   sing N N 370 
PRO C   O    doub N N 371 
PRO C   OXT  sing N N 372 
PRO CB  CG   sing N N 373 
PRO CB  HB2  sing N N 374 
PRO CB  HB3  sing N N 375 
PRO CG  CD   sing N N 376 
PRO CG  HG2  sing N N 377 
PRO CG  HG3  sing N N 378 
PRO CD  HD2  sing N N 379 
PRO CD  HD3  sing N N 380 
PRO OXT HXT  sing N N 381 
SER N   CA   sing N N 382 
SER N   H    sing N N 383 
SER N   H2   sing N N 384 
SER CA  C    sing N N 385 
SER CA  CB   sing N N 386 
SER CA  HA   sing N N 387 
SER C   O    doub N N 388 
SER C   OXT  sing N N 389 
SER CB  OG   sing N N 390 
SER CB  HB2  sing N N 391 
SER CB  HB3  sing N N 392 
SER OG  HG   sing N N 393 
SER OXT HXT  sing N N 394 
THR N   CA   sing N N 395 
THR N   H    sing N N 396 
THR N   H2   sing N N 397 
THR CA  C    sing N N 398 
THR CA  CB   sing N N 399 
THR CA  HA   sing N N 400 
THR C   O    doub N N 401 
THR C   OXT  sing N N 402 
THR CB  OG1  sing N N 403 
THR CB  CG2  sing N N 404 
THR CB  HB   sing N N 405 
THR OG1 HG1  sing N N 406 
THR CG2 HG21 sing N N 407 
THR CG2 HG22 sing N N 408 
THR CG2 HG23 sing N N 409 
THR OXT HXT  sing N N 410 
TRP N   CA   sing N N 411 
TRP N   H    sing N N 412 
TRP N   H2   sing N N 413 
TRP CA  C    sing N N 414 
TRP CA  CB   sing N N 415 
TRP CA  HA   sing N N 416 
TRP C   O    doub N N 417 
TRP C   OXT  sing N N 418 
TRP CB  CG   sing N N 419 
TRP CB  HB2  sing N N 420 
TRP CB  HB3  sing N N 421 
TRP CG  CD1  doub Y N 422 
TRP CG  CD2  sing Y N 423 
TRP CD1 NE1  sing Y N 424 
TRP CD1 HD1  sing N N 425 
TRP CD2 CE2  doub Y N 426 
TRP CD2 CE3  sing Y N 427 
TRP NE1 CE2  sing Y N 428 
TRP NE1 HE1  sing N N 429 
TRP CE2 CZ2  sing Y N 430 
TRP CE3 CZ3  doub Y N 431 
TRP CE3 HE3  sing N N 432 
TRP CZ2 CH2  doub Y N 433 
TRP CZ2 HZ2  sing N N 434 
TRP CZ3 CH2  sing Y N 435 
TRP CZ3 HZ3  sing N N 436 
TRP CH2 HH2  sing N N 437 
TRP OXT HXT  sing N N 438 
TYR N   CA   sing N N 439 
TYR N   H    sing N N 440 
TYR N   H2   sing N N 441 
TYR CA  C    sing N N 442 
TYR CA  CB   sing N N 443 
TYR CA  HA   sing N N 444 
TYR C   O    doub N N 445 
TYR C   OXT  sing N N 446 
TYR CB  CG   sing N N 447 
TYR CB  HB2  sing N N 448 
TYR CB  HB3  sing N N 449 
TYR CG  CD1  doub Y N 450 
TYR CG  CD2  sing Y N 451 
TYR CD1 CE1  sing Y N 452 
TYR CD1 HD1  sing N N 453 
TYR CD2 CE2  doub Y N 454 
TYR CD2 HD2  sing N N 455 
TYR CE1 CZ   doub Y N 456 
TYR CE1 HE1  sing N N 457 
TYR CE2 CZ   sing Y N 458 
TYR CE2 HE2  sing N N 459 
TYR CZ  OH   sing N N 460 
TYR OH  HH   sing N N 461 
TYR OXT HXT  sing N N 462 
VAL N   CA   sing N N 463 
VAL N   H    sing N N 464 
VAL N   H2   sing N N 465 
VAL CA  C    sing N N 466 
VAL CA  CB   sing N N 467 
VAL CA  HA   sing N N 468 
VAL C   O    doub N N 469 
VAL C   OXT  sing N N 470 
VAL CB  CG1  sing N N 471 
VAL CB  CG2  sing N N 472 
VAL CB  HB   sing N N 473 
VAL CG1 HG11 sing N N 474 
VAL CG1 HG12 sing N N 475 
VAL CG1 HG13 sing N N 476 
VAL CG2 HG21 sing N N 477 
VAL CG2 HG22 sing N N 478 
VAL CG2 HG23 sing N N 479 
VAL OXT HXT  sing N N 480 
# 
_atom_sites.entry_id                    1MZ4 
_atom_sites.fract_transf_matrix[1][1]   0.01606520 
_atom_sites.fract_transf_matrix[1][2]   0.00407127 
_atom_sites.fract_transf_matrix[1][3]   -0.00048903 
_atom_sites.fract_transf_matrix[2][1]   0.00724043 
_atom_sites.fract_transf_matrix[2][2]   0.00344866 
_atom_sites.fract_transf_matrix[2][3]   -0.01451249 
_atom_sites.fract_transf_matrix[3][1]   -0.00259643 
_atom_sites.fract_transf_matrix[3][2]   0.01038634 
_atom_sites.fract_transf_matrix[3][3]   0.00117276 
_atom_sites.fract_transf_vector[1]      0.687574 
_atom_sites.fract_transf_vector[2]      0.228932 
_atom_sites.fract_transf_vector[3]      0.009703 
# 
loop_
_atom_type.symbol 
C  
FE 
N  
O  
P  
S  
# 
loop_
_atom_site.group_PDB 
_atom_site.id 
_atom_site.type_symbol 
_atom_site.label_atom_id 
_atom_site.label_alt_id 
_atom_site.label_comp_id 
_atom_site.label_asym_id 
_atom_site.label_entity_id 
_atom_site.label_seq_id 
_atom_site.pdbx_PDB_ins_code 
_atom_site.Cartn_x 
_atom_site.Cartn_y 
_atom_site.Cartn_z 
_atom_site.occupancy 
_atom_site.B_iso_or_equiv 
_atom_site.pdbx_formal_charge 
_atom_site.auth_seq_id 
_atom_site.auth_comp_id 
_atom_site.auth_asym_id 
_atom_site.auth_atom_id 
_atom_site.pdbx_PDB_model_num 
ATOM   1    N  N   . ALA A 1 1   ? -18.552 3.311   3.354   1.00 36.21 ? 1   ALA A N   1 
ATOM   2    C  CA  . ALA A 1 1   ? -19.621 4.322   3.109   1.00 47.69 ? 1   ALA A CA  1 
ATOM   3    C  C   . ALA A 1 1   ? -19.038 5.731   3.175   1.00 37.88 ? 1   ALA A C   1 
ATOM   4    O  O   . ALA A 1 1   ? -18.463 6.219   2.202   1.00 45.25 ? 1   ALA A O   1 
ATOM   5    C  CB  . ALA A 1 1   ? -20.725 4.164   4.143   1.00 54.54 ? 1   ALA A CB  1 
ATOM   6    N  N   . GLU A 1 2   ? -19.197 6.383   4.323   1.00 28.75 ? 2   GLU A N   1 
ATOM   7    C  CA  . GLU A 1 2   ? -18.672 7.728   4.524   1.00 26.42 ? 2   GLU A CA  1 
ATOM   8    C  C   . GLU A 1 2   ? -17.350 7.622   5.272   1.00 19.31 ? 2   GLU A C   1 
ATOM   9    O  O   . GLU A 1 2   ? -16.965 6.535   5.694   1.00 20.35 ? 2   GLU A O   1 
ATOM   10   C  CB  . GLU A 1 2   ? -19.673 8.574   5.311   1.00 26.09 ? 2   GLU A CB  1 
ATOM   11   C  CG  . GLU A 1 2   ? -20.930 8.901   4.518   1.00 41.57 ? 2   GLU A CG  1 
ATOM   12   C  CD  . GLU A 1 2   ? -21.935 9.708   5.312   1.00 42.68 ? 2   GLU A CD  1 
ATOM   13   O  OE1 . GLU A 1 2   ? -21.535 10.723  5.917   1.00 52.65 ? 2   GLU A OE1 1 
ATOM   14   O  OE2 . GLU A 1 2   ? -23.126 9.334   5.324   1.00 53.57 ? 2   GLU A OE2 1 
ATOM   15   N  N   . LEU A 1 3   ? -16.647 8.742   5.429   1.00 17.31 ? 3   LEU A N   1 
ATOM   16   C  CA  . LEU A 1 3   ? -15.358 8.718   6.111   1.00 13.50 ? 3   LEU A CA  1 
ATOM   17   C  C   . LEU A 1 3   ? -15.511 8.673   7.628   1.00 15.02 ? 3   LEU A C   1 
ATOM   18   O  O   . LEU A 1 3   ? -15.007 9.536   8.346   1.00 13.36 ? 3   LEU A O   1 
ATOM   19   C  CB  . LEU A 1 3   ? -14.515 9.929   5.694   1.00 12.36 ? 3   LEU A CB  1 
ATOM   20   C  CG  . LEU A 1 3   ? -14.256 10.032  4.183   1.00 13.51 ? 3   LEU A CG  1 
ATOM   21   C  CD1 . LEU A 1 3   ? -13.373 11.242  3.885   1.00 15.55 ? 3   LEU A CD1 1 
ATOM   22   C  CD2 . LEU A 1 3   ? -13.579 8.753   3.693   1.00 15.93 ? 3   LEU A CD2 1 
ATOM   23   N  N   . THR A 1 4   ? -16.214 7.653   8.108   1.00 13.75 ? 4   THR A N   1 
ATOM   24   C  CA  . THR A 1 4   ? -16.432 7.488   9.540   1.00 12.90 ? 4   THR A CA  1 
ATOM   25   C  C   . THR A 1 4   ? -15.183 6.900   10.204  1.00 14.66 ? 4   THR A C   1 
ATOM   26   O  O   . THR A 1 4   ? -14.266 6.440   9.523   1.00 13.05 ? 4   THR A O   1 
ATOM   27   C  CB  . THR A 1 4   ? -17.658 6.585   9.799   1.00 15.32 ? 4   THR A CB  1 
ATOM   28   O  OG1 . THR A 1 4   ? -17.442 5.295   9.217   1.00 16.32 ? 4   THR A OG1 1 
ATOM   29   C  CG2 . THR A 1 4   ? -18.905 7.205   9.185   1.00 20.57 ? 4   THR A CG2 1 
ATOM   30   N  N   . PRO A 1 5   ? -15.132 6.905   11.549  1.00 12.43 ? 5   PRO A N   1 
ATOM   31   C  CA  . PRO A 1 5   ? -13.974 6.376   12.278  1.00 14.47 ? 5   PRO A CA  1 
ATOM   32   C  C   . PRO A 1 5   ? -13.445 4.999   11.873  1.00 14.98 ? 5   PRO A C   1 
ATOM   33   O  O   . PRO A 1 5   ? -12.235 4.826   11.728  1.00 15.53 ? 5   PRO A O   1 
ATOM   34   C  CB  . PRO A 1 5   ? -14.437 6.427   13.735  1.00 15.89 ? 5   PRO A CB  1 
ATOM   35   C  CG  . PRO A 1 5   ? -15.309 7.651   13.748  1.00 14.41 ? 5   PRO A CG  1 
ATOM   36   C  CD  . PRO A 1 5   ? -16.127 7.460   12.487  1.00 15.90 ? 5   PRO A CD  1 
ATOM   37   N  N   . GLU A 1 6   ? -14.325 4.019   11.687  1.00 14.00 ? 6   GLU A N   1 
ATOM   38   C  CA  . GLU A 1 6   ? -13.857 2.684   11.312  1.00 13.26 ? 6   GLU A CA  1 
ATOM   39   C  C   . GLU A 1 6   ? -13.267 2.680   9.909   1.00 15.24 ? 6   GLU A C   1 
ATOM   40   O  O   . GLU A 1 6   ? -12.337 1.924   9.621   1.00 16.45 ? 6   GLU A O   1 
ATOM   41   C  CB  . GLU A 1 6   ? -14.993 1.660   11.402  1.00 15.45 ? 6   GLU A CB  1 
ATOM   42   C  CG  . GLU A 1 6   ? -14.673 0.288   10.776  1.00 22.25 ? 6   GLU A CG  1 
ATOM   43   C  CD  . GLU A 1 6   ? -13.310 -0.267  11.177  1.00 28.70 ? 6   GLU A CD  1 
ATOM   44   O  OE1 . GLU A 1 6   ? -12.904 -0.094  12.344  1.00 26.99 ? 6   GLU A OE1 1 
ATOM   45   O  OE2 . GLU A 1 6   ? -12.646 -0.896  10.323  1.00 28.37 ? 6   GLU A OE2 1 
ATOM   46   N  N   . VAL A 1 7   ? -13.807 3.523   9.036   1.00 15.69 ? 7   VAL A N   1 
ATOM   47   C  CA  . VAL A 1 7   ? -13.303 3.602   7.670   1.00 17.19 ? 7   VAL A CA  1 
ATOM   48   C  C   . VAL A 1 7   ? -11.880 4.148   7.654   1.00 14.29 ? 7   VAL A C   1 
ATOM   49   O  O   . VAL A 1 7   ? -11.015 3.624   6.946   1.00 15.31 ? 7   VAL A O   1 
ATOM   50   C  CB  . VAL A 1 7   ? -14.203 4.502   6.792   1.00 15.41 ? 7   VAL A CB  1 
ATOM   51   C  CG1 . VAL A 1 7   ? -13.536 4.760   5.436   1.00 16.37 ? 7   VAL A CG1 1 
ATOM   52   C  CG2 . VAL A 1 7   ? -15.552 3.826   6.584   1.00 15.57 ? 7   VAL A CG2 1 
ATOM   53   N  N   . LEU A 1 8   ? -11.634 5.181   8.457   1.00 12.08 ? 8   LEU A N   1 
ATOM   54   C  CA  . LEU A 1 8   ? -10.322 5.824   8.517   1.00 12.51 ? 8   LEU A CA  1 
ATOM   55   C  C   . LEU A 1 8   ? -9.324  5.177   9.473   1.00 16.62 ? 8   LEU A C   1 
ATOM   56   O  O   . LEU A 1 8   ? -8.134  5.502   9.440   1.00 14.72 ? 8   LEU A O   1 
ATOM   57   C  CB  . LEU A 1 8   ? -10.487 7.305   8.884   1.00 11.65 ? 8   LEU A CB  1 
ATOM   58   C  CG  . LEU A 1 8   ? -11.239 8.170   7.867   1.00 16.94 ? 8   LEU A CG  1 
ATOM   59   C  CD1 . LEU A 1 8   ? -11.421 9.579   8.420   1.00 13.90 ? 8   LEU A CD1 1 
ATOM   60   C  CD2 . LEU A 1 8   ? -10.471 8.207   6.552   1.00 16.79 ? 8   LEU A CD2 1 
ATOM   61   N  N   . THR A 1 9   ? -9.794  4.268   10.323  1.00 14.07 ? 9   THR A N   1 
ATOM   62   C  CA  . THR A 1 9   ? -8.901  3.607   11.270  1.00 11.77 ? 9   THR A CA  1 
ATOM   63   C  C   . THR A 1 9   ? -8.450  2.246   10.750  1.00 11.20 ? 9   THR A C   1 
ATOM   64   O  O   . THR A 1 9   ? -9.267  1.381   10.435  1.00 16.71 ? 9   THR A O   1 
ATOM   65   C  CB  . THR A 1 9   ? -9.575  3.437   12.653  1.00 16.36 ? 9   THR A CB  1 
ATOM   66   O  OG1 . THR A 1 9   ? -9.994  4.718   13.138  1.00 16.17 ? 9   THR A OG1 1 
ATOM   67   C  CG2 . THR A 1 9   ? -8.594  2.832   13.651  1.00 13.90 ? 9   THR A CG2 1 
ATOM   68   N  N   . VAL A 1 10  ? -7.136  2.066   10.667  1.00 15.87 ? 10  VAL A N   1 
ATOM   69   C  CA  . VAL A 1 10  ? -6.562  0.828   10.156  1.00 14.17 ? 10  VAL A CA  1 
ATOM   70   C  C   . VAL A 1 10  ? -5.405  0.368   11.028  1.00 12.04 ? 10  VAL A C   1 
ATOM   71   O  O   . VAL A 1 10  ? -4.877  1.139   11.833  1.00 15.95 ? 10  VAL A O   1 
ATOM   72   C  CB  . VAL A 1 10  ? -6.019  1.025   8.719   1.00 17.37 ? 10  VAL A CB  1 
ATOM   73   C  CG1 . VAL A 1 10  ? -7.151  1.388   7.772   1.00 14.94 ? 10  VAL A CG1 1 
ATOM   74   C  CG2 . VAL A 1 10  ? -4.959  2.123   8.714   1.00 17.02 ? 10  VAL A CG2 1 
ATOM   75   N  N   . PRO A 1 11  ? -4.994  -0.902  10.881  1.00 14.70 ? 11  PRO A N   1 
ATOM   76   C  CA  . PRO A 1 11  ? -3.878  -1.412  11.682  1.00 16.81 ? 11  PRO A CA  1 
ATOM   77   C  C   . PRO A 1 11  ? -2.601  -0.651  11.324  1.00 18.19 ? 11  PRO A C   1 
ATOM   78   O  O   . PRO A 1 11  ? -2.297  -0.461  10.145  1.00 15.74 ? 11  PRO A O   1 
ATOM   79   C  CB  . PRO A 1 11  ? -3.795  -2.881  11.269  1.00 15.16 ? 11  PRO A CB  1 
ATOM   80   C  CG  . PRO A 1 11  ? -5.209  -3.212  10.877  1.00 16.60 ? 11  PRO A CG  1 
ATOM   81   C  CD  . PRO A 1 11  ? -5.621  -1.984  10.102  1.00 14.60 ? 11  PRO A CD  1 
ATOM   82   N  N   . LEU A 1 12  ? -1.868  -0.213  12.341  1.00 18.00 ? 12  LEU A N   1 
ATOM   83   C  CA  . LEU A 1 12  ? -0.618  0.511   12.133  1.00 15.61 ? 12  LEU A CA  1 
ATOM   84   C  C   . LEU A 1 12  ? 0.526   -0.487  11.978  1.00 20.32 ? 12  LEU A C   1 
ATOM   85   O  O   . LEU A 1 12  ? 1.438   -0.286  11.173  1.00 21.23 ? 12  LEU A O   1 
ATOM   86   C  CB  . LEU A 1 12  ? -0.340  1.435   13.321  1.00 19.73 ? 12  LEU A CB  1 
ATOM   87   C  CG  . LEU A 1 12  ? 1.015   2.146   13.356  1.00 25.53 ? 12  LEU A CG  1 
ATOM   88   C  CD1 . LEU A 1 12  ? 1.126   3.131   12.197  1.00 20.76 ? 12  LEU A CD1 1 
ATOM   89   C  CD2 . LEU A 1 12  ? 1.157   2.874   14.686  1.00 22.09 ? 12  LEU A CD2 1 
ATOM   90   N  N   . ASN A 1 13  ? 0.479   -1.558  12.764  1.00 18.16 ? 13  ASN A N   1 
ATOM   91   C  CA  . ASN A 1 13  ? 1.499   -2.596  12.700  1.00 21.57 ? 13  ASN A CA  1 
ATOM   92   C  C   . ASN A 1 13  ? 0.849   -3.956  12.897  1.00 23.13 ? 13  ASN A C   1 
ATOM   93   O  O   . ASN A 1 13  ? -0.368  -4.050  13.059  1.00 22.83 ? 13  ASN A O   1 
ATOM   94   C  CB  . ASN A 1 13  ? 2.587   -2.371  13.762  1.00 25.99 ? 13  ASN A CB  1 
ATOM   95   C  CG  . ASN A 1 13  ? 2.031   -2.305  15.175  1.00 34.29 ? 13  ASN A CG  1 
ATOM   96   O  OD1 . ASN A 1 13  ? 1.091   -3.018  15.522  1.00 26.09 ? 13  ASN A OD1 1 
ATOM   97   N  ND2 . ASN A 1 13  ? 2.629   -1.458  16.004  1.00 30.71 ? 13  ASN A ND2 1 
ATOM   98   N  N   . SER A 1 14  ? 1.658   -5.010  12.880  1.00 28.04 ? 14  SER A N   1 
ATOM   99   C  CA  . SER A 1 14  ? 1.139   -6.361  13.044  1.00 34.39 ? 14  SER A CA  1 
ATOM   100  C  C   . SER A 1 14  ? 0.915   -6.736  14.505  1.00 33.42 ? 14  SER A C   1 
ATOM   101  O  O   . SER A 1 14  ? 0.373   -7.801  14.797  1.00 35.29 ? 14  SER A O   1 
ATOM   102  C  CB  . SER A 1 14  ? 2.089   -7.369  12.394  1.00 39.83 ? 14  SER A CB  1 
ATOM   103  O  OG  . SER A 1 14  ? 3.379   -7.299  12.975  1.00 36.92 ? 14  SER A OG  1 
ATOM   104  N  N   . GLU A 1 15  ? 1.327   -5.862  15.421  1.00 30.97 ? 15  GLU A N   1 
ATOM   105  C  CA  . GLU A 1 15  ? 1.161   -6.128  16.846  1.00 29.57 ? 15  GLU A CA  1 
ATOM   106  C  C   . GLU A 1 15  ? -0.233  -5.762  17.342  1.00 52.48 ? 15  GLU A C   1 
ATOM   107  O  O   . GLU A 1 15  ? -0.625  -6.145  18.442  1.00 53.16 ? 15  GLU A O   1 
ATOM   108  C  CB  . GLU A 1 15  ? 2.207   -5.363  17.664  1.00 37.09 ? 15  GLU A CB  1 
ATOM   109  C  CG  . GLU A 1 15  ? 3.646   -5.794  17.410  1.00 53.71 ? 15  GLU A CG  1 
ATOM   110  C  CD  . GLU A 1 15  ? 4.143   -5.403  16.031  1.00 62.70 ? 15  GLU A CD  1 
ATOM   111  O  OE1 . GLU A 1 15  ? 4.179   -4.191  15.735  1.00 65.40 ? 15  GLU A OE1 1 
ATOM   112  O  OE2 . GLU A 1 15  ? 4.500   -6.307  15.246  1.00 71.46 ? 15  GLU A OE2 1 
ATOM   113  N  N   . GLY A 1 16  ? -0.980  -5.014  16.537  1.00 41.18 ? 16  GLY A N   1 
ATOM   114  C  CA  . GLY A 1 16  ? -2.324  -4.640  16.939  1.00 49.18 ? 16  GLY A CA  1 
ATOM   115  C  C   . GLY A 1 16  ? -2.568  -3.153  17.102  1.00 38.41 ? 16  GLY A C   1 
ATOM   116  O  O   . GLY A 1 16  ? -3.711  -2.724  17.252  1.00 36.53 ? 16  GLY A O   1 
ATOM   117  N  N   . LYS A 1 17  ? -1.505  -2.357  17.087  1.00 21.59 ? 17  LYS A N   1 
ATOM   118  C  CA  . LYS A 1 17  ? -1.660  -0.919  17.230  1.00 19.96 ? 17  LYS A CA  1 
ATOM   119  C  C   . LYS A 1 17  ? -2.437  -0.411  16.019  1.00 18.35 ? 17  LYS A C   1 
ATOM   120  O  O   . LYS A 1 17  ? -2.355  -0.990  14.932  1.00 18.01 ? 17  LYS A O   1 
ATOM   121  C  CB  . LYS A 1 17  ? -0.290  -0.239  17.310  1.00 24.65 ? 17  LYS A CB  1 
ATOM   122  C  CG  . LYS A 1 17  ? -0.348  1.207   17.771  1.00 49.35 ? 17  LYS A CG  1 
ATOM   123  C  CD  . LYS A 1 17  ? 1.041   1.749   18.075  1.00 57.85 ? 17  LYS A CD  1 
ATOM   124  C  CE  . LYS A 1 17  ? 0.969   3.138   18.693  1.00 56.06 ? 17  LYS A CE  1 
ATOM   125  N  NZ  . LYS A 1 17  ? 2.319   3.659   19.051  1.00 66.34 ? 17  LYS A NZ  1 
ATOM   126  N  N   . THR A 1 18  ? -3.200  0.657   16.207  1.00 21.18 ? 18  THR A N   1 
ATOM   127  C  CA  . THR A 1 18  ? -3.986  1.214   15.117  1.00 17.05 ? 18  THR A CA  1 
ATOM   128  C  C   . THR A 1 18  ? -3.698  2.693   14.933  1.00 21.58 ? 18  THR A C   1 
ATOM   129  O  O   . THR A 1 18  ? -3.086  3.337   15.790  1.00 18.10 ? 18  THR A O   1 
ATOM   130  C  CB  . THR A 1 18  ? -5.503  1.060   15.374  1.00 21.23 ? 18  THR A CB  1 
ATOM   131  O  OG1 . THR A 1 18  ? -5.898  1.935   16.441  1.00 20.24 ? 18  THR A OG1 1 
ATOM   132  C  CG2 . THR A 1 18  ? -5.837  -0.378  15.753  1.00 21.16 ? 18  THR A CG2 1 
ATOM   133  N  N   . ILE A 1 19  ? -4.133  3.220   13.796  1.00 17.58 ? 19  ILE A N   1 
ATOM   134  C  CA  . ILE A 1 19  ? -3.977  4.630   13.494  1.00 14.96 ? 19  ILE A CA  1 
ATOM   135  C  C   . ILE A 1 19  ? -5.237  5.103   12.786  1.00 14.89 ? 19  ILE A C   1 
ATOM   136  O  O   . ILE A 1 19  ? -5.766  4.416   11.910  1.00 15.53 ? 19  ILE A O   1 
ATOM   137  C  CB  . ILE A 1 19  ? -2.753  4.901   12.581  1.00 18.79 ? 19  ILE A CB  1 
ATOM   138  C  CG1 . ILE A 1 19  ? -2.643  6.402   12.302  1.00 31.61 ? 19  ILE A CG1 1 
ATOM   139  C  CG2 . ILE A 1 19  ? -2.883  4.121   11.277  1.00 19.78 ? 19  ILE A CG2 1 
ATOM   140  C  CD1 . ILE A 1 19  ? -1.415  6.799   11.498  1.00 27.49 ? 19  ILE A CD1 1 
ATOM   141  N  N   . THR A 1 20  ? -5.727  6.269   13.186  1.00 15.08 ? 20  THR A N   1 
ATOM   142  C  CA  . THR A 1 20  ? -6.908  6.844   12.564  1.00 14.17 ? 20  THR A CA  1 
ATOM   143  C  C   . THR A 1 20  ? -6.419  7.931   11.618  1.00 15.21 ? 20  THR A C   1 
ATOM   144  O  O   . THR A 1 20  ? -5.985  9.004   12.044  1.00 16.93 ? 20  THR A O   1 
ATOM   145  C  CB  . THR A 1 20  ? -7.858  7.432   13.620  1.00 16.34 ? 20  THR A CB  1 
ATOM   146  O  OG1 . THR A 1 20  ? -8.295  6.377   14.488  1.00 16.88 ? 20  THR A OG1 1 
ATOM   147  C  CG2 . THR A 1 20  ? -9.079  8.070   12.955  1.00 16.45 ? 20  THR A CG2 1 
ATOM   148  N  N   . LEU A 1 21  ? -6.466  7.627   10.327  1.00 12.97 ? 21  LEU A N   1 
ATOM   149  C  CA  . LEU A 1 21  ? -6.012  8.556   9.304   1.00 14.04 ? 21  LEU A CA  1 
ATOM   150  C  C   . LEU A 1 21  ? -6.870  9.811   9.271   1.00 15.54 ? 21  LEU A C   1 
ATOM   151  O  O   . LEU A 1 21  ? -8.066  9.761   9.553   1.00 14.10 ? 21  LEU A O   1 
ATOM   152  C  CB  . LEU A 1 21  ? -6.046  7.864   7.940   1.00 11.68 ? 21  LEU A CB  1 
ATOM   153  C  CG  . LEU A 1 21  ? -5.157  6.617   7.869   1.00 18.02 ? 21  LEU A CG  1 
ATOM   154  C  CD1 . LEU A 1 21  ? -5.599  5.722   6.724   1.00 17.19 ? 21  LEU A CD1 1 
ATOM   155  C  CD2 . LEU A 1 21  ? -3.701  7.043   7.718   1.00 18.51 ? 21  LEU A CD2 1 
ATOM   156  N  N   . THR A 1 22  ? -6.255  10.940  8.931   1.00 10.65 ? 22  THR A N   1 
ATOM   157  C  CA  . THR A 1 22  ? -6.987  12.197  8.851   1.00 13.64 ? 22  THR A CA  1 
ATOM   158  C  C   . THR A 1 22  ? -7.595  12.318  7.460   1.00 15.38 ? 22  THR A C   1 
ATOM   159  O  O   . THR A 1 22  ? -7.201  11.607  6.531   1.00 13.67 ? 22  THR A O   1 
ATOM   160  C  CB  . THR A 1 22  ? -6.068  13.416  9.072   1.00 18.26 ? 22  THR A CB  1 
ATOM   161  O  OG1 . THR A 1 22  ? -5.126  13.501  7.995   1.00 13.53 ? 22  THR A OG1 1 
ATOM   162  C  CG2 . THR A 1 22  ? -5.321  13.297  10.398  1.00 17.48 ? 22  THR A CG2 1 
ATOM   163  N  N   . GLU A 1 23  ? -8.557  13.217  7.312   1.00 14.26 ? 23  GLU A N   1 
ATOM   164  C  CA  . GLU A 1 23  ? -9.180  13.408  6.009   1.00 13.53 ? 23  GLU A CA  1 
ATOM   165  C  C   . GLU A 1 23  ? -8.123  13.893  5.022   1.00 15.33 ? 23  GLU A C   1 
ATOM   166  O  O   . GLU A 1 23  ? -8.164  13.563  3.836   1.00 12.90 ? 23  GLU A O   1 
ATOM   167  C  CB  . GLU A 1 23  ? -10.302 14.433  6.099   1.00 10.77 ? 23  GLU A CB  1 
ATOM   168  C  CG  . GLU A 1 23  ? -11.075 14.574  4.810   1.00 11.79 ? 23  GLU A CG  1 
ATOM   169  C  CD  . GLU A 1 23  ? -12.344 15.365  4.995   1.00 14.84 ? 23  GLU A CD  1 
ATOM   170  O  OE1 . GLU A 1 23  ? -12.363 16.562  4.639   1.00 14.41 ? 23  GLU A OE1 1 
ATOM   171  O  OE2 . GLU A 1 23  ? -13.321 14.780  5.511   1.00 16.13 ? 23  GLU A OE2 1 
ATOM   172  N  N   . LYS A 1 24  ? -7.180  14.686  5.511   1.00 14.19 ? 24  LYS A N   1 
ATOM   173  C  CA  . LYS A 1 24  ? -6.119  15.177  4.647   1.00 14.12 ? 24  LYS A CA  1 
ATOM   174  C  C   . LYS A 1 24  ? -5.285  13.990  4.159   1.00 19.43 ? 24  LYS A C   1 
ATOM   175  O  O   . LYS A 1 24  ? -4.915  13.929  2.988   1.00 15.25 ? 24  LYS A O   1 
ATOM   176  C  CB  . LYS A 1 24  ? -5.229  16.169  5.392   1.00 18.13 ? 24  LYS A CB  1 
ATOM   177  C  CG  . LYS A 1 24  ? -4.077  16.695  4.548   1.00 24.25 ? 24  LYS A CG  1 
ATOM   178  C  CD  . LYS A 1 24  ? -3.277  17.749  5.291   1.00 29.01 ? 24  LYS A CD  1 
ATOM   179  C  CE  . LYS A 1 24  ? -2.046  18.158  4.494   1.00 47.69 ? 24  LYS A CE  1 
ATOM   180  N  NZ  . LYS A 1 24  ? -2.402  18.652  3.134   1.00 61.71 ? 24  LYS A NZ  1 
ATOM   181  N  N   . GLN A 1 25  ? -4.992  13.046  5.050   1.00 15.61 ? 25  GLN A N   1 
ATOM   182  C  CA  . GLN A 1 25  ? -4.213  11.874  4.646   1.00 15.75 ? 25  GLN A CA  1 
ATOM   183  C  C   . GLN A 1 25  ? -4.997  11.058  3.627   1.00 18.07 ? 25  GLN A C   1 
ATOM   184  O  O   . GLN A 1 25  ? -4.424  10.463  2.714   1.00 13.37 ? 25  GLN A O   1 
ATOM   185  C  CB  . GLN A 1 25  ? -3.872  10.999  5.855   1.00 13.05 ? 25  GLN A CB  1 
ATOM   186  C  CG  . GLN A 1 25  ? -2.739  11.541  6.708   1.00 16.15 ? 25  GLN A CG  1 
ATOM   187  C  CD  . GLN A 1 25  ? -2.512  10.697  7.938   1.00 17.01 ? 25  GLN A CD  1 
ATOM   188  O  OE1 . GLN A 1 25  ? -3.422  10.511  8.745   1.00 15.25 ? 25  GLN A OE1 1 
ATOM   189  N  NE2 . GLN A 1 25  ? -1.299  10.174  8.088   1.00 19.33 ? 25  GLN A NE2 1 
ATOM   190  N  N   . TYR A 1 26  ? -6.315  11.029  3.786   1.00 12.86 ? 26  TYR A N   1 
ATOM   191  C  CA  . TYR A 1 26  ? -7.164  10.303  2.853   1.00 12.56 ? 26  TYR A CA  1 
ATOM   192  C  C   . TYR A 1 26  ? -7.045  10.929  1.456   1.00 15.42 ? 26  TYR A C   1 
ATOM   193  O  O   . TYR A 1 26  ? -6.864  10.227  0.461   1.00 13.94 ? 26  TYR A O   1 
ATOM   194  C  CB  . TYR A 1 26  ? -8.622  10.358  3.323   1.00 10.96 ? 26  TYR A CB  1 
ATOM   195  C  CG  . TYR A 1 26  ? -9.609  9.947   2.258   1.00 15.67 ? 26  TYR A CG  1 
ATOM   196  C  CD1 . TYR A 1 26  ? -9.719  8.617   1.851   1.00 15.40 ? 26  TYR A CD1 1 
ATOM   197  C  CD2 . TYR A 1 26  ? -10.414 10.898  1.635   1.00 17.15 ? 26  TYR A CD2 1 
ATOM   198  C  CE1 . TYR A 1 26  ? -10.611 8.247   0.844   1.00 19.91 ? 26  TYR A CE1 1 
ATOM   199  C  CE2 . TYR A 1 26  ? -11.302 10.541  0.633   1.00 20.30 ? 26  TYR A CE2 1 
ATOM   200  C  CZ  . TYR A 1 26  ? -11.396 9.220   0.242   1.00 22.33 ? 26  TYR A CZ  1 
ATOM   201  O  OH  . TYR A 1 26  ? -12.276 8.883   -0.758  1.00 30.14 ? 26  TYR A OH  1 
ATOM   202  N  N   . LEU A 1 27  ? -7.141  12.252  1.385   1.00 15.26 ? 27  LEU A N   1 
ATOM   203  C  CA  . LEU A 1 27  ? -7.045  12.935  0.097   1.00 17.11 ? 27  LEU A CA  1 
ATOM   204  C  C   . LEU A 1 27  ? -5.644  12.818  -0.509  1.00 19.37 ? 27  LEU A C   1 
ATOM   205  O  O   . LEU A 1 27  ? -5.502  12.605  -1.716  1.00 17.62 ? 27  LEU A O   1 
ATOM   206  C  CB  . LEU A 1 27  ? -7.447  14.406  0.246   1.00 14.27 ? 27  LEU A CB  1 
ATOM   207  C  CG  . LEU A 1 27  ? -8.903  14.590  0.692   1.00 17.57 ? 27  LEU A CG  1 
ATOM   208  C  CD1 . LEU A 1 27  ? -9.194  16.069  0.931   1.00 19.73 ? 27  LEU A CD1 1 
ATOM   209  C  CD2 . LEU A 1 27  ? -9.842  14.018  -0.366  1.00 17.48 ? 27  LEU A CD2 1 
ATOM   210  N  N   . GLU A 1 28  ? -4.616  12.949  0.324   1.00 15.07 ? 28  GLU A N   1 
ATOM   211  C  CA  . GLU A 1 28  ? -3.238  12.830  -0.150  1.00 14.23 ? 28  GLU A CA  1 
ATOM   212  C  C   . GLU A 1 28  ? -3.017  11.417  -0.683  1.00 17.77 ? 28  GLU A C   1 
ATOM   213  O  O   . GLU A 1 28  ? -2.339  11.218  -1.693  1.00 14.74 ? 28  GLU A O   1 
ATOM   214  C  CB  . GLU A 1 28  ? -2.243  13.082  0.985   1.00 17.23 ? 28  GLU A CB  1 
ATOM   215  C  CG  . GLU A 1 28  ? -2.355  14.438  1.649   1.00 24.58 ? 28  GLU A CG  1 
ATOM   216  C  CD  . GLU A 1 28  ? -1.380  14.587  2.800   1.00 39.75 ? 28  GLU A CD  1 
ATOM   217  O  OE1 . GLU A 1 28  ? -1.236  13.622  3.586   1.00 32.68 ? 28  GLU A OE1 1 
ATOM   218  O  OE2 . GLU A 1 28  ? -0.764  15.666  2.926   1.00 42.60 ? 28  GLU A OE2 1 
ATOM   219  N  N   . GLY A 1 29  ? -3.582  10.436  0.018   1.00 13.23 ? 29  GLY A N   1 
ATOM   220  C  CA  . GLY A 1 29  ? -3.440  9.049   -0.393  1.00 16.16 ? 29  GLY A CA  1 
ATOM   221  C  C   . GLY A 1 29  ? -3.996  8.787   -1.782  1.00 15.50 ? 29  GLY A C   1 
ATOM   222  O  O   . GLY A 1 29  ? -3.404  8.039   -2.566  1.00 15.33 ? 29  GLY A O   1 
ATOM   223  N  N   . LYS A 1 30  ? -5.140  9.388   -2.092  1.00 15.73 ? 30  LYS A N   1 
ATOM   224  C  CA  . LYS A 1 30  ? -5.746  9.207   -3.399  1.00 19.61 ? 30  LYS A CA  1 
ATOM   225  C  C   . LYS A 1 30  ? -4.861  9.840   -4.472  1.00 17.77 ? 30  LYS A C   1 
ATOM   226  O  O   . LYS A 1 30  ? -4.657  9.264   -5.543  1.00 20.26 ? 30  LYS A O   1 
ATOM   227  C  CB  . LYS A 1 30  ? -7.145  9.841   -3.423  1.00 24.19 ? 30  LYS A CB  1 
ATOM   228  C  CG  . LYS A 1 30  ? -8.214  8.972   -2.770  1.00 33.15 ? 30  LYS A CG  1 
ATOM   229  C  CD  . LYS A 1 30  ? -9.473  9.756   -2.432  1.00 40.86 ? 30  LYS A CD  1 
ATOM   230  C  CE  . LYS A 1 30  ? -10.074 10.432  -3.651  1.00 36.29 ? 30  LYS A CE  1 
ATOM   231  N  NZ  . LYS A 1 30  ? -10.524 9.467   -4.688  1.00 40.71 ? 30  LYS A NZ  1 
ATOM   232  N  N   . ARG A 1 31  ? -4.324  11.017  -4.167  1.00 14.89 ? 31  ARG A N   1 
ATOM   233  C  CA  . ARG A 1 31  ? -3.486  11.742  -5.121  1.00 17.37 ? 31  ARG A CA  1 
ATOM   234  C  C   . ARG A 1 31  ? -2.192  10.987  -5.388  1.00 22.08 ? 31  ARG A C   1 
ATOM   235  O  O   . ARG A 1 31  ? -1.811  10.777  -6.545  1.00 16.65 ? 31  ARG A O   1 
ATOM   236  C  CB  . ARG A 1 31  ? -3.166  13.144  -4.592  1.00 17.73 ? 31  ARG A CB  1 
ATOM   237  C  CG  . ARG A 1 31  ? -2.216  13.949  -5.480  1.00 23.46 ? 31  ARG A CG  1 
ATOM   238  C  CD  . ARG A 1 31  ? -2.056  15.382  -4.982  1.00 24.25 ? 31  ARG A CD  1 
ATOM   239  N  NE  . ARG A 1 31  ? -1.467  15.456  -3.647  1.00 30.01 ? 31  ARG A NE  1 
ATOM   240  C  CZ  . ARG A 1 31  ? -0.188  15.220  -3.370  1.00 34.49 ? 31  ARG A CZ  1 
ATOM   241  N  NH1 . ARG A 1 31  ? 0.660   14.891  -4.334  1.00 34.53 ? 31  ARG A NH1 1 
ATOM   242  N  NH2 . ARG A 1 31  ? 0.246   15.318  -2.121  1.00 48.18 ? 31  ARG A NH2 1 
ATOM   243  N  N   . LEU A 1 32  ? -1.532  10.565  -4.314  1.00 17.27 ? 32  LEU A N   1 
ATOM   244  C  CA  . LEU A 1 32  ? -0.268  9.848   -4.418  1.00 15.28 ? 32  LEU A CA  1 
ATOM   245  C  C   . LEU A 1 32  ? -0.390  8.453   -5.015  1.00 19.16 ? 32  LEU A C   1 
ATOM   246  O  O   . LEU A 1 32  ? 0.485   8.024   -5.768  1.00 16.21 ? 32  LEU A O   1 
ATOM   247  C  CB  . LEU A 1 32  ? 0.394   9.777   -3.042  1.00 12.89 ? 32  LEU A CB  1 
ATOM   248  C  CG  . LEU A 1 32  ? 0.818   11.145  -2.485  1.00 20.72 ? 32  LEU A CG  1 
ATOM   249  C  CD1 . LEU A 1 32  ? 1.130   11.040  -0.999  1.00 19.35 ? 32  LEU A CD1 1 
ATOM   250  C  CD2 . LEU A 1 32  ? 2.029   11.656  -3.255  1.00 20.04 ? 32  LEU A CD2 1 
ATOM   251  N  N   . PHE A 1 33  ? -1.458  7.736   -4.677  1.00 14.46 ? 33  PHE A N   1 
ATOM   252  C  CA  . PHE A 1 33  ? -1.635  6.399   -5.226  1.00 18.45 ? 33  PHE A CA  1 
ATOM   253  C  C   . PHE A 1 33  ? -1.864  6.506   -6.731  1.00 17.62 ? 33  PHE A C   1 
ATOM   254  O  O   . PHE A 1 33  ? -1.339  5.712   -7.511  1.00 16.20 ? 33  PHE A O   1 
ATOM   255  C  CB  . PHE A 1 33  ? -2.818  5.696   -4.553  1.00 16.42 ? 33  PHE A CB  1 
ATOM   256  C  CG  . PHE A 1 33  ? -3.055  4.298   -5.052  1.00 14.97 ? 33  PHE A CG  1 
ATOM   257  C  CD1 . PHE A 1 33  ? -3.864  4.066   -6.160  1.00 16.05 ? 33  PHE A CD1 1 
ATOM   258  C  CD2 . PHE A 1 33  ? -2.466  3.210   -4.413  1.00 17.84 ? 33  PHE A CD2 1 
ATOM   259  C  CE1 . PHE A 1 33  ? -4.083  2.768   -6.626  1.00 16.52 ? 33  PHE A CE1 1 
ATOM   260  C  CE2 . PHE A 1 33  ? -2.679  1.908   -4.871  1.00 15.78 ? 33  PHE A CE2 1 
ATOM   261  C  CZ  . PHE A 1 33  ? -3.489  1.687   -5.978  1.00 14.09 ? 33  PHE A CZ  1 
ATOM   262  N  N   . GLN A 1 34  ? -2.645  7.495   -7.144  1.00 15.92 ? 34  GLN A N   1 
ATOM   263  C  CA  . GLN A 1 34  ? -2.908  7.683   -8.568  1.00 18.10 ? 34  GLN A CA  1 
ATOM   264  C  C   . GLN A 1 34  ? -1.597  7.990   -9.288  1.00 20.02 ? 34  GLN A C   1 
ATOM   265  O  O   . GLN A 1 34  ? -1.332  7.481   -10.375 1.00 19.92 ? 34  GLN A O   1 
ATOM   266  C  CB  . GLN A 1 34  ? -3.898  8.833   -8.780  1.00 18.59 ? 34  GLN A CB  1 
ATOM   267  C  CG  . GLN A 1 34  ? -4.096  9.224   -10.242 1.00 21.97 ? 34  GLN A CG  1 
ATOM   268  C  CD  . GLN A 1 34  ? -4.565  8.068   -11.103 1.00 43.63 ? 34  GLN A CD  1 
ATOM   269  O  OE1 . GLN A 1 34  ? -5.639  7.509   -10.880 1.00 49.19 ? 34  GLN A OE1 1 
ATOM   270  N  NE2 . GLN A 1 34  ? -3.759  7.703   -12.095 1.00 57.25 ? 34  GLN A NE2 1 
ATOM   271  N  N   . TYR A 1 35  ? -0.772  8.814   -8.655  1.00 16.03 ? 35  TYR A N   1 
ATOM   272  C  CA  . TYR A 1 35  ? 0.508   9.221   -9.223  1.00 17.12 ? 35  TYR A CA  1 
ATOM   273  C  C   . TYR A 1 35  ? 1.552   8.114   -9.354  1.00 21.83 ? 35  TYR A C   1 
ATOM   274  O  O   . TYR A 1 35  ? 2.146   7.933   -10.420 1.00 20.78 ? 35  TYR A O   1 
ATOM   275  C  CB  . TYR A 1 35  ? 1.095   10.357  -8.380  1.00 14.46 ? 35  TYR A CB  1 
ATOM   276  C  CG  . TYR A 1 35  ? 2.525   10.724  -8.720  1.00 22.59 ? 35  TYR A CG  1 
ATOM   277  C  CD1 . TYR A 1 35  ? 2.842   11.335  -9.934  1.00 22.57 ? 35  TYR A CD1 1 
ATOM   278  C  CD2 . TYR A 1 35  ? 3.560   10.474  -7.819  1.00 18.13 ? 35  TYR A CD2 1 
ATOM   279  C  CE1 . TYR A 1 35  ? 4.156   11.689  -10.241 1.00 32.42 ? 35  TYR A CE1 1 
ATOM   280  C  CE2 . TYR A 1 35  ? 4.875   10.824  -8.114  1.00 20.17 ? 35  TYR A CE2 1 
ATOM   281  C  CZ  . TYR A 1 35  ? 5.165   11.431  -9.328  1.00 31.14 ? 35  TYR A CZ  1 
ATOM   282  O  OH  . TYR A 1 35  ? 6.463   11.789  -9.618  1.00 33.70 ? 35  TYR A OH  1 
ATOM   283  N  N   . ALA A 1 36  ? 1.768   7.362   -8.280  1.00 15.11 ? 36  ALA A N   1 
ATOM   284  C  CA  . ALA A 1 36  ? 2.807   6.339   -8.295  1.00 19.22 ? 36  ALA A CA  1 
ATOM   285  C  C   . ALA A 1 36  ? 2.409   4.877   -8.366  1.00 17.34 ? 36  ALA A C   1 
ATOM   286  O  O   . ALA A 1 36  ? 3.273   4.029   -8.580  1.00 13.32 ? 36  ALA A O   1 
ATOM   287  C  CB  . ALA A 1 36  ? 3.718   6.539   -7.081  1.00 15.62 ? 36  ALA A CB  1 
ATOM   288  N  N   . CYS A 1 37  ? 1.128   4.562   -8.213  1.00 13.79 ? 37  CYS A N   1 
ATOM   289  C  CA  . CYS A 1 37  ? 0.738   3.157   -8.192  1.00 15.35 ? 37  CYS A CA  1 
ATOM   290  C  C   . CYS A 1 37  ? -0.366  2.714   -9.148  1.00 15.15 ? 37  CYS A C   1 
ATOM   291  O  O   . CYS A 1 37  ? -0.374  1.565   -9.591  1.00 16.97 ? 37  CYS A O   1 
ATOM   292  C  CB  . CYS A 1 37  ? 0.314   2.770   -6.767  1.00 13.54 ? 37  CYS A CB  1 
ATOM   293  S  SG  . CYS A 1 37  ? 1.299   3.493   -5.425  1.00 14.59 ? 37  CYS A SG  1 
ATOM   294  N  N   . ALA A 1 38  ? -1.296  3.612   -9.453  1.00 16.02 ? 38  ALA A N   1 
ATOM   295  C  CA  . ALA A 1 38  ? -2.429  3.277   -10.312 1.00 19.40 ? 38  ALA A CA  1 
ATOM   296  C  C   . ALA A 1 38  ? -2.097  2.678   -11.675 1.00 23.32 ? 38  ALA A C   1 
ATOM   297  O  O   . ALA A 1 38  ? -2.882  1.894   -12.214 1.00 19.84 ? 38  ALA A O   1 
ATOM   298  C  CB  . ALA A 1 38  ? -3.321  4.505   -10.488 1.00 14.95 ? 38  ALA A CB  1 
ATOM   299  N  N   . SER A 1 39  ? -0.953  3.042   -12.242 1.00 18.65 ? 39  SER A N   1 
ATOM   300  C  CA  . SER A 1 39  ? -0.576  2.512   -13.547 1.00 21.55 ? 39  SER A CA  1 
ATOM   301  C  C   . SER A 1 39  ? -0.636  0.986   -13.572 1.00 25.62 ? 39  SER A C   1 
ATOM   302  O  O   . SER A 1 39  ? -0.972  0.389   -14.594 1.00 23.62 ? 39  SER A O   1 
ATOM   303  C  CB  . SER A 1 39  ? 0.828   2.988   -13.931 1.00 24.42 ? 39  SER A CB  1 
ATOM   304  O  OG  . SER A 1 39  ? 1.784   2.619   -12.954 1.00 25.81 ? 39  SER A OG  1 
ATOM   305  N  N   . CYS A 1 40  ? -0.323  0.357   -12.442 1.00 16.67 ? 40  CYS A N   1 
ATOM   306  C  CA  . CYS A 1 40  ? -0.348  -1.099  -12.355 1.00 15.49 ? 40  CYS A CA  1 
ATOM   307  C  C   . CYS A 1 40  ? -1.369  -1.643  -11.356 1.00 17.90 ? 40  CYS A C   1 
ATOM   308  O  O   . CYS A 1 40  ? -1.726  -2.816  -11.426 1.00 18.87 ? 40  CYS A O   1 
ATOM   309  C  CB  . CYS A 1 40  ? 1.026   -1.632  -11.952 1.00 22.32 ? 40  CYS A CB  1 
ATOM   310  S  SG  . CYS A 1 40  ? 2.403   -1.067  -12.966 1.00 21.54 ? 40  CYS A SG  1 
ATOM   311  N  N   . HIS A 1 41  ? -1.830  -0.803  -10.432 1.00 16.98 ? 41  HIS A N   1 
ATOM   312  C  CA  . HIS A 1 41  ? -2.780  -1.243  -9.407  1.00 15.95 ? 41  HIS A CA  1 
ATOM   313  C  C   . HIS A 1 41  ? -4.113  -0.497  -9.416  1.00 16.29 ? 41  HIS A C   1 
ATOM   314  O  O   . HIS A 1 41  ? -4.803  -0.455  -8.397  1.00 18.52 ? 41  HIS A O   1 
ATOM   315  C  CB  . HIS A 1 41  ? -2.166  -1.083  -8.007  1.00 18.73 ? 41  HIS A CB  1 
ATOM   316  C  CG  . HIS A 1 41  ? -0.981  -1.961  -7.742  1.00 17.72 ? 41  HIS A CG  1 
ATOM   317  N  ND1 . HIS A 1 41  ? -1.077  -3.331  -7.615  1.00 15.17 ? 41  HIS A ND1 1 
ATOM   318  C  CD2 . HIS A 1 41  ? 0.321   -1.656  -7.526  1.00 17.25 ? 41  HIS A CD2 1 
ATOM   319  C  CE1 . HIS A 1 41  ? 0.112   -3.829  -7.327  1.00 17.23 ? 41  HIS A CE1 1 
ATOM   320  N  NE2 . HIS A 1 41  ? 0.979   -2.832  -7.267  1.00 13.75 ? 41  HIS A NE2 1 
ATOM   321  N  N   . VAL A 1 42  ? -4.480  0.088   -10.549 1.00 20.87 ? 42  VAL A N   1 
ATOM   322  C  CA  . VAL A 1 42  ? -5.736  0.829   -10.626 1.00 22.63 ? 42  VAL A CA  1 
ATOM   323  C  C   . VAL A 1 42  ? -6.900  0.055   -10.006 1.00 19.28 ? 42  VAL A C   1 
ATOM   324  O  O   . VAL A 1 42  ? -7.142  -1.106  -10.332 1.00 18.00 ? 42  VAL A O   1 
ATOM   325  C  CB  . VAL A 1 42  ? -6.086  1.192   -12.091 1.00 25.38 ? 42  VAL A CB  1 
ATOM   326  C  CG1 . VAL A 1 42  ? -6.187  -0.071  -12.934 1.00 27.22 ? 42  VAL A CG1 1 
ATOM   327  C  CG2 . VAL A 1 42  ? -7.393  1.978   -12.134 1.00 25.95 ? 42  VAL A CG2 1 
ATOM   328  N  N   . GLY A 1 43  ? -7.603  0.701   -9.082  1.00 21.12 ? 43  GLY A N   1 
ATOM   329  C  CA  . GLY A 1 43  ? -8.740  0.066   -8.441  1.00 18.05 ? 43  GLY A CA  1 
ATOM   330  C  C   . GLY A 1 43  ? -8.432  -1.119  -7.547  1.00 19.67 ? 43  GLY A C   1 
ATOM   331  O  O   . GLY A 1 43  ? -9.331  -1.885  -7.203  1.00 24.04 ? 43  GLY A O   1 
ATOM   332  N  N   . GLY A 1 44  ? -7.166  -1.291  -7.177  1.00 16.35 ? 44  GLY A N   1 
ATOM   333  C  CA  . GLY A 1 44  ? -6.814  -2.391  -6.297  1.00 15.92 ? 44  GLY A CA  1 
ATOM   334  C  C   . GLY A 1 44  ? -6.367  -3.683  -6.953  1.00 19.17 ? 44  GLY A C   1 
ATOM   335  O  O   . GLY A 1 44  ? -6.079  -4.658  -6.262  1.00 18.31 ? 44  GLY A O   1 
ATOM   336  N  N   . ILE A 1 45  ? -6.316  -3.713  -8.280  1.00 17.19 ? 45  ILE A N   1 
ATOM   337  C  CA  . ILE A 1 45  ? -5.872  -4.917  -8.972  1.00 20.86 ? 45  ILE A CA  1 
ATOM   338  C  C   . ILE A 1 45  ? -4.351  -4.881  -9.065  1.00 24.26 ? 45  ILE A C   1 
ATOM   339  O  O   . ILE A 1 45  ? -3.709  -3.955  -8.566  1.00 16.33 ? 45  ILE A O   1 
ATOM   340  C  CB  . ILE A 1 45  ? -6.418  -4.984  -10.417 1.00 24.66 ? 45  ILE A CB  1 
ATOM   341  C  CG1 . ILE A 1 45  ? -5.792  -3.863  -11.256 1.00 23.39 ? 45  ILE A CG1 1 
ATOM   342  C  CG2 . ILE A 1 45  ? -7.940  -4.866  -10.413 1.00 23.93 ? 45  ILE A CG2 1 
ATOM   343  C  CD1 . ILE A 1 45  ? -6.156  -3.918  -12.733 1.00 33.63 ? 45  ILE A CD1 1 
ATOM   344  N  N   . THR A 1 46  ? -3.785  -5.904  -9.693  1.00 18.09 ? 46  THR A N   1 
ATOM   345  C  CA  . THR A 1 46  ? -2.347  -5.978  -9.921  1.00 20.04 ? 46  THR A CA  1 
ATOM   346  C  C   . THR A 1 46  ? -2.168  -6.547  -11.321 1.00 19.94 ? 46  THR A C   1 
ATOM   347  O  O   . THR A 1 46  ? -2.300  -7.753  -11.532 1.00 19.55 ? 46  THR A O   1 
ATOM   348  C  CB  . THR A 1 46  ? -1.627  -6.898  -8.912  1.00 20.50 ? 46  THR A CB  1 
ATOM   349  O  OG1 . THR A 1 46  ? -1.666  -6.306  -7.608  1.00 17.44 ? 46  THR A OG1 1 
ATOM   350  C  CG2 . THR A 1 46  ? -0.165  -7.088  -9.320  1.00 20.83 ? 46  THR A CG2 1 
ATOM   351  N  N   . LYS A 1 47  ? -1.899  -5.670  -12.282 1.00 21.25 ? 47  LYS A N   1 
ATOM   352  C  CA  . LYS A 1 47  ? -1.702  -6.105  -13.656 1.00 27.89 ? 47  LYS A CA  1 
ATOM   353  C  C   . LYS A 1 47  ? -0.507  -7.053  -13.721 1.00 29.32 ? 47  LYS A C   1 
ATOM   354  O  O   . LYS A 1 47  ? 0.443   -6.917  -12.952 1.00 42.40 ? 47  LYS A O   1 
ATOM   355  C  CB  . LYS A 1 47  ? -1.465  -4.896  -14.563 1.00 29.74 ? 47  LYS A CB  1 
ATOM   356  C  CG  . LYS A 1 47  ? -2.642  -3.933  -14.618 1.00 33.38 ? 47  LYS A CG  1 
ATOM   357  C  CD  . LYS A 1 47  ? -2.348  -2.747  -15.525 1.00 27.98 ? 47  LYS A CD  1 
ATOM   358  C  CE  . LYS A 1 47  ? -3.507  -1.758  -15.524 1.00 31.98 ? 47  LYS A CE  1 
ATOM   359  N  NZ  . LYS A 1 47  ? -3.214  -0.552  -16.352 1.00 40.65 ? 47  LYS A NZ  1 
ATOM   360  N  N   . THR A 1 48  ? -0.577  -8.012  -14.636 1.00 37.38 ? 48  THR A N   1 
ATOM   361  C  CA  . THR A 1 48  ? 0.464   -9.017  -14.851 1.00 30.86 ? 48  THR A CA  1 
ATOM   362  C  C   . THR A 1 48  ? 0.516   -10.095 -13.768 1.00 41.80 ? 48  THR A C   1 
ATOM   363  O  O   . THR A 1 48  ? 1.203   -11.100 -13.930 1.00 32.38 ? 48  THR A O   1 
ATOM   364  C  CB  . THR A 1 48  ? 1.874   -8.381  -15.006 1.00 36.17 ? 48  THR A CB  1 
ATOM   365  O  OG1 . THR A 1 48  ? 2.379   -7.977  -13.729 1.00 34.77 ? 48  THR A OG1 1 
ATOM   366  C  CG2 . THR A 1 48  ? 1.806   -7.171  -15.930 1.00 27.81 ? 48  THR A CG2 1 
ATOM   367  N  N   . ASN A 1 49  ? -0.202  -9.893  -12.666 1.00 24.74 ? 49  ASN A N   1 
ATOM   368  C  CA  . ASN A 1 49  ? -0.237  -10.897 -11.604 1.00 25.33 ? 49  ASN A CA  1 
ATOM   369  C  C   . ASN A 1 49  ? -1.491  -10.695 -10.753 1.00 30.24 ? 49  ASN A C   1 
ATOM   370  O  O   . ASN A 1 49  ? -1.414  -10.335 -9.578  1.00 24.35 ? 49  ASN A O   1 
ATOM   371  C  CB  . ASN A 1 49  ? 1.013   -10.817 -10.725 1.00 27.75 ? 49  ASN A CB  1 
ATOM   372  C  CG  . ASN A 1 49  ? 1.458   -12.183 -10.231 1.00 35.50 ? 49  ASN A CG  1 
ATOM   373  O  OD1 . ASN A 1 49  ? 0.631   -13.045 -9.934  1.00 31.58 ? 49  ASN A OD1 1 
ATOM   374  N  ND2 . ASN A 1 49  ? 2.767   -12.387 -10.133 1.00 29.39 ? 49  ASN A ND2 1 
ATOM   375  N  N   . PRO A 1 50  ? -2.668  -10.946 -11.348 1.00 33.97 ? 50  PRO A N   1 
ATOM   376  C  CA  . PRO A 1 50  ? -4.002  -10.819 -10.749 1.00 34.06 ? 50  PRO A CA  1 
ATOM   377  C  C   . PRO A 1 50  ? -4.197  -11.380 -9.343  1.00 24.27 ? 50  PRO A C   1 
ATOM   378  O  O   . PRO A 1 50  ? -4.898  -10.777 -8.529  1.00 33.07 ? 50  PRO A O   1 
ATOM   379  C  CB  . PRO A 1 50  ? -4.900  -11.517 -11.766 1.00 38.74 ? 50  PRO A CB  1 
ATOM   380  C  CG  . PRO A 1 50  ? -4.215  -11.225 -13.057 1.00 46.45 ? 50  PRO A CG  1 
ATOM   381  C  CD  . PRO A 1 50  ? -2.772  -11.492 -12.714 1.00 35.26 ? 50  PRO A CD  1 
ATOM   382  N  N   . SER A 1 51  ? -3.591  -12.527 -9.056  1.00 25.31 ? 51  SER A N   1 
ATOM   383  C  CA  . SER A 1 51  ? -3.751  -13.146 -7.742  1.00 23.18 ? 51  SER A CA  1 
ATOM   384  C  C   . SER A 1 51  ? -3.096  -12.370 -6.604  1.00 30.20 ? 51  SER A C   1 
ATOM   385  O  O   . SER A 1 51  ? -3.485  -12.522 -5.447  1.00 28.75 ? 51  SER A O   1 
ATOM   386  C  CB  . SER A 1 51  ? -3.203  -14.577 -7.757  1.00 33.14 ? 51  SER A CB  1 
ATOM   387  O  OG  . SER A 1 51  ? -1.793  -14.584 -7.883  1.00 43.90 ? 51  SER A OG  1 
ATOM   388  N  N   . LEU A 1 52  ? -2.101  -11.547 -6.923  1.00 19.04 ? 52  LEU A N   1 
ATOM   389  C  CA  . LEU A 1 52  ? -1.414  -10.768 -5.893  1.00 21.92 ? 52  LEU A CA  1 
ATOM   390  C  C   . LEU A 1 52  ? -1.934  -9.330  -5.860  1.00 22.81 ? 52  LEU A C   1 
ATOM   391  O  O   . LEU A 1 52  ? -1.156  -8.374  -5.921  1.00 19.49 ? 52  LEU A O   1 
ATOM   392  C  CB  . LEU A 1 52  ? 0.101   -10.778 -6.148  1.00 23.68 ? 52  LEU A CB  1 
ATOM   393  C  CG  . LEU A 1 52  ? 0.777   -12.157 -6.191  1.00 19.66 ? 52  LEU A CG  1 
ATOM   394  C  CD1 . LEU A 1 52  ? 2.259   -11.995 -6.511  1.00 24.92 ? 52  LEU A CD1 1 
ATOM   395  C  CD2 . LEU A 1 52  ? 0.598   -12.868 -4.864  1.00 25.93 ? 52  LEU A CD2 1 
ATOM   396  N  N   . ASP A 1 53  ? -3.252  -9.179  -5.746  1.00 19.44 ? 53  ASP A N   1 
ATOM   397  C  CA  . ASP A 1 53  ? -3.868  -7.857  -5.722  1.00 20.24 ? 53  ASP A CA  1 
ATOM   398  C  C   . ASP A 1 53  ? -3.692  -7.128  -4.397  1.00 14.77 ? 53  ASP A C   1 
ATOM   399  O  O   . ASP A 1 53  ? -2.982  -7.589  -3.502  1.00 15.94 ? 53  ASP A O   1 
ATOM   400  C  CB  . ASP A 1 53  ? -5.363  -7.946  -6.056  1.00 21.41 ? 53  ASP A CB  1 
ATOM   401  C  CG  . ASP A 1 53  ? -6.135  -8.820  -5.083  1.00 24.38 ? 53  ASP A CG  1 
ATOM   402  O  OD1 . ASP A 1 53  ? -5.749  -8.894  -3.898  1.00 21.60 ? 53  ASP A OD1 1 
ATOM   403  O  OD2 . ASP A 1 53  ? -7.143  -9.423  -5.507  1.00 30.37 ? 53  ASP A OD2 1 
ATOM   404  N  N   . LEU A 1 54  ? -4.357  -5.985  -4.275  1.00 16.88 ? 54  LEU A N   1 
ATOM   405  C  CA  . LEU A 1 54  ? -4.256  -5.181  -3.068  1.00 12.06 ? 54  LEU A CA  1 
ATOM   406  C  C   . LEU A 1 54  ? -5.444  -5.340  -2.124  1.00 18.35 ? 54  LEU A C   1 
ATOM   407  O  O   . LEU A 1 54  ? -5.702  -4.473  -1.284  1.00 16.67 ? 54  LEU A O   1 
ATOM   408  C  CB  . LEU A 1 54  ? -4.066  -3.710  -3.443  1.00 15.15 ? 54  LEU A CB  1 
ATOM   409  C  CG  . LEU A 1 54  ? -2.862  -3.414  -4.346  1.00 19.68 ? 54  LEU A CG  1 
ATOM   410  C  CD1 . LEU A 1 54  ? -2.710  -1.907  -4.509  1.00 13.32 ? 54  LEU A CD1 1 
ATOM   411  C  CD2 . LEU A 1 54  ? -1.595  -4.023  -3.746  1.00 18.09 ? 54  LEU A CD2 1 
ATOM   412  N  N   . ARG A 1 55  ? -6.176  -6.442  -2.262  1.00 18.57 ? 55  ARG A N   1 
ATOM   413  C  CA  . ARG A 1 55  ? -7.296  -6.682  -1.366  1.00 18.03 ? 55  ARG A CA  1 
ATOM   414  C  C   . ARG A 1 55  ? -6.713  -6.944  0.014   1.00 23.01 ? 55  ARG A C   1 
ATOM   415  O  O   . ARG A 1 55  ? -5.649  -7.548  0.145   1.00 16.75 ? 55  ARG A O   1 
ATOM   416  C  CB  . ARG A 1 55  ? -8.138  -7.867  -1.851  1.00 17.03 ? 55  ARG A CB  1 
ATOM   417  C  CG  . ARG A 1 55  ? -9.047  -7.479  -3.002  1.00 21.99 ? 55  ARG A CG  1 
ATOM   418  C  CD  . ARG A 1 55  ? -9.972  -8.601  -3.428  1.00 30.92 ? 55  ARG A CD  1 
ATOM   419  N  NE  . ARG A 1 55  ? -11.011 -8.094  -4.318  1.00 37.79 ? 55  ARG A NE  1 
ATOM   420  C  CZ  . ARG A 1 55  ? -11.838 -8.860  -5.021  1.00 50.75 ? 55  ARG A CZ  1 
ATOM   421  N  NH1 . ARG A 1 55  ? -11.751 -10.182 -4.945  1.00 50.31 ? 55  ARG A NH1 1 
ATOM   422  N  NH2 . ARG A 1 55  ? -12.755 -8.299  -5.797  1.00 36.25 ? 55  ARG A NH2 1 
ATOM   423  N  N   . THR A 1 56  ? -7.409  -6.487  1.046   1.00 15.13 ? 56  THR A N   1 
ATOM   424  C  CA  . THR A 1 56  ? -6.910  -6.643  2.403   1.00 15.28 ? 56  THR A CA  1 
ATOM   425  C  C   . THR A 1 56  ? -6.598  -8.081  2.796   1.00 19.04 ? 56  THR A C   1 
ATOM   426  O  O   . THR A 1 56  ? -5.581  -8.339  3.440   1.00 17.56 ? 56  THR A O   1 
ATOM   427  C  CB  . THR A 1 56  ? -7.886  -6.025  3.413   1.00 15.03 ? 56  THR A CB  1 
ATOM   428  O  OG1 . THR A 1 56  ? -8.216  -4.697  2.987   1.00 16.31 ? 56  THR A OG1 1 
ATOM   429  C  CG2 . THR A 1 56  ? -7.244  -5.954  4.801   1.00 20.09 ? 56  THR A CG2 1 
ATOM   430  N  N   . GLU A 1 57  ? -7.453  -9.021  2.405   1.00 18.76 ? 57  GLU A N   1 
ATOM   431  C  CA  . GLU A 1 57  ? -7.208  -10.417 2.750   1.00 19.54 ? 57  GLU A CA  1 
ATOM   432  C  C   . GLU A 1 57  ? -5.935  -10.925 2.079   1.00 17.68 ? 57  GLU A C   1 
ATOM   433  O  O   . GLU A 1 57  ? -5.153  -11.654 2.686   1.00 18.23 ? 57  GLU A O   1 
ATOM   434  C  CB  . GLU A 1 57  ? -8.387  -11.300 2.329   1.00 19.72 ? 57  GLU A CB  1 
ATOM   435  C  CG  . GLU A 1 57  ? -8.140  -12.781 2.578   1.00 32.93 ? 57  GLU A CG  1 
ATOM   436  C  CD  . GLU A 1 57  ? -8.142  -13.137 4.054   1.00 58.30 ? 57  GLU A CD  1 
ATOM   437  O  OE1 . GLU A 1 57  ? -7.619  -12.344 4.863   1.00 61.50 ? 57  GLU A OE1 1 
ATOM   438  O  OE2 . GLU A 1 57  ? -8.658  -14.221 4.402   1.00 64.35 ? 57  GLU A OE2 1 
ATOM   439  N  N   . THR A 1 58  ? -5.734  -10.545 0.822   1.00 19.61 ? 58  THR A N   1 
ATOM   440  C  CA  . THR A 1 58  ? -4.543  -10.973 0.089   1.00 19.69 ? 58  THR A CA  1 
ATOM   441  C  C   . THR A 1 58  ? -3.288  -10.441 0.782   1.00 18.84 ? 58  THR A C   1 
ATOM   442  O  O   . THR A 1 58  ? -2.293  -11.153 0.925   1.00 19.17 ? 58  THR A O   1 
ATOM   443  C  CB  . THR A 1 58  ? -4.573  -10.460 -1.358  1.00 18.84 ? 58  THR A CB  1 
ATOM   444  O  OG1 . THR A 1 58  ? -5.865  -10.714 -1.925  1.00 20.70 ? 58  THR A OG1 1 
ATOM   445  C  CG2 . THR A 1 58  ? -3.518  -11.172 -2.201  1.00 18.55 ? 58  THR A CG2 1 
ATOM   446  N  N   . LEU A 1 59  ? -3.348  -9.189  1.225   1.00 16.20 ? 59  LEU A N   1 
ATOM   447  C  CA  . LEU A 1 59  ? -2.220  -8.564  1.913   1.00 18.16 ? 59  LEU A CA  1 
ATOM   448  C  C   . LEU A 1 59  ? -1.960  -9.217  3.268   1.00 18.56 ? 59  LEU A C   1 
ATOM   449  O  O   . LEU A 1 59  ? -0.815  -9.333  3.703   1.00 16.36 ? 59  LEU A O   1 
ATOM   450  C  CB  . LEU A 1 59  ? -2.486  -7.069  2.114   1.00 13.97 ? 59  LEU A CB  1 
ATOM   451  C  CG  . LEU A 1 59  ? -2.651  -6.242  0.838   1.00 14.99 ? 59  LEU A CG  1 
ATOM   452  C  CD1 . LEU A 1 59  ? -3.088  -4.827  1.209   1.00 13.37 ? 59  LEU A CD1 1 
ATOM   453  C  CD2 . LEU A 1 59  ? -1.333  -6.224  0.058   1.00 16.89 ? 59  LEU A CD2 1 
ATOM   454  N  N   . ALA A 1 60  ? -3.028  -9.638  3.937   1.00 18.72 ? 60  ALA A N   1 
ATOM   455  C  CA  . ALA A 1 60  ? -2.903  -10.270 5.247   1.00 17.07 ? 60  ALA A CA  1 
ATOM   456  C  C   . ALA A 1 60  ? -2.213  -11.629 5.165   1.00 12.36 ? 60  ALA A C   1 
ATOM   457  O  O   . ALA A 1 60  ? -1.556  -12.056 6.115   1.00 22.26 ? 60  ALA A O   1 
ATOM   458  C  CB  . ALA A 1 60  ? -4.281  -10.427 5.881   1.00 19.40 ? 60  ALA A CB  1 
ATOM   459  N  N   . LEU A 1 61  ? -2.360  -12.302 4.028   1.00 17.04 ? 61  LEU A N   1 
ATOM   460  C  CA  . LEU A 1 61  ? -1.760  -13.616 3.840   1.00 17.88 ? 61  LEU A CA  1 
ATOM   461  C  C   . LEU A 1 61  ? -0.357  -13.558 3.234   1.00 27.55 ? 61  LEU A C   1 
ATOM   462  O  O   . LEU A 1 61  ? 0.289   -14.587 3.036   1.00 20.32 ? 61  LEU A O   1 
ATOM   463  C  CB  . LEU A 1 61  ? -2.677  -14.490 2.981   1.00 19.61 ? 61  LEU A CB  1 
ATOM   464  C  CG  . LEU A 1 61  ? -4.051  -14.772 3.605   1.00 28.96 ? 61  LEU A CG  1 
ATOM   465  C  CD1 . LEU A 1 61  ? -4.897  -15.588 2.646   1.00 28.88 ? 61  LEU A CD1 1 
ATOM   466  C  CD2 . LEU A 1 61  ? -3.874  -15.510 4.925   1.00 37.68 ? 61  LEU A CD2 1 
ATOM   467  N  N   . ALA A 1 62  ? 0.113   -12.352 2.937   1.00 20.17 ? 62  ALA A N   1 
ATOM   468  C  CA  . ALA A 1 62  ? 1.452   -12.186 2.386   1.00 16.45 ? 62  ALA A CA  1 
ATOM   469  C  C   . ALA A 1 62  ? 2.436   -12.345 3.540   1.00 23.44 ? 62  ALA A C   1 
ATOM   470  O  O   . ALA A 1 62  ? 2.041   -12.332 4.707   1.00 20.52 ? 62  ALA A O   1 
ATOM   471  C  CB  . ALA A 1 62  ? 1.598   -10.792 1.760   1.00 14.84 ? 62  ALA A CB  1 
ATOM   472  N  N   . THR A 1 63  ? 3.715   -12.498 3.211   1.00 17.53 ? 63  THR A N   1 
ATOM   473  C  CA  . THR A 1 63  ? 4.753   -12.638 4.220   1.00 17.46 ? 63  THR A CA  1 
ATOM   474  C  C   . THR A 1 63  ? 5.881   -11.655 3.902   1.00 17.62 ? 63  THR A C   1 
ATOM   475  O  O   . THR A 1 63  ? 6.442   -11.689 2.813   1.00 20.82 ? 63  THR A O   1 
ATOM   476  C  CB  . THR A 1 63  ? 5.349   -14.062 4.230   1.00 22.75 ? 63  THR A CB  1 
ATOM   477  O  OG1 . THR A 1 63  ? 4.307   -15.018 4.465   1.00 23.20 ? 63  THR A OG1 1 
ATOM   478  C  CG2 . THR A 1 63  ? 6.405   -14.187 5.317   1.00 22.13 ? 63  THR A CG2 1 
ATOM   479  N  N   . PRO A 1 64  ? 6.179   -10.729 4.826   1.00 18.48 ? 64  PRO A N   1 
ATOM   480  C  CA  . PRO A 1 64  ? 5.503   -10.568 6.117   1.00 20.98 ? 64  PRO A CA  1 
ATOM   481  C  C   . PRO A 1 64  ? 4.133   -9.953  5.846   1.00 17.63 ? 64  PRO A C   1 
ATOM   482  O  O   . PRO A 1 64  ? 3.847   -9.549  4.715   1.00 17.76 ? 64  PRO A O   1 
ATOM   483  C  CB  . PRO A 1 64  ? 6.428   -9.620  6.868   1.00 24.54 ? 64  PRO A CB  1 
ATOM   484  C  CG  . PRO A 1 64  ? 6.947   -8.737  5.765   1.00 26.53 ? 64  PRO A CG  1 
ATOM   485  C  CD  . PRO A 1 64  ? 7.266   -9.744  4.677   1.00 20.42 ? 64  PRO A CD  1 
ATOM   486  N  N   . PRO A 1 65  ? 3.266   -9.873  6.868   1.00 21.95 ? 65  PRO A N   1 
ATOM   487  C  CA  . PRO A 1 65  ? 1.932   -9.294  6.672   1.00 22.22 ? 65  PRO A CA  1 
ATOM   488  C  C   . PRO A 1 65  ? 2.007   -7.889  6.080   1.00 13.10 ? 65  PRO A C   1 
ATOM   489  O  O   . PRO A 1 65  ? 2.795   -7.060  6.530   1.00 18.99 ? 65  PRO A O   1 
ATOM   490  C  CB  . PRO A 1 65  ? 1.345   -9.291  8.084   1.00 29.07 ? 65  PRO A CB  1 
ATOM   491  C  CG  . PRO A 1 65  ? 2.009   -10.473 8.726   1.00 39.01 ? 65  PRO A CG  1 
ATOM   492  C  CD  . PRO A 1 65  ? 3.439   -10.329 8.259   1.00 27.52 ? 65  PRO A CD  1 
ATOM   493  N  N   . ARG A 1 66  ? 1.184   -7.629  5.072   1.00 14.91 ? 66  ARG A N   1 
ATOM   494  C  CA  . ARG A 1 66  ? 1.168   -6.323  4.426   1.00 13.61 ? 66  ARG A CA  1 
ATOM   495  C  C   . ARG A 1 66  ? -0.184  -5.636  4.615   1.00 16.96 ? 66  ARG A C   1 
ATOM   496  O  O   . ARG A 1 66  ? -0.505  -4.678  3.910   1.00 13.94 ? 66  ARG A O   1 
ATOM   497  C  CB  . ARG A 1 66  ? 1.458   -6.476  2.930   1.00 14.46 ? 66  ARG A CB  1 
ATOM   498  C  CG  . ARG A 1 66  ? 2.778   -7.179  2.611   1.00 16.33 ? 66  ARG A CG  1 
ATOM   499  C  CD  . ARG A 1 66  ? 3.994   -6.406  3.119   1.00 13.62 ? 66  ARG A CD  1 
ATOM   500  N  NE  . ARG A 1 66  ? 5.246   -7.007  2.647   1.00 13.44 ? 66  ARG A NE  1 
ATOM   501  C  CZ  . ARG A 1 66  ? 6.459   -6.542  2.931   1.00 16.84 ? 66  ARG A CZ  1 
ATOM   502  N  NH1 . ARG A 1 66  ? 6.599   -5.464  3.693   1.00 14.14 ? 66  ARG A NH1 1 
ATOM   503  N  NH2 . ARG A 1 66  ? 7.536   -7.146  2.439   1.00 15.93 ? 66  ARG A NH2 1 
ATOM   504  N  N   . ASP A 1 67  ? -0.972  -6.127  5.568   1.00 15.10 ? 67  ASP A N   1 
ATOM   505  C  CA  . ASP A 1 67  ? -2.292  -5.556  5.830   1.00 14.12 ? 67  ASP A CA  1 
ATOM   506  C  C   . ASP A 1 67  ? -2.278  -4.524  6.960   1.00 19.52 ? 67  ASP A C   1 
ATOM   507  O  O   . ASP A 1 67  ? -3.235  -4.408  7.728   1.00 17.03 ? 67  ASP A O   1 
ATOM   508  C  CB  . ASP A 1 67  ? -3.292  -6.677  6.144   1.00 18.90 ? 67  ASP A CB  1 
ATOM   509  C  CG  . ASP A 1 67  ? -2.964  -7.411  7.427   1.00 24.87 ? 67  ASP A CG  1 
ATOM   510  O  OD1 . ASP A 1 67  ? -1.768  -7.623  7.702   1.00 22.57 ? 67  ASP A OD1 1 
ATOM   511  O  OD2 . ASP A 1 67  ? -3.904  -7.790  8.159   1.00 25.77 ? 67  ASP A OD2 1 
ATOM   512  N  N   . ASN A 1 68  ? -1.181  -3.784  7.066   1.00 15.85 ? 68  ASN A N   1 
ATOM   513  C  CA  . ASN A 1 68  ? -1.050  -2.737  8.073   1.00 15.08 ? 68  ASN A CA  1 
ATOM   514  C  C   . ASN A 1 68  ? -0.136  -1.653  7.509   1.00 16.43 ? 68  ASN A C   1 
ATOM   515  O  O   . ASN A 1 68  ? 0.641   -1.910  6.587   1.00 16.46 ? 68  ASN A O   1 
ATOM   516  C  CB  . ASN A 1 68  ? -0.507  -3.301  9.400   1.00 15.84 ? 68  ASN A CB  1 
ATOM   517  C  CG  . ASN A 1 68  ? 0.896   -3.870  9.283   1.00 19.71 ? 68  ASN A CG  1 
ATOM   518  O  OD1 . ASN A 1 68  ? 1.866   -3.132  9.127   1.00 20.23 ? 68  ASN A OD1 1 
ATOM   519  N  ND2 . ASN A 1 68  ? 1.007   -5.190  9.370   1.00 23.61 ? 68  ASN A ND2 1 
ATOM   520  N  N   . ILE A 1 69  ? -0.244  -0.444  8.050   1.00 13.68 ? 69  ILE A N   1 
ATOM   521  C  CA  . ILE A 1 69  ? 0.548   0.686   7.572   1.00 13.24 ? 69  ILE A CA  1 
ATOM   522  C  C   . ILE A 1 69  ? 2.051   0.430   7.501   1.00 18.07 ? 69  ILE A C   1 
ATOM   523  O  O   . ILE A 1 69  ? 2.668   0.630   6.453   1.00 16.95 ? 69  ILE A O   1 
ATOM   524  C  CB  . ILE A 1 69  ? 0.304   1.943   8.434   1.00 12.36 ? 69  ILE A CB  1 
ATOM   525  C  CG1 . ILE A 1 69  ? -1.163  2.371   8.319   1.00 15.87 ? 69  ILE A CG1 1 
ATOM   526  C  CG2 . ILE A 1 69  ? 1.209   3.081   7.975   1.00 15.71 ? 69  ILE A CG2 1 
ATOM   527  C  CD1 . ILE A 1 69  ? -1.592  2.752   6.903   1.00 15.19 ? 69  ILE A CD1 1 
ATOM   528  N  N   . GLU A 1 70  ? 2.645   -0.010  8.604   1.00 17.04 ? 70  GLU A N   1 
ATOM   529  C  CA  . GLU A 1 70  ? 4.081   -0.261  8.616   1.00 16.79 ? 70  GLU A CA  1 
ATOM   530  C  C   . GLU A 1 70  ? 4.509   -1.300  7.587   1.00 18.53 ? 70  GLU A C   1 
ATOM   531  O  O   . GLU A 1 70  ? 5.555   -1.156  6.950   1.00 17.57 ? 70  GLU A O   1 
ATOM   532  C  CB  . GLU A 1 70  ? 4.534   -0.681  10.017  1.00 18.39 ? 70  GLU A CB  1 
ATOM   533  C  CG  . GLU A 1 70  ? 4.718   0.505   10.957  1.00 30.46 ? 70  GLU A CG  1 
ATOM   534  C  CD  . GLU A 1 70  ? 4.959   0.090   12.395  1.00 34.81 ? 70  GLU A CD  1 
ATOM   535  O  OE1 . GLU A 1 70  ? 5.609   -0.952  12.613  1.00 30.91 ? 70  GLU A OE1 1 
ATOM   536  O  OE2 . GLU A 1 70  ? 4.508   0.814   13.309  1.00 46.33 ? 70  GLU A OE2 1 
ATOM   537  N  N   . GLY A 1 71  ? 3.696   -2.337  7.418   1.00 16.49 ? 71  GLY A N   1 
ATOM   538  C  CA  . GLY A 1 71  ? 4.016   -3.375  6.454   1.00 19.75 ? 71  GLY A CA  1 
ATOM   539  C  C   . GLY A 1 71  ? 3.991   -2.865  5.026   1.00 19.68 ? 71  GLY A C   1 
ATOM   540  O  O   . GLY A 1 71  ? 4.812   -3.264  4.202   1.00 15.62 ? 71  GLY A O   1 
ATOM   541  N  N   . LEU A 1 72  ? 3.040   -1.987  4.726   1.00 14.30 ? 72  LEU A N   1 
ATOM   542  C  CA  . LEU A 1 72  ? 2.925   -1.423  3.385   1.00 12.54 ? 72  LEU A CA  1 
ATOM   543  C  C   . LEU A 1 72  ? 4.040   -0.407  3.141   1.00 16.50 ? 72  LEU A C   1 
ATOM   544  O  O   . LEU A 1 72  ? 4.622   -0.362  2.056   1.00 15.73 ? 72  LEU A O   1 
ATOM   545  C  CB  . LEU A 1 72  ? 1.550   -0.772  3.206   1.00 12.40 ? 72  LEU A CB  1 
ATOM   546  C  CG  . LEU A 1 72  ? 0.408   -1.783  3.045   1.00 13.58 ? 72  LEU A CG  1 
ATOM   547  C  CD1 . LEU A 1 72  ? -0.946  -1.092  3.193   1.00 14.98 ? 72  LEU A CD1 1 
ATOM   548  C  CD2 . LEU A 1 72  ? 0.533   -2.452  1.680   1.00 13.24 ? 72  LEU A CD2 1 
ATOM   549  N  N   . VAL A 1 73  ? 4.335   0.411   4.145   1.00 13.55 ? 73  VAL A N   1 
ATOM   550  C  CA  . VAL A 1 73  ? 5.409   1.391   4.007   1.00 13.23 ? 73  VAL A CA  1 
ATOM   551  C  C   . VAL A 1 73  ? 6.721   0.631   3.785   1.00 15.69 ? 73  VAL A C   1 
ATOM   552  O  O   . VAL A 1 73  ? 7.556   1.033   2.973   1.00 16.79 ? 73  VAL A O   1 
ATOM   553  C  CB  . VAL A 1 73  ? 5.520   2.281   5.269   1.00 17.01 ? 73  VAL A CB  1 
ATOM   554  C  CG1 . VAL A 1 73  ? 6.782   3.130   5.205   1.00 16.38 ? 73  VAL A CG1 1 
ATOM   555  C  CG2 . VAL A 1 73  ? 4.294   3.189   5.367   1.00 16.65 ? 73  VAL A CG2 1 
ATOM   556  N  N   A ASP A 1 74  ? 6.889   -0.472  4.507   0.50 15.49 ? 74  ASP A N   1 
ATOM   557  N  N   B ASP A 1 74  ? 6.898   -0.471  4.510   0.50 15.25 ? 74  ASP A N   1 
ATOM   558  C  CA  A ASP A 1 74  ? 8.089   -1.288  4.377   0.50 16.27 ? 74  ASP A CA  1 
ATOM   559  C  CA  B ASP A 1 74  ? 8.099   -1.288  4.366   0.50 16.34 ? 74  ASP A CA  1 
ATOM   560  C  C   A ASP A 1 74  ? 8.178   -1.865  2.965   0.50 13.99 ? 74  ASP A C   1 
ATOM   561  C  C   B ASP A 1 74  ? 8.180   -1.855  2.952   0.50 14.56 ? 74  ASP A C   1 
ATOM   562  O  O   A ASP A 1 74  ? 9.261   -1.959  2.390   0.50 15.95 ? 74  ASP A O   1 
ATOM   563  O  O   B ASP A 1 74  ? 9.259   -1.932  2.364   0.50 16.47 ? 74  ASP A O   1 
ATOM   564  C  CB  A ASP A 1 74  ? 8.062   -2.424  5.402   0.50 18.71 ? 74  ASP A CB  1 
ATOM   565  C  CB  B ASP A 1 74  ? 8.092   -2.439  5.377   0.50 19.06 ? 74  ASP A CB  1 
ATOM   566  C  CG  A ASP A 1 74  ? 9.287   -3.306  5.325   0.50 20.97 ? 74  ASP A CG  1 
ATOM   567  C  CG  B ASP A 1 74  ? 8.365   -1.976  6.793   0.50 24.99 ? 74  ASP A CG  1 
ATOM   568  O  OD1 A ASP A 1 74  ? 10.404  -2.811  5.587   0.50 17.97 ? 74  ASP A OD1 1 
ATOM   569  O  OD1 B ASP A 1 74  ? 8.306   -2.816  7.714   0.50 32.33 ? 74  ASP A OD1 1 
ATOM   570  O  OD2 A ASP A 1 74  ? 9.131   -4.497  4.999   0.50 14.48 ? 74  ASP A OD2 1 
ATOM   571  O  OD2 B ASP A 1 74  ? 8.643   -0.776  6.986   0.50 27.91 ? 74  ASP A OD2 1 
ATOM   572  N  N   . TYR A 1 75  ? 7.033   -2.249  2.409   1.00 11.34 ? 75  TYR A N   1 
ATOM   573  C  CA  . TYR A 1 75  ? 6.992   -2.808  1.062   1.00 12.82 ? 75  TYR A CA  1 
ATOM   574  C  C   . TYR A 1 75  ? 7.405   -1.758  0.027   1.00 18.73 ? 75  TYR A C   1 
ATOM   575  O  O   . TYR A 1 75  ? 8.075   -2.074  -0.957  1.00 14.50 ? 75  TYR A O   1 
ATOM   576  C  CB  . TYR A 1 75  ? 5.589   -3.336  0.740   1.00 13.86 ? 75  TYR A CB  1 
ATOM   577  C  CG  . TYR A 1 75  ? 5.533   -4.153  -0.530  1.00 14.62 ? 75  TYR A CG  1 
ATOM   578  C  CD1 . TYR A 1 75  ? 5.457   -3.538  -1.780  1.00 14.20 ? 75  TYR A CD1 1 
ATOM   579  C  CD2 . TYR A 1 75  ? 5.587   -5.547  -0.484  1.00 14.96 ? 75  TYR A CD2 1 
ATOM   580  C  CE1 . TYR A 1 75  ? 5.441   -4.294  -2.960  1.00 14.95 ? 75  TYR A CE1 1 
ATOM   581  C  CE2 . TYR A 1 75  ? 5.570   -6.311  -1.655  1.00 14.47 ? 75  TYR A CE2 1 
ATOM   582  C  CZ  . TYR A 1 75  ? 5.496   -5.678  -2.885  1.00 14.46 ? 75  TYR A CZ  1 
ATOM   583  O  OH  . TYR A 1 75  ? 5.467   -6.432  -4.039  1.00 13.76 ? 75  TYR A OH  1 
ATOM   584  N  N   . MET A 1 76  ? 7.008   -0.511  0.252   1.00 12.36 ? 76  MET A N   1 
ATOM   585  C  CA  . MET A 1 76  ? 7.357   0.566   -0.669  1.00 13.04 ? 76  MET A CA  1 
ATOM   586  C  C   . MET A 1 76  ? 8.841   0.917   -0.590  1.00 18.38 ? 76  MET A C   1 
ATOM   587  O  O   . MET A 1 76  ? 9.390   1.544   -1.495  1.00 15.45 ? 76  MET A O   1 
ATOM   588  C  CB  . MET A 1 76  ? 6.507   1.805   -0.381  1.00 9.63  ? 76  MET A CB  1 
ATOM   589  C  CG  . MET A 1 76  ? 5.082   1.684   -0.891  1.00 14.40 ? 76  MET A CG  1 
ATOM   590  S  SD  . MET A 1 76  ? 4.050   3.074   -0.398  1.00 15.60 ? 76  MET A SD  1 
ATOM   591  C  CE  . MET A 1 76  ? 2.909   2.257   0.746   1.00 15.74 ? 76  MET A CE  1 
ATOM   592  N  N   . LYS A 1 77  ? 9.487   0.516   0.496   1.00 17.32 ? 77  LYS A N   1 
ATOM   593  C  CA  . LYS A 1 77  ? 10.911  0.785   0.663   1.00 20.72 ? 77  LYS A CA  1 
ATOM   594  C  C   . LYS A 1 77  ? 11.746  -0.408  0.217   1.00 22.41 ? 77  LYS A C   1 
ATOM   595  O  O   . LYS A 1 77  ? 12.785  -0.250  -0.423  1.00 22.66 ? 77  LYS A O   1 
ATOM   596  C  CB  . LYS A 1 77  ? 11.231  1.095   2.130   1.00 15.96 ? 77  LYS A CB  1 
ATOM   597  C  CG  . LYS A 1 77  ? 10.668  2.415   2.630   1.00 19.34 ? 77  LYS A CG  1 
ATOM   598  C  CD  . LYS A 1 77  ? 10.987  2.621   4.100   1.00 22.08 ? 77  LYS A CD  1 
ATOM   599  C  CE  . LYS A 1 77  ? 10.413  3.932   4.611   1.00 20.72 ? 77  LYS A CE  1 
ATOM   600  N  NZ  . LYS A 1 77  ? 10.626  4.079   6.076   1.00 26.88 ? 77  LYS A NZ  1 
ATOM   601  N  N   . ASN A 1 78  ? 11.268  -1.603  0.547   1.00 15.11 ? 78  ASN A N   1 
ATOM   602  C  CA  . ASN A 1 78  ? 11.974  -2.842  0.242   1.00 12.73 ? 78  ASN A CA  1 
ATOM   603  C  C   . ASN A 1 78  ? 10.971  -3.954  -0.073  1.00 17.23 ? 78  ASN A C   1 
ATOM   604  O  O   . ASN A 1 78  ? 10.717  -4.831  0.751   1.00 18.44 ? 78  ASN A O   1 
ATOM   605  C  CB  . ASN A 1 78  ? 12.837  -3.211  1.455   1.00 17.83 ? 78  ASN A CB  1 
ATOM   606  C  CG  . ASN A 1 78  ? 13.621  -4.496  1.265   1.00 29.98 ? 78  ASN A CG  1 
ATOM   607  O  OD1 . ASN A 1 78  ? 14.248  -4.710  0.230   1.00 29.37 ? 78  ASN A OD1 1 
ATOM   608  N  ND2 . ASN A 1 78  ? 13.606  -5.352  2.284   1.00 27.74 ? 78  ASN A ND2 1 
ATOM   609  N  N   . PRO A 1 79  ? 10.395  -3.930  -1.285  1.00 17.39 ? 79  PRO A N   1 
ATOM   610  C  CA  . PRO A 1 79  ? 9.414   -4.926  -1.724  1.00 13.57 ? 79  PRO A CA  1 
ATOM   611  C  C   . PRO A 1 79  ? 9.979   -6.343  -1.767  1.00 16.36 ? 79  PRO A C   1 
ATOM   612  O  O   . PRO A 1 79  ? 11.145  -6.543  -2.101  1.00 14.43 ? 79  PRO A O   1 
ATOM   613  C  CB  . PRO A 1 79  ? 9.005   -4.418  -3.105  1.00 17.42 ? 79  PRO A CB  1 
ATOM   614  C  CG  . PRO A 1 79  ? 10.263  -3.759  -3.601  1.00 13.74 ? 79  PRO A CG  1 
ATOM   615  C  CD  . PRO A 1 79  ? 10.721  -2.997  -2.379  1.00 16.01 ? 79  PRO A CD  1 
ATOM   616  N  N   . THR A 1 80  ? 9.144   -7.319  -1.423  1.00 16.37 ? 80  THR A N   1 
ATOM   617  C  CA  . THR A 1 80  ? 9.551   -8.721  -1.431  1.00 16.50 ? 80  THR A CA  1 
ATOM   618  C  C   . THR A 1 80  ? 8.508   -9.556  -2.157  1.00 17.34 ? 80  THR A C   1 
ATOM   619  O  O   . THR A 1 80  ? 7.406   -9.083  -2.443  1.00 15.75 ? 80  THR A O   1 
ATOM   620  C  CB  . THR A 1 80  ? 9.658   -9.306  -0.004  1.00 17.33 ? 80  THR A CB  1 
ATOM   621  O  OG1 . THR A 1 80  ? 8.358   -9.304  0.605   1.00 15.08 ? 80  THR A OG1 1 
ATOM   622  C  CG2 . THR A 1 80  ? 10.616  -8.495  0.850   1.00 14.64 ? 80  THR A CG2 1 
ATOM   623  N  N   . THR A 1 81  ? 8.869   -10.800 -2.460  1.00 14.88 ? 81  THR A N   1 
ATOM   624  C  CA  . THR A 1 81  ? 7.945   -11.726 -3.098  1.00 14.61 ? 81  THR A CA  1 
ATOM   625  C  C   . THR A 1 81  ? 6.870   -12.025 -2.050  1.00 16.16 ? 81  THR A C   1 
ATOM   626  O  O   . THR A 1 81  ? 7.040   -11.702 -0.871  1.00 18.21 ? 81  THR A O   1 
ATOM   627  C  CB  . THR A 1 81  ? 8.646   -13.041 -3.483  1.00 16.51 ? 81  THR A CB  1 
ATOM   628  O  OG1 . THR A 1 81  ? 9.418   -13.504 -2.368  1.00 14.65 ? 81  THR A OG1 1 
ATOM   629  C  CG2 . THR A 1 81  ? 9.560   -12.830 -4.682  1.00 18.67 ? 81  THR A CG2 1 
ATOM   630  N  N   . TYR A 1 82  ? 5.781   -12.654 -2.477  1.00 14.11 ? 82  TYR A N   1 
ATOM   631  C  CA  . TYR A 1 82  ? 4.670   -12.967 -1.581  1.00 17.76 ? 82  TYR A CA  1 
ATOM   632  C  C   . TYR A 1 82  ? 5.073   -13.788 -0.356  1.00 25.76 ? 82  TYR A C   1 
ATOM   633  O  O   . TYR A 1 82  ? 4.487   -13.628 0.717   1.00 22.18 ? 82  TYR A O   1 
ATOM   634  C  CB  . TYR A 1 82  ? 3.568   -13.691 -2.357  1.00 20.57 ? 82  TYR A CB  1 
ATOM   635  C  CG  . TYR A 1 82  ? 2.210   -13.645 -1.684  1.00 20.15 ? 82  TYR A CG  1 
ATOM   636  C  CD1 . TYR A 1 82  ? 1.524   -12.440 -1.539  1.00 19.65 ? 82  TYR A CD1 1 
ATOM   637  C  CD2 . TYR A 1 82  ? 1.612   -14.809 -1.202  1.00 20.75 ? 82  TYR A CD2 1 
ATOM   638  C  CE1 . TYR A 1 82  ? 0.265   -12.393 -0.929  1.00 20.57 ? 82  TYR A CE1 1 
ATOM   639  C  CE2 . TYR A 1 82  ? 0.357   -14.775 -0.591  1.00 18.39 ? 82  TYR A CE2 1 
ATOM   640  C  CZ  . TYR A 1 82  ? -0.310  -13.569 -0.459  1.00 21.64 ? 82  TYR A CZ  1 
ATOM   641  O  OH  . TYR A 1 82  ? -1.556  -13.538 0.134   1.00 21.20 ? 82  TYR A OH  1 
ATOM   642  N  N   . ASP A 1 83  ? 6.059   -14.672 -0.508  1.00 18.31 ? 83  ASP A N   1 
ATOM   643  C  CA  . ASP A 1 83  ? 6.508   -15.481 0.623   1.00 20.14 ? 83  ASP A CA  1 
ATOM   644  C  C   . ASP A 1 83  ? 7.597   -14.774 1.423   1.00 24.68 ? 83  ASP A C   1 
ATOM   645  O  O   . ASP A 1 83  ? 8.161   -15.340 2.362   1.00 25.88 ? 83  ASP A O   1 
ATOM   646  C  CB  . ASP A 1 83  ? 7.011   -16.857 0.160   1.00 26.30 ? 83  ASP A CB  1 
ATOM   647  C  CG  . ASP A 1 83  ? 8.184   -16.770 -0.799  1.00 33.91 ? 83  ASP A CG  1 
ATOM   648  O  OD1 . ASP A 1 83  ? 8.931   -15.767 -0.763  1.00 23.30 ? 83  ASP A OD1 1 
ATOM   649  O  OD2 . ASP A 1 83  ? 8.370   -17.728 -1.583  1.00 30.20 ? 83  ASP A OD2 1 
ATOM   650  N  N   . GLY A 1 84  ? 7.886   -13.532 1.036   1.00 22.71 ? 84  GLY A N   1 
ATOM   651  C  CA  . GLY A 1 84  ? 8.885   -12.722 1.716   1.00 20.29 ? 84  GLY A CA  1 
ATOM   652  C  C   . GLY A 1 84  ? 10.327  -13.194 1.675   1.00 17.99 ? 84  GLY A C   1 
ATOM   653  O  O   . GLY A 1 84  ? 11.185  -12.624 2.352   1.00 22.60 ? 84  GLY A O   1 
ATOM   654  N  N   A GLU A 1 85  ? 10.601  -14.214 0.870   0.50 18.28 ? 85  GLU A N   1 
ATOM   655  N  N   B GLU A 1 85  ? 10.605  -14.216 0.873   0.50 18.41 ? 85  GLU A N   1 
ATOM   656  C  CA  A GLU A 1 85  ? 11.944  -14.773 0.767   0.50 24.70 ? 85  GLU A CA  1 
ATOM   657  C  CA  B GLU A 1 85  ? 11.954  -14.763 0.784   0.50 24.68 ? 85  GLU A CA  1 
ATOM   658  C  C   A GLU A 1 85  ? 12.928  -14.000 -0.108  0.50 24.06 ? 85  GLU A C   1 
ATOM   659  C  C   B GLU A 1 85  ? 12.940  -13.950 -0.057  0.50 24.14 ? 85  GLU A C   1 
ATOM   660  O  O   A GLU A 1 85  ? 14.137  -14.051 0.125   0.50 22.08 ? 85  GLU A O   1 
ATOM   661  O  O   B GLU A 1 85  ? 14.127  -13.893 0.265   0.50 23.97 ? 85  GLU A O   1 
ATOM   662  C  CB  A GLU A 1 85  ? 11.856  -16.224 0.284   0.50 21.23 ? 85  GLU A CB  1 
ATOM   663  C  CB  B GLU A 1 85  ? 11.891  -16.204 0.269   0.50 20.60 ? 85  GLU A CB  1 
ATOM   664  C  CG  A GLU A 1 85  ? 11.364  -17.192 1.350   0.50 30.73 ? 85  GLU A CG  1 
ATOM   665  C  CG  B GLU A 1 85  ? 11.124  -17.157 1.180   0.50 27.46 ? 85  GLU A CG  1 
ATOM   666  C  CD  A GLU A 1 85  ? 11.058  -18.570 0.798   0.50 33.13 ? 85  GLU A CD  1 
ATOM   667  C  CD  B GLU A 1 85  ? 11.757  -17.310 2.554   0.50 41.51 ? 85  GLU A CD  1 
ATOM   668  O  OE1 A GLU A 1 85  ? 11.898  -19.117 0.053   0.50 41.28 ? 85  GLU A OE1 1 
ATOM   669  O  OE1 B GLU A 1 85  ? 12.824  -16.708 2.800   0.50 46.35 ? 85  GLU A OE1 1 
ATOM   670  O  OE2 A GLU A 1 85  ? 9.977   -19.109 1.116   0.50 50.31 ? 85  GLU A OE2 1 
ATOM   671  O  OE2 B GLU A 1 85  ? 11.185  -18.038 3.391   0.50 45.80 ? 85  GLU A OE2 1 
ATOM   672  N  N   A GLN A 1 86  ? 12.425  -13.288 -1.111  0.50 16.98 ? 86  GLN A N   1 
ATOM   673  N  N   B GLN A 1 86  ? 12.463  -13.328 -1.132  0.50 18.31 ? 86  GLN A N   1 
ATOM   674  C  CA  A GLN A 1 86  ? 13.301  -12.527 -1.999  0.50 20.12 ? 86  GLN A CA  1 
ATOM   675  C  CA  B GLN A 1 86  ? 13.346  -12.527 -1.981  0.50 19.13 ? 86  GLN A CA  1 
ATOM   676  C  C   A GLN A 1 86  ? 12.858  -11.079 -2.167  0.50 17.57 ? 86  GLN A C   1 
ATOM   677  C  C   B GLN A 1 86  ? 12.872  -11.088 -2.133  0.50 17.38 ? 86  GLN A C   1 
ATOM   678  O  O   A GLN A 1 86  ? 11.665  -10.793 -2.271  0.50 18.01 ? 86  GLN A O   1 
ATOM   679  O  O   B GLN A 1 86  ? 11.673  -10.818 -2.197  0.50 18.67 ? 86  GLN A O   1 
ATOM   680  C  CB  A GLN A 1 86  ? 13.363  -13.191 -3.378  0.50 16.89 ? 86  GLN A CB  1 
ATOM   681  C  CB  B GLN A 1 86  ? 13.469  -13.135 -3.383  0.50 17.32 ? 86  GLN A CB  1 
ATOM   682  C  CG  A GLN A 1 86  ? 13.916  -14.610 -3.379  0.50 17.91 ? 86  GLN A CG  1 
ATOM   683  C  CG  B GLN A 1 86  ? 14.029  -14.548 -3.446  0.50 16.27 ? 86  GLN A CG  1 
ATOM   684  C  CD  A GLN A 1 86  ? 15.294  -14.699 -2.758  0.50 24.19 ? 86  GLN A CD  1 
ATOM   685  C  CD  B GLN A 1 86  ? 12.995  -15.598 -3.099  0.50 21.77 ? 86  GLN A CD  1 
ATOM   686  O  OE1 A GLN A 1 86  ? 16.186  -13.921 -3.089  0.50 14.83 ? 86  GLN A OE1 1 
ATOM   687  O  OE1 B GLN A 1 86  ? 11.871  -15.560 -3.597  0.50 35.75 ? 86  GLN A OE1 1 
ATOM   688  N  NE2 A GLN A 1 86  ? 15.478  -15.657 -1.859  0.50 44.26 ? 86  GLN A NE2 1 
ATOM   689  N  NE2 B GLN A 1 86  ? 13.371  -16.549 -2.254  0.50 42.70 ? 86  GLN A NE2 1 
ATOM   690  N  N   . GLU A 1 87  ? 13.827  -10.166 -2.196  1.00 17.06 ? 87  GLU A N   1 
ATOM   691  C  CA  . GLU A 1 87  ? 13.523  -8.750  -2.373  1.00 15.37 ? 87  GLU A CA  1 
ATOM   692  C  C   . GLU A 1 87  ? 13.408  -8.551  -3.886  1.00 15.17 ? 87  GLU A C   1 
ATOM   693  O  O   . GLU A 1 87  ? 14.151  -9.167  -4.656  1.00 16.20 ? 87  GLU A O   1 
ATOM   694  C  CB  . GLU A 1 87  ? 14.640  -7.886  -1.778  1.00 19.13 ? 87  GLU A CB  1 
ATOM   695  C  CG  . GLU A 1 87  ? 14.848  -8.155  -0.292  1.00 21.06 ? 87  GLU A CG  1 
ATOM   696  C  CD  . GLU A 1 87  ? 15.933  -7.301  0.339   1.00 27.23 ? 87  GLU A CD  1 
ATOM   697  O  OE1 . GLU A 1 87  ? 16.861  -6.879  -0.377  1.00 30.33 ? 87  GLU A OE1 1 
ATOM   698  O  OE2 . GLU A 1 87  ? 15.864  -7.067  1.565   1.00 28.43 ? 87  GLU A OE2 1 
ATOM   699  N  N   . ILE A 1 88  ? 12.475  -7.706  -4.315  1.00 12.70 ? 88  ILE A N   1 
ATOM   700  C  CA  . ILE A 1 88  ? 12.256  -7.492  -5.744  1.00 12.24 ? 88  ILE A CA  1 
ATOM   701  C  C   . ILE A 1 88  ? 12.163  -6.028  -6.167  1.00 11.75 ? 88  ILE A C   1 
ATOM   702  O  O   . ILE A 1 88  ? 11.288  -5.647  -6.945  1.00 12.99 ? 88  ILE A O   1 
ATOM   703  C  CB  . ILE A 1 88  ? 10.972  -8.217  -6.197  1.00 13.19 ? 88  ILE A CB  1 
ATOM   704  C  CG1 . ILE A 1 88  ? 9.779   -7.726  -5.367  1.00 19.27 ? 88  ILE A CG1 1 
ATOM   705  C  CG2 . ILE A 1 88  ? 11.152  -9.725  -6.038  1.00 15.70 ? 88  ILE A CG2 1 
ATOM   706  C  CD1 . ILE A 1 88  ? 8.427   -8.258  -5.840  1.00 17.36 ? 88  ILE A CD1 1 
ATOM   707  N  N   . ALA A 1 89  ? 13.086  -5.213  -5.673  1.00 13.20 ? 89  ALA A N   1 
ATOM   708  C  CA  . ALA A 1 89  ? 13.086  -3.796  -5.999  1.00 10.47 ? 89  ALA A CA  1 
ATOM   709  C  C   . ALA A 1 89  ? 13.378  -3.521  -7.473  1.00 13.79 ? 89  ALA A C   1 
ATOM   710  O  O   . ALA A 1 89  ? 12.982  -2.483  -7.996  1.00 14.14 ? 89  ALA A O   1 
ATOM   711  C  CB  . ALA A 1 89  ? 14.098  -3.062  -5.115  1.00 14.26 ? 89  ALA A CB  1 
ATOM   712  N  N   . GLU A 1 90  ? 14.057  -4.445  -8.151  1.00 11.95 ? 90  GLU A N   1 
ATOM   713  C  CA  . GLU A 1 90  ? 14.388  -4.226  -9.560  1.00 12.35 ? 90  GLU A CA  1 
ATOM   714  C  C   . GLU A 1 90  ? 13.148  -4.251  -10.437 1.00 15.80 ? 90  GLU A C   1 
ATOM   715  O  O   . GLU A 1 90  ? 13.091  -3.570  -11.462 1.00 13.29 ? 90  GLU A O   1 
ATOM   716  C  CB  . GLU A 1 90  ? 15.405  -5.273  -10.043 1.00 15.41 ? 90  GLU A CB  1 
ATOM   717  C  CG  . GLU A 1 90  ? 16.099  -4.951  -11.383 1.00 14.56 ? 90  GLU A CG  1 
ATOM   718  C  CD  . GLU A 1 90  ? 15.263  -5.294  -12.610 1.00 20.27 ? 90  GLU A CD  1 
ATOM   719  O  OE1 . GLU A 1 90  ? 14.526  -6.300  -12.576 1.00 15.57 ? 90  GLU A OE1 1 
ATOM   720  O  OE2 . GLU A 1 90  ? 15.361  -4.572  -13.624 1.00 18.28 ? 90  GLU A OE2 1 
ATOM   721  N  N   . VAL A 1 91  ? 12.153  -5.032  -10.027 1.00 12.71 ? 91  VAL A N   1 
ATOM   722  C  CA  . VAL A 1 91  ? 10.907  -5.135  -10.776 1.00 14.05 ? 91  VAL A CA  1 
ATOM   723  C  C   . VAL A 1 91  ? 9.827   -4.251  -10.159 1.00 14.48 ? 91  VAL A C   1 
ATOM   724  O  O   . VAL A 1 91  ? 8.998   -3.687  -10.874 1.00 15.55 ? 91  VAL A O   1 
ATOM   725  C  CB  . VAL A 1 91  ? 10.384  -6.601  -10.809 1.00 15.32 ? 91  VAL A CB  1 
ATOM   726  C  CG1 . VAL A 1 91  ? 8.960   -6.645  -11.357 1.00 19.76 ? 91  VAL A CG1 1 
ATOM   727  C  CG2 . VAL A 1 91  ? 11.294  -7.458  -11.679 1.00 16.40 ? 91  VAL A CG2 1 
ATOM   728  N  N   . HIS A 1 92  ? 9.841   -4.126  -8.836  1.00 13.77 ? 92  HIS A N   1 
ATOM   729  C  CA  . HIS A 1 92  ? 8.823   -3.326  -8.165  1.00 14.62 ? 92  HIS A CA  1 
ATOM   730  C  C   . HIS A 1 92  ? 9.289   -1.964  -7.683  1.00 11.07 ? 92  HIS A C   1 
ATOM   731  O  O   . HIS A 1 92  ? 10.248  -1.862  -6.917  1.00 15.03 ? 92  HIS A O   1 
ATOM   732  C  CB  . HIS A 1 92  ? 8.235   -4.093  -6.974  1.00 15.93 ? 92  HIS A CB  1 
ATOM   733  C  CG  . HIS A 1 92  ? 6.946   -3.512  -6.483  1.00 16.21 ? 92  HIS A CG  1 
ATOM   734  N  ND1 . HIS A 1 92  ? 6.878   -2.300  -5.831  1.00 14.72 ? 92  HIS A ND1 1 
ATOM   735  C  CD2 . HIS A 1 92  ? 5.667   -3.914  -6.670  1.00 15.98 ? 92  HIS A CD2 1 
ATOM   736  C  CE1 . HIS A 1 92  ? 5.608   -1.977  -5.642  1.00 14.29 ? 92  HIS A CE1 1 
ATOM   737  N  NE2 . HIS A 1 92  ? 4.853   -2.938  -6.144  1.00 15.35 ? 92  HIS A NE2 1 
ATOM   738  N  N   . PRO A 1 93  ? 8.605   -0.892  -8.120  1.00 12.76 ? 93  PRO A N   1 
ATOM   739  C  CA  . PRO A 1 93  ? 8.958   0.474   -7.718  1.00 13.34 ? 93  PRO A CA  1 
ATOM   740  C  C   . PRO A 1 93  ? 9.125   0.559   -6.206  1.00 19.71 ? 93  PRO A C   1 
ATOM   741  O  O   . PRO A 1 93  ? 8.293   0.054   -5.453  1.00 15.75 ? 93  PRO A O   1 
ATOM   742  C  CB  . PRO A 1 93  ? 7.770   1.293   -8.213  1.00 14.41 ? 93  PRO A CB  1 
ATOM   743  C  CG  . PRO A 1 93  ? 7.384   0.572   -9.468  1.00 21.92 ? 93  PRO A CG  1 
ATOM   744  C  CD  . PRO A 1 93  ? 7.464   -0.888  -9.055  1.00 15.83 ? 93  PRO A CD  1 
ATOM   745  N  N   . SER A 1 94  ? 10.202  1.194   -5.763  1.00 12.13 ? 94  SER A N   1 
ATOM   746  C  CA  . SER A 1 94  ? 10.459  1.321   -4.337  1.00 10.90 ? 94  SER A CA  1 
ATOM   747  C  C   . SER A 1 94  ? 11.496  2.401   -4.123  1.00 14.77 ? 94  SER A C   1 
ATOM   748  O  O   . SER A 1 94  ? 12.119  2.869   -5.077  1.00 16.97 ? 94  SER A O   1 
ATOM   749  C  CB  . SER A 1 94  ? 10.996  0.004   -3.778  1.00 14.67 ? 94  SER A CB  1 
ATOM   750  O  OG  . SER A 1 94  ? 12.302  -0.249  -4.281  1.00 19.06 ? 94  SER A OG  1 
ATOM   751  N  N   . LEU A 1 95  ? 11.689  2.793   -2.871  1.00 14.19 ? 95  LEU A N   1 
ATOM   752  C  CA  . LEU A 1 95  ? 12.686  3.809   -2.577  1.00 14.54 ? 95  LEU A CA  1 
ATOM   753  C  C   . LEU A 1 95  ? 14.068  3.238   -2.893  1.00 24.86 ? 95  LEU A C   1 
ATOM   754  O  O   . LEU A 1 95  ? 14.961  3.960   -3.329  1.00 22.86 ? 95  LEU A O   1 
ATOM   755  C  CB  . LEU A 1 95  ? 12.600  4.230   -1.108  1.00 16.49 ? 95  LEU A CB  1 
ATOM   756  C  CG  . LEU A 1 95  ? 11.667  5.407   -0.800  1.00 27.32 ? 95  LEU A CG  1 
ATOM   757  C  CD1 . LEU A 1 95  ? 10.276  5.143   -1.346  1.00 28.51 ? 95  LEU A CD1 1 
ATOM   758  C  CD2 . LEU A 1 95  ? 11.627  5.634   0.701   1.00 23.67 ? 95  LEU A CD2 1 
ATOM   759  N  N   . ARG A 1 96  ? 14.234  1.934   -2.694  1.00 16.64 ? 96  ARG A N   1 
ATOM   760  C  CA  . ARG A 1 96  ? 15.514  1.287   -2.966  1.00 16.57 ? 96  ARG A CA  1 
ATOM   761  C  C   . ARG A 1 96  ? 15.822  1.180   -4.457  1.00 21.06 ? 96  ARG A C   1 
ATOM   762  O  O   . ARG A 1 96  ? 16.966  0.949   -4.841  1.00 22.89 ? 96  ARG A O   1 
ATOM   763  C  CB  . ARG A 1 96  ? 15.556  -0.091  -2.293  1.00 22.28 ? 96  ARG A CB  1 
ATOM   764  C  CG  . ARG A 1 96  ? 15.704  0.026   -0.780  1.00 48.44 ? 96  ARG A CG  1 
ATOM   765  C  CD  . ARG A 1 96  ? 15.478  -1.279  -0.030  1.00 45.30 ? 96  ARG A CD  1 
ATOM   766  N  NE  . ARG A 1 96  ? 16.504  -2.281  -0.289  1.00 57.74 ? 96  ARG A NE  1 
ATOM   767  C  CZ  . ARG A 1 96  ? 16.864  -3.211  0.591   1.00 51.08 ? 96  ARG A CZ  1 
ATOM   768  N  NH1 . ARG A 1 96  ? 17.802  -4.094  0.283   1.00 56.87 ? 96  ARG A NH1 1 
ATOM   769  N  NH2 . ARG A 1 96  ? 16.294  -3.245  1.789   1.00 53.70 ? 96  ARG A NH2 1 
ATOM   770  N  N   . SER A 1 97  ? 14.807  1.353   -5.300  1.00 13.63 ? 97  SER A N   1 
ATOM   771  C  CA  . SER A 1 97  ? 15.013  1.310   -6.747  1.00 14.65 ? 97  SER A CA  1 
ATOM   772  C  C   . SER A 1 97  ? 14.540  2.621   -7.373  1.00 16.88 ? 97  SER A C   1 
ATOM   773  O  O   . SER A 1 97  ? 14.117  2.663   -8.530  1.00 13.86 ? 97  SER A O   1 
ATOM   774  C  CB  . SER A 1 97  ? 14.271  0.116   -7.366  1.00 16.35 ? 97  SER A CB  1 
ATOM   775  O  OG  . SER A 1 97  ? 12.917  0.054   -6.945  1.00 18.62 ? 97  SER A OG  1 
ATOM   776  N  N   . ALA A 1 98  ? 14.632  3.699   -6.599  1.00 18.33 ? 98  ALA A N   1 
ATOM   777  C  CA  . ALA A 1 98  ? 14.203  5.016   -7.058  1.00 19.01 ? 98  ALA A CA  1 
ATOM   778  C  C   . ALA A 1 98  ? 15.012  5.529   -8.243  1.00 17.03 ? 98  ALA A C   1 
ATOM   779  O  O   . ALA A 1 98  ? 14.567  6.429   -8.956  1.00 16.39 ? 98  ALA A O   1 
ATOM   780  C  CB  . ALA A 1 98  ? 14.273  6.020   -5.909  1.00 19.38 ? 98  ALA A CB  1 
ATOM   781  N  N   . ASP A 1 99  ? 16.201  4.972   -8.458  1.00 18.39 ? 99  ASP A N   1 
ATOM   782  C  CA  . ASP A 1 99  ? 17.006  5.418   -9.585  1.00 16.37 ? 99  ASP A CA  1 
ATOM   783  C  C   . ASP A 1 99  ? 16.350  5.007   -10.906 1.00 18.54 ? 99  ASP A C   1 
ATOM   784  O  O   . ASP A 1 99  ? 16.311  5.798   -11.848 1.00 18.05 ? 99  ASP A O   1 
ATOM   785  C  CB  . ASP A 1 99  ? 18.457  4.897   -9.469  1.00 17.89 ? 99  ASP A CB  1 
ATOM   786  C  CG  . ASP A 1 99  ? 18.572  3.378   -9.556  1.00 26.75 ? 99  ASP A CG  1 
ATOM   787  O  OD1 . ASP A 1 99  ? 17.612  2.664   -9.200  1.00 19.80 ? 99  ASP A OD1 1 
ATOM   788  O  OD2 . ASP A 1 99  ? 19.655  2.895   -9.965  1.00 20.29 ? 99  ASP A OD2 1 
ATOM   789  N  N   . ILE A 1 100 ? 15.796  3.796   -10.970 1.00 15.11 ? 100 ILE A N   1 
ATOM   790  C  CA  . ILE A 1 100 ? 15.146  3.346   -12.197 1.00 18.46 ? 100 ILE A CA  1 
ATOM   791  C  C   . ILE A 1 100 ? 13.634  3.573   -12.211 1.00 16.22 ? 100 ILE A C   1 
ATOM   792  O  O   . ILE A 1 100 ? 12.983  3.399   -13.241 1.00 16.12 ? 100 ILE A O   1 
ATOM   793  C  CB  . ILE A 1 100 ? 15.442  1.861   -12.486 1.00 20.37 ? 100 ILE A CB  1 
ATOM   794  C  CG1 . ILE A 1 100 ? 14.946  0.980   -11.337 1.00 17.94 ? 100 ILE A CG1 1 
ATOM   795  C  CG2 . ILE A 1 100 ? 16.940  1.677   -12.698 1.00 17.51 ? 100 ILE A CG2 1 
ATOM   796  C  CD1 . ILE A 1 100 ? 15.154  -0.501  -11.584 1.00 19.96 ? 100 ILE A CD1 1 
ATOM   797  N  N   . PHE A 1 101 ? 13.086  3.956   -11.061 1.00 16.79 ? 101 PHE A N   1 
ATOM   798  C  CA  . PHE A 1 101 ? 11.657  4.259   -10.928 1.00 15.52 ? 101 PHE A CA  1 
ATOM   799  C  C   . PHE A 1 101 ? 11.610  5.653   -10.304 1.00 17.14 ? 101 PHE A C   1 
ATOM   800  O  O   . PHE A 1 101 ? 11.335  5.807   -9.111  1.00 18.39 ? 101 PHE A O   1 
ATOM   801  C  CB  . PHE A 1 101 ? 10.968  3.246   -10.007 1.00 17.96 ? 101 PHE A CB  1 
ATOM   802  C  CG  . PHE A 1 101 ? 10.892  1.855   -10.575 1.00 14.96 ? 101 PHE A CG  1 
ATOM   803  C  CD1 . PHE A 1 101 ? 10.133  1.593   -11.712 1.00 16.32 ? 101 PHE A CD1 1 
ATOM   804  C  CD2 . PHE A 1 101 ? 11.569  0.803   -9.966  1.00 11.77 ? 101 PHE A CD2 1 
ATOM   805  C  CE1 . PHE A 1 101 ? 10.048  0.301   -12.238 1.00 23.14 ? 101 PHE A CE1 1 
ATOM   806  C  CE2 . PHE A 1 101 ? 11.491  -0.494  -10.483 1.00 17.66 ? 101 PHE A CE2 1 
ATOM   807  C  CZ  . PHE A 1 101 ? 10.729  -0.744  -11.621 1.00 23.44 ? 101 PHE A CZ  1 
ATOM   808  N  N   . PRO A 1 102 ? 11.886  6.691   -11.114 1.00 20.12 ? 102 PRO A N   1 
ATOM   809  C  CA  . PRO A 1 102 ? 11.917  8.111   -10.746 1.00 20.84 ? 102 PRO A CA  1 
ATOM   810  C  C   . PRO A 1 102 ? 10.791  8.641   -9.866  1.00 18.49 ? 102 PRO A C   1 
ATOM   811  O  O   . PRO A 1 102 ? 11.029  9.474   -8.995  1.00 20.27 ? 102 PRO A O   1 
ATOM   812  C  CB  . PRO A 1 102 ? 11.965  8.815   -12.103 1.00 22.92 ? 102 PRO A CB  1 
ATOM   813  C  CG  . PRO A 1 102 ? 12.727  7.853   -12.941 1.00 30.71 ? 102 PRO A CG  1 
ATOM   814  C  CD  . PRO A 1 102 ? 12.087  6.537   -12.567 1.00 22.31 ? 102 PRO A CD  1 
ATOM   815  N  N   . LYS A 1 103 ? 9.569   8.176   -10.088 1.00 18.86 ? 103 LYS A N   1 
ATOM   816  C  CA  . LYS A 1 103 ? 8.451   8.655   -9.284  1.00 19.01 ? 103 LYS A CA  1 
ATOM   817  C  C   . LYS A 1 103 ? 8.600   8.350   -7.805  1.00 29.37 ? 103 LYS A C   1 
ATOM   818  O  O   . LYS A 1 103 ? 7.918   8.947   -6.978  1.00 26.66 ? 103 LYS A O   1 
ATOM   819  C  CB  . LYS A 1 103 ? 7.135   8.070   -9.788  1.00 22.20 ? 103 LYS A CB  1 
ATOM   820  C  CG  . LYS A 1 103 ? 6.689   8.637   -11.112 1.00 25.51 ? 103 LYS A CG  1 
ATOM   821  C  CD  . LYS A 1 103 ? 5.304   8.137   -11.464 1.00 35.31 ? 103 LYS A CD  1 
ATOM   822  C  CE  . LYS A 1 103 ? 4.819   8.748   -12.760 1.00 39.99 ? 103 LYS A CE  1 
ATOM   823  N  NZ  . LYS A 1 103 ? 3.466   8.249   -13.106 1.00 55.08 ? 103 LYS A NZ  1 
ATOM   824  N  N   . MET A 1 104 ? 9.489   7.424   -7.463  1.00 18.93 ? 104 MET A N   1 
ATOM   825  C  CA  . MET A 1 104 ? 9.685   7.070   -6.064  1.00 12.88 ? 104 MET A CA  1 
ATOM   826  C  C   . MET A 1 104 ? 10.678  7.992   -5.362  1.00 14.56 ? 104 MET A C   1 
ATOM   827  O  O   . MET A 1 104 ? 10.795  7.967   -4.137  1.00 22.88 ? 104 MET A O   1 
ATOM   828  C  CB  . MET A 1 104 ? 10.171  5.622   -5.944  1.00 16.09 ? 104 MET A CB  1 
ATOM   829  C  CG  . MET A 1 104 ? 9.229   4.585   -6.551  1.00 16.91 ? 104 MET A CG  1 
ATOM   830  S  SD  . MET A 1 104 ? 7.540   4.700   -5.900  1.00 18.52 ? 104 MET A SD  1 
ATOM   831  C  CE  . MET A 1 104 ? 7.696   3.784   -4.373  1.00 18.42 ? 104 MET A CE  1 
ATOM   832  N  N   . ARG A 1 105 ? 11.392  8.802   -6.135  1.00 17.79 ? 105 ARG A N   1 
ATOM   833  C  CA  . ARG A 1 105 ? 12.388  9.707   -5.570  1.00 19.80 ? 105 ARG A CA  1 
ATOM   834  C  C   . ARG A 1 105 ? 11.785  10.835  -4.749  1.00 25.39 ? 105 ARG A C   1 
ATOM   835  O  O   . ARG A 1 105 ? 12.390  11.317  -3.794  1.00 34.86 ? 105 ARG A O   1 
ATOM   836  C  CB  . ARG A 1 105 ? 13.219  10.344  -6.692  1.00 22.01 ? 105 ARG A CB  1 
ATOM   837  C  CG  . ARG A 1 105 ? 13.955  9.367   -7.595  1.00 24.51 ? 105 ARG A CG  1 
ATOM   838  C  CD  . ARG A 1 105 ? 14.646  10.109  -8.737  1.00 25.81 ? 105 ARG A CD  1 
ATOM   839  N  NE  . ARG A 1 105 ? 15.275  9.206   -9.698  1.00 27.15 ? 105 ARG A NE  1 
ATOM   840  C  CZ  . ARG A 1 105 ? 15.857  9.609   -10.823 1.00 35.87 ? 105 ARG A CZ  1 
ATOM   841  N  NH1 . ARG A 1 105 ? 15.887  10.901  -11.120 1.00 24.13 ? 105 ARG A NH1 1 
ATOM   842  N  NH2 . ARG A 1 105 ? 16.401  8.726   -11.651 1.00 28.09 ? 105 ARG A NH2 1 
ATOM   843  N  N   A ASN A 1 106 ? 10.582  11.246  -5.122  0.50 22.64 ? 106 ASN A N   1 
ATOM   844  N  N   B ASN A 1 106 ? 10.578  11.241  -5.120  0.50 22.66 ? 106 ASN A N   1 
ATOM   845  C  CA  A ASN A 1 106 ? 9.902   12.348  -4.452  0.50 54.77 ? 106 ASN A CA  1 
ATOM   846  C  CA  B ASN A 1 106 ? 9.905   12.341  -4.447  0.50 54.77 ? 106 ASN A CA  1 
ATOM   847  C  C   A ASN A 1 106 ? 8.940   11.972  -3.323  0.50 47.49 ? 106 ASN A C   1 
ATOM   848  C  C   B ASN A 1 106 ? 8.935   11.968  -3.328  0.50 47.50 ? 106 ASN A C   1 
ATOM   849  O  O   A ASN A 1 106 ? 8.166   12.814  -2.865  0.50 47.34 ? 106 ASN A O   1 
ATOM   850  O  O   B ASN A 1 106 ? 8.156   12.810  -2.874  0.50 47.39 ? 106 ASN A O   1 
ATOM   851  C  CB  A ASN A 1 106 ? 9.168   13.178  -5.507  0.50 59.45 ? 106 ASN A CB  1 
ATOM   852  C  CB  B ASN A 1 106 ? 9.194   13.195  -5.495  0.50 59.49 ? 106 ASN A CB  1 
ATOM   853  C  CG  A ASN A 1 106 ? 8.732   12.345  -6.702  0.50 55.95 ? 106 ASN A CG  1 
ATOM   854  C  CG  B ASN A 1 106 ? 10.168  13.963  -6.369  0.50 56.98 ? 106 ASN A CG  1 
ATOM   855  O  OD1 A ASN A 1 106 ? 8.772   12.802  -7.844  0.50 63.62 ? 106 ASN A OD1 1 
ATOM   856  O  OD1 B ASN A 1 106 ? 9.980   14.087  -7.581  0.50 66.84 ? 106 ASN A OD1 1 
ATOM   857  N  ND2 A ASN A 1 106 ? 8.310   11.117  -6.440  0.50 61.13 ? 106 ASN A ND2 1 
ATOM   858  N  ND2 B ASN A 1 106 ? 11.222  14.487  -5.751  0.50 60.53 ? 106 ASN A ND2 1 
ATOM   859  N  N   . LEU A 1 107 ? 9.009   10.731  -2.846  1.00 34.09 ? 107 LEU A N   1 
ATOM   860  C  CA  . LEU A 1 107 ? 8.117   10.286  -1.770  1.00 26.83 ? 107 LEU A CA  1 
ATOM   861  C  C   . LEU A 1 107 ? 8.698   10.390  -0.357  1.00 25.87 ? 107 LEU A C   1 
ATOM   862  O  O   . LEU A 1 107 ? 9.740   9.811   -0.046  1.00 25.97 ? 107 LEU A O   1 
ATOM   863  C  CB  . LEU A 1 107 ? 7.654   8.852   -2.032  1.00 18.24 ? 107 LEU A CB  1 
ATOM   864  C  CG  . LEU A 1 107 ? 6.961   8.674   -3.386  1.00 20.21 ? 107 LEU A CG  1 
ATOM   865  C  CD1 . LEU A 1 107 ? 6.497   7.240   -3.535  1.00 19.94 ? 107 LEU A CD1 1 
ATOM   866  C  CD2 . LEU A 1 107 ? 5.787   9.643   -3.509  1.00 25.53 ? 107 LEU A CD2 1 
ATOM   867  N  N   . THR A 1 108 ? 8.003   11.135  0.500   1.00 20.97 ? 108 THR A N   1 
ATOM   868  C  CA  . THR A 1 108 ? 8.413   11.313  1.892   1.00 25.35 ? 108 THR A CA  1 
ATOM   869  C  C   . THR A 1 108 ? 7.802   10.200  2.739   1.00 20.65 ? 108 THR A C   1 
ATOM   870  O  O   . THR A 1 108 ? 6.968   9.433   2.257   1.00 18.96 ? 108 THR A O   1 
ATOM   871  C  CB  . THR A 1 108 ? 7.909   12.654  2.458   1.00 26.10 ? 108 THR A CB  1 
ATOM   872  O  OG1 . THR A 1 108 ? 6.474   12.661  2.449   1.00 21.40 ? 108 THR A OG1 1 
ATOM   873  C  CG2 . THR A 1 108 ? 8.420   13.817  1.618   1.00 27.60 ? 108 THR A CG2 1 
ATOM   874  N  N   . GLU A 1 109 ? 8.215   10.110  3.998   1.00 21.54 ? 109 GLU A N   1 
ATOM   875  C  CA  . GLU A 1 109 ? 7.677   9.094   4.894   1.00 21.63 ? 109 GLU A CA  1 
ATOM   876  C  C   . GLU A 1 109 ? 6.170   9.325   5.005   1.00 20.29 ? 109 GLU A C   1 
ATOM   877  O  O   . GLU A 1 109 ? 5.380   8.376   4.971   1.00 19.90 ? 109 GLU A O   1 
ATOM   878  C  CB  . GLU A 1 109 ? 8.333   9.206   6.273   1.00 21.48 ? 109 GLU A CB  1 
ATOM   879  C  CG  . GLU A 1 109 ? 7.898   8.154   7.288   1.00 25.99 ? 109 GLU A CG  1 
ATOM   880  C  CD  . GLU A 1 109 ? 8.231   6.730   6.862   1.00 32.65 ? 109 GLU A CD  1 
ATOM   881  O  OE1 . GLU A 1 109 ? 9.147   6.544   6.036   1.00 29.48 ? 109 GLU A OE1 1 
ATOM   882  O  OE2 . GLU A 1 109 ? 7.585   5.792   7.368   1.00 34.06 ? 109 GLU A OE2 1 
ATOM   883  N  N   . LYS A 1 110 ? 5.776   10.590  5.128   1.00 18.31 ? 110 LYS A N   1 
ATOM   884  C  CA  . LYS A 1 110 ? 4.362   10.935  5.226   1.00 23.43 ? 110 LYS A CA  1 
ATOM   885  C  C   . LYS A 1 110 ? 3.619   10.499  3.968   1.00 22.03 ? 110 LYS A C   1 
ATOM   886  O  O   . LYS A 1 110 ? 2.480   10.029  4.043   1.00 17.11 ? 110 LYS A O   1 
ATOM   887  C  CB  . LYS A 1 110 ? 4.184   12.441  5.436   1.00 26.06 ? 110 LYS A CB  1 
ATOM   888  C  CG  . LYS A 1 110 ? 4.622   12.930  6.808   1.00 33.14 ? 110 LYS A CG  1 
ATOM   889  C  CD  . LYS A 1 110 ? 4.376   14.424  6.966   1.00 38.68 ? 110 LYS A CD  1 
ATOM   890  C  CE  . LYS A 1 110 ? 4.804   14.914  8.340   1.00 47.33 ? 110 LYS A CE  1 
ATOM   891  N  NZ  . LYS A 1 110 ? 4.630   16.388  8.478   1.00 55.67 ? 110 LYS A NZ  1 
ATOM   892  N  N   . ASP A 1 111 ? 4.256   10.661  2.809   1.00 16.04 ? 111 ASP A N   1 
ATOM   893  C  CA  . ASP A 1 111 ? 3.629   10.253  1.554   1.00 14.56 ? 111 ASP A CA  1 
ATOM   894  C  C   . ASP A 1 111 ? 3.408   8.739   1.551   1.00 13.47 ? 111 ASP A C   1 
ATOM   895  O  O   . ASP A 1 111 ? 2.363   8.253   1.109   1.00 15.20 ? 111 ASP A O   1 
ATOM   896  C  CB  . ASP A 1 111 ? 4.503   10.612  0.344   1.00 14.19 ? 111 ASP A CB  1 
ATOM   897  C  CG  . ASP A 1 111 ? 4.647   12.107  0.134   1.00 26.14 ? 111 ASP A CG  1 
ATOM   898  O  OD1 . ASP A 1 111 ? 3.716   12.862  0.477   1.00 18.02 ? 111 ASP A OD1 1 
ATOM   899  O  OD2 . ASP A 1 111 ? 5.693   12.524  -0.401  1.00 21.86 ? 111 ASP A OD2 1 
ATOM   900  N  N   . LEU A 1 112 ? 4.401   7.992   2.024   1.00 13.61 ? 112 LEU A N   1 
ATOM   901  C  CA  . LEU A 1 112 ? 4.291   6.538   2.052   1.00 14.19 ? 112 LEU A CA  1 
ATOM   902  C  C   . LEU A 1 112 ? 3.153   6.098   2.957   1.00 14.94 ? 112 LEU A C   1 
ATOM   903  O  O   . LEU A 1 112 ? 2.412   5.175   2.627   1.00 13.56 ? 112 LEU A O   1 
ATOM   904  C  CB  . LEU A 1 112 ? 5.605   5.903   2.523   1.00 13.40 ? 112 LEU A CB  1 
ATOM   905  C  CG  . LEU A 1 112 ? 6.823   6.207   1.646   1.00 15.24 ? 112 LEU A CG  1 
ATOM   906  C  CD1 . LEU A 1 112 ? 8.018   5.393   2.140   1.00 16.98 ? 112 LEU A CD1 1 
ATOM   907  C  CD2 . LEU A 1 112 ? 6.515   5.874   0.194   1.00 15.46 ? 112 LEU A CD2 1 
ATOM   908  N  N   . VAL A 1 113 ? 3.014   6.763   4.098   1.00 15.82 ? 113 VAL A N   1 
ATOM   909  C  CA  . VAL A 1 113 ? 1.945   6.433   5.030   1.00 15.48 ? 113 VAL A CA  1 
ATOM   910  C  C   . VAL A 1 113 ? 0.589   6.716   4.381   1.00 14.08 ? 113 VAL A C   1 
ATOM   911  O  O   . VAL A 1 113 ? -0.347  5.925   4.511   1.00 14.33 ? 113 VAL A O   1 
ATOM   912  C  CB  . VAL A 1 113 ? 2.080   7.241   6.339   1.00 13.62 ? 113 VAL A CB  1 
ATOM   913  C  CG1 . VAL A 1 113 ? 0.811   7.095   7.182   1.00 15.77 ? 113 VAL A CG1 1 
ATOM   914  C  CG2 . VAL A 1 113 ? 3.290   6.740   7.127   1.00 13.65 ? 113 VAL A CG2 1 
ATOM   915  N  N   . ALA A 1 114 ? 0.488   7.835   3.671   1.00 13.37 ? 114 ALA A N   1 
ATOM   916  C  CA  . ALA A 1 114 ? -0.761  8.195   3.007   1.00 12.15 ? 114 ALA A CA  1 
ATOM   917  C  C   . ALA A 1 114 ? -1.120  7.168   1.931   1.00 16.69 ? 114 ALA A C   1 
ATOM   918  O  O   . ALA A 1 114 ? -2.280  6.788   1.793   1.00 12.85 ? 114 ALA A O   1 
ATOM   919  C  CB  . ALA A 1 114 ? -0.656  9.596   2.389   1.00 17.31 ? 114 ALA A CB  1 
ATOM   920  N  N   . ILE A 1 115 ? -0.129  6.718   1.166   1.00 11.39 ? 115 ILE A N   1 
ATOM   921  C  CA  . ILE A 1 115 ? -0.393  5.727   0.126   1.00 12.94 ? 115 ILE A CA  1 
ATOM   922  C  C   . ILE A 1 115 ? -0.849  4.413   0.769   1.00 12.91 ? 115 ILE A C   1 
ATOM   923  O  O   . ILE A 1 115 ? -1.787  3.771   0.290   1.00 12.14 ? 115 ILE A O   1 
ATOM   924  C  CB  . ILE A 1 115 ? 0.867   5.468   -0.738  1.00 10.41 ? 115 ILE A CB  1 
ATOM   925  C  CG1 . ILE A 1 115 ? 1.209   6.730   -1.539  1.00 10.47 ? 115 ILE A CG1 1 
ATOM   926  C  CG2 . ILE A 1 115 ? 0.632   4.292   -1.682  1.00 13.39 ? 115 ILE A CG2 1 
ATOM   927  C  CD1 . ILE A 1 115 ? 2.554   6.650   -2.276  1.00 19.15 ? 115 ILE A CD1 1 
ATOM   928  N  N   . ALA A 1 116 ? -0.182  4.017   1.851   1.00 11.71 ? 116 ALA A N   1 
ATOM   929  C  CA  . ALA A 1 116 ? -0.540  2.787   2.551   1.00 11.24 ? 116 ALA A CA  1 
ATOM   930  C  C   . ALA A 1 116 ? -1.974  2.923   3.060   1.00 10.21 ? 116 ALA A C   1 
ATOM   931  O  O   . ALA A 1 116 ? -2.770  1.980   2.985   1.00 12.61 ? 116 ALA A O   1 
ATOM   932  C  CB  . ALA A 1 116 ? 0.408   2.551   3.713   1.00 11.35 ? 116 ALA A CB  1 
ATOM   933  N  N   . GLY A 1 117 ? -2.293  4.105   3.578   1.00 11.95 ? 117 GLY A N   1 
ATOM   934  C  CA  . GLY A 1 117 ? -3.637  4.357   4.073   1.00 13.71 ? 117 GLY A CA  1 
ATOM   935  C  C   . GLY A 1 117 ? -4.684  4.205   2.982   1.00 15.95 ? 117 GLY A C   1 
ATOM   936  O  O   . GLY A 1 117 ? -5.780  3.698   3.225   1.00 13.38 ? 117 GLY A O   1 
ATOM   937  N  N   . HIS A 1 118 ? -4.357  4.645   1.771   1.00 11.94 ? 118 HIS A N   1 
ATOM   938  C  CA  . HIS A 1 118 ? -5.295  4.539   0.656   1.00 13.10 ? 118 HIS A CA  1 
ATOM   939  C  C   . HIS A 1 118 ? -5.646  3.080   0.388   1.00 16.21 ? 118 HIS A C   1 
ATOM   940  O  O   . HIS A 1 118 ? -6.810  2.728   0.183   1.00 13.62 ? 118 HIS A O   1 
ATOM   941  C  CB  . HIS A 1 118 ? -4.687  5.141   -0.613  1.00 14.70 ? 118 HIS A CB  1 
ATOM   942  C  CG  . HIS A 1 118 ? -5.624  5.155   -1.781  1.00 17.56 ? 118 HIS A CG  1 
ATOM   943  N  ND1 . HIS A 1 118 ? -6.736  5.968   -1.832  1.00 14.84 ? 118 HIS A ND1 1 
ATOM   944  C  CD2 . HIS A 1 118 ? -5.618  4.453   -2.940  1.00 18.11 ? 118 HIS A CD2 1 
ATOM   945  C  CE1 . HIS A 1 118 ? -7.373  5.769   -2.974  1.00 15.99 ? 118 HIS A CE1 1 
ATOM   946  N  NE2 . HIS A 1 118 ? -6.714  4.855   -3.663  1.00 18.11 ? 118 HIS A NE2 1 
ATOM   947  N  N   . ILE A 1 119 ? -4.623  2.236   0.391   1.00 10.92 ? 119 ILE A N   1 
ATOM   948  C  CA  . ILE A 1 119 ? -4.796  0.815   0.128   1.00 11.11 ? 119 ILE A CA  1 
ATOM   949  C  C   . ILE A 1 119 ? -5.672  0.115   1.170   1.00 15.41 ? 119 ILE A C   1 
ATOM   950  O  O   . ILE A 1 119 ? -6.474  -0.753  0.830   1.00 15.45 ? 119 ILE A O   1 
ATOM   951  C  CB  . ILE A 1 119 ? -3.415  0.119   0.049   1.00 13.01 ? 119 ILE A CB  1 
ATOM   952  C  CG1 . ILE A 1 119 ? -2.680  0.607   -1.207  1.00 15.21 ? 119 ILE A CG1 1 
ATOM   953  C  CG2 . ILE A 1 119 ? -3.575  -1.401  0.036   1.00 13.72 ? 119 ILE A CG2 1 
ATOM   954  C  CD1 . ILE A 1 119 ? -1.230  0.135   -1.314  1.00 13.21 ? 119 ILE A CD1 1 
ATOM   955  N  N   . LEU A 1 120 ? -5.530  0.502   2.433   1.00 13.09 ? 120 LEU A N   1 
ATOM   956  C  CA  . LEU A 1 120 ? -6.314  -0.131  3.491   1.00 12.33 ? 120 LEU A CA  1 
ATOM   957  C  C   . LEU A 1 120 ? -7.709  0.472   3.649   1.00 15.95 ? 120 LEU A C   1 
ATOM   958  O  O   . LEU A 1 120 ? -8.633  -0.204  4.091   1.00 15.77 ? 120 LEU A O   1 
ATOM   959  C  CB  . LEU A 1 120 ? -5.552  -0.064  4.819   1.00 13.05 ? 120 LEU A CB  1 
ATOM   960  C  CG  . LEU A 1 120 ? -4.218  -0.830  4.839   1.00 15.36 ? 120 LEU A CG  1 
ATOM   961  C  CD1 . LEU A 1 120 ? -3.555  -0.681  6.205   1.00 13.14 ? 120 LEU A CD1 1 
ATOM   962  C  CD2 . LEU A 1 120 ? -4.467  -2.307  4.521   1.00 12.59 ? 120 LEU A CD2 1 
ATOM   963  N  N   . VAL A 1 121 ? -7.869  1.736   3.275   1.00 12.75 ? 121 VAL A N   1 
ATOM   964  C  CA  . VAL A 1 121 ? -9.168  2.391   3.402   1.00 12.92 ? 121 VAL A CA  1 
ATOM   965  C  C   . VAL A 1 121 ? -10.144 2.126   2.250   1.00 17.22 ? 121 VAL A C   1 
ATOM   966  O  O   . VAL A 1 121 ? -11.323 1.854   2.483   1.00 18.16 ? 121 VAL A O   1 
ATOM   967  C  CB  . VAL A 1 121 ? -8.996  3.924   3.570   1.00 12.98 ? 121 VAL A CB  1 
ATOM   968  C  CG1 . VAL A 1 121 ? -10.342 4.637   3.421   1.00 16.17 ? 121 VAL A CG1 1 
ATOM   969  C  CG2 . VAL A 1 121 ? -8.400  4.223   4.942   1.00 15.54 ? 121 VAL A CG2 1 
ATOM   970  N  N   . GLU A 1 122 ? -9.664  2.188   1.012   1.00 17.45 ? 122 GLU A N   1 
ATOM   971  C  CA  . GLU A 1 122 ? -10.547 1.995   -0.139  1.00 15.37 ? 122 GLU A CA  1 
ATOM   972  C  C   . GLU A 1 122 ? -11.489 0.794   -0.111  1.00 18.09 ? 122 GLU A C   1 
ATOM   973  O  O   . GLU A 1 122 ? -12.671 0.935   -0.418  1.00 19.15 ? 122 GLU A O   1 
ATOM   974  C  CB  . GLU A 1 122 ? -9.735  1.989   -1.436  1.00 16.00 ? 122 GLU A CB  1 
ATOM   975  C  CG  . GLU A 1 122 ? -9.226  3.372   -1.800  1.00 15.85 ? 122 GLU A CG  1 
ATOM   976  C  CD  . GLU A 1 122 ? -10.354 4.377   -1.992  1.00 21.77 ? 122 GLU A CD  1 
ATOM   977  O  OE1 . GLU A 1 122 ? -10.112 5.586   -1.820  1.00 27.19 ? 122 GLU A OE1 1 
ATOM   978  O  OE2 . GLU A 1 122 ? -11.480 3.960   -2.328  1.00 25.99 ? 122 GLU A OE2 1 
ATOM   979  N  N   . PRO A 1 123 ? -10.992 -0.402  0.246   1.00 20.39 ? 123 PRO A N   1 
ATOM   980  C  CA  . PRO A 1 123 ? -11.929 -1.529  0.263   1.00 19.84 ? 123 PRO A CA  1 
ATOM   981  C  C   . PRO A 1 123 ? -13.087 -1.326  1.244   1.00 25.02 ? 123 PRO A C   1 
ATOM   982  O  O   . PRO A 1 123 ? -14.169 -1.891  1.065   1.00 24.25 ? 123 PRO A O   1 
ATOM   983  C  CB  . PRO A 1 123 ? -11.039 -2.722  0.628   1.00 20.80 ? 123 PRO A CB  1 
ATOM   984  C  CG  . PRO A 1 123 ? -9.915  -2.098  1.401   1.00 20.59 ? 123 PRO A CG  1 
ATOM   985  C  CD  . PRO A 1 123 ? -9.633  -0.836  0.617   1.00 18.42 ? 123 PRO A CD  1 
ATOM   986  N  N   . LYS A 1 124 ? -12.864 -0.513  2.271   1.00 18.56 ? 124 LYS A N   1 
ATOM   987  C  CA  . LYS A 1 124 ? -13.910 -0.244  3.253   1.00 20.00 ? 124 LYS A CA  1 
ATOM   988  C  C   . LYS A 1 124 ? -14.960 0.697   2.681   1.00 29.29 ? 124 LYS A C   1 
ATOM   989  O  O   . LYS A 1 124 ? -16.058 0.819   3.222   1.00 30.60 ? 124 LYS A O   1 
ATOM   990  C  CB  . LYS A 1 124 ? -13.324 0.383   4.511   1.00 20.40 ? 124 LYS A CB  1 
ATOM   991  C  CG  . LYS A 1 124 ? -12.390 -0.504  5.291   1.00 20.98 ? 124 LYS A CG  1 
ATOM   992  C  CD  . LYS A 1 124 ? -11.971 0.232   6.542   1.00 25.98 ? 124 LYS A CD  1 
ATOM   993  C  CE  . LYS A 1 124 ? -10.945 -0.518  7.331   1.00 26.93 ? 124 LYS A CE  1 
ATOM   994  N  NZ  . LYS A 1 124 ? -10.557 0.289   8.516   1.00 20.56 ? 124 LYS A NZ  1 
ATOM   995  N  N   . ILE A 1 125 ? -14.610 1.370   1.591   1.00 27.76 ? 125 ILE A N   1 
ATOM   996  C  CA  . ILE A 1 125 ? -15.516 2.304   0.937   1.00 27.47 ? 125 ILE A CA  1 
ATOM   997  C  C   . ILE A 1 125 ? -16.131 1.693   -0.318  1.00 32.89 ? 125 ILE A C   1 
ATOM   998  O  O   . ILE A 1 125 ? -17.322 1.859   -0.577  1.00 31.70 ? 125 ILE A O   1 
ATOM   999  C  CB  . ILE A 1 125 ? -14.780 3.600   0.518   1.00 19.42 ? 125 ILE A CB  1 
ATOM   1000 C  CG1 . ILE A 1 125 ? -14.234 4.321   1.752   1.00 25.56 ? 125 ILE A CG1 1 
ATOM   1001 C  CG2 . ILE A 1 125 ? -15.725 4.511   -0.254  1.00 34.08 ? 125 ILE A CG2 1 
ATOM   1002 C  CD1 . ILE A 1 125 ? -13.407 5.552   1.424   1.00 25.20 ? 125 ILE A CD1 1 
ATOM   1003 N  N   . LEU A 1 126 ? -15.316 0.979   -1.087  1.00 26.54 ? 126 LEU A N   1 
ATOM   1004 C  CA  . LEU A 1 126 ? -15.768 0.376   -2.337  1.00 24.12 ? 126 LEU A CA  1 
ATOM   1005 C  C   . LEU A 1 126 ? -16.162 -1.094  -2.259  1.00 28.20 ? 126 LEU A C   1 
ATOM   1006 O  O   . LEU A 1 126 ? -16.731 -1.631  -3.208  1.00 28.85 ? 126 LEU A O   1 
ATOM   1007 C  CB  . LEU A 1 126 ? -14.686 0.534   -3.407  1.00 27.91 ? 126 LEU A CB  1 
ATOM   1008 C  CG  . LEU A 1 126 ? -14.190 1.953   -3.688  1.00 27.30 ? 126 LEU A CG  1 
ATOM   1009 C  CD1 . LEU A 1 126 ? -12.988 1.892   -4.619  1.00 27.92 ? 126 LEU A CD1 1 
ATOM   1010 C  CD2 . LEU A 1 126 ? -15.308 2.785   -4.293  1.00 28.81 ? 126 LEU A CD2 1 
ATOM   1011 N  N   . GLY A 1 127 ? -15.862 -1.748  -1.144  1.00 23.37 ? 127 GLY A N   1 
ATOM   1012 C  CA  . GLY A 1 127 ? -16.202 -3.155  -1.023  1.00 29.10 ? 127 GLY A CA  1 
ATOM   1013 C  C   . GLY A 1 127 ? -15.481 -3.988  -2.069  1.00 33.11 ? 127 GLY A C   1 
ATOM   1014 O  O   . GLY A 1 127 ? -14.304 -3.754  -2.345  1.00 28.84 ? 127 GLY A O   1 
ATOM   1015 N  N   . ASP A 1 128 ? -16.182 -4.951  -2.663  1.00 26.15 ? 128 ASP A N   1 
ATOM   1016 C  CA  . ASP A 1 128 ? -15.580 -5.816  -3.676  1.00 29.29 ? 128 ASP A CA  1 
ATOM   1017 C  C   . ASP A 1 128 ? -15.125 -5.096  -4.941  1.00 27.00 ? 128 ASP A C   1 
ATOM   1018 O  O   . ASP A 1 128 ? -14.418 -5.678  -5.759  1.00 31.80 ? 128 ASP A O   1 
ATOM   1019 C  CB  . ASP A 1 128 ? -16.542 -6.944  -4.063  1.00 40.77 ? 128 ASP A CB  1 
ATOM   1020 C  CG  . ASP A 1 128 ? -16.741 -7.949  -2.948  1.00 60.29 ? 128 ASP A CG  1 
ATOM   1021 O  OD1 . ASP A 1 128 ? -15.730 -8.414  -2.379  1.00 65.62 ? 128 ASP A OD1 1 
ATOM   1022 O  OD2 . ASP A 1 128 ? -17.907 -8.282  -2.646  1.00 74.47 ? 128 ASP A OD2 1 
ATOM   1023 N  N   . LYS A 1 129 ? -15.529 -3.842  -5.116  1.00 27.09 ? 129 LYS A N   1 
ATOM   1024 C  CA  . LYS A 1 129 ? -15.115 -3.103  -6.303  1.00 26.18 ? 129 LYS A CA  1 
ATOM   1025 C  C   . LYS A 1 129 ? -13.604 -2.887  -6.259  1.00 35.41 ? 129 LYS A C   1 
ATOM   1026 O  O   . LYS A 1 129 ? -12.958 -2.717  -7.292  1.00 31.29 ? 129 LYS A O   1 
ATOM   1027 C  CB  . LYS A 1 129 ? -15.838 -1.758  -6.390  1.00 33.08 ? 129 LYS A CB  1 
ATOM   1028 C  CG  . LYS A 1 129 ? -17.348 -1.887  -6.539  1.00 43.10 ? 129 LYS A CG  1 
ATOM   1029 C  CD  . LYS A 1 129 ? -17.990 -0.588  -7.002  1.00 50.43 ? 129 LYS A CD  1 
ATOM   1030 C  CE  . LYS A 1 129 ? -17.735 -0.328  -8.482  1.00 64.70 ? 129 LYS A CE  1 
ATOM   1031 N  NZ  . LYS A 1 129 ? -16.289 -0.179  -8.813  1.00 76.41 ? 129 LYS A NZ  1 
ATOM   1032 N  N   . TRP A 1 130 ? -13.048 -2.893  -5.050  1.00 29.43 ? 130 TRP A N   1 
ATOM   1033 C  CA  . TRP A 1 130 ? -11.610 -2.727  -4.876  1.00 26.32 ? 130 TRP A CA  1 
ATOM   1034 C  C   . TRP A 1 130 ? -10.974 -4.093  -5.081  1.00 19.26 ? 130 TRP A C   1 
ATOM   1035 O  O   . TRP A 1 130 ? -11.287 -5.047  -4.367  1.00 23.76 ? 130 TRP A O   1 
ATOM   1036 C  CB  . TRP A 1 130 ? -11.294 -2.196  -3.471  1.00 24.77 ? 130 TRP A CB  1 
ATOM   1037 C  CG  . TRP A 1 130 ? -9.818  -2.119  -3.156  1.00 23.47 ? 130 TRP A CG  1 
ATOM   1038 C  CD1 . TRP A 1 130 ? -9.083  -3.021  -2.438  1.00 24.12 ? 130 TRP A CD1 1 
ATOM   1039 C  CD2 . TRP A 1 130 ? -8.906  -1.086  -3.554  1.00 19.04 ? 130 TRP A CD2 1 
ATOM   1040 N  NE1 . TRP A 1 130 ? -7.769  -2.612  -2.361  1.00 20.72 ? 130 TRP A NE1 1 
ATOM   1041 C  CE2 . TRP A 1 130 ? -7.633  -1.428  -3.038  1.00 16.26 ? 130 TRP A CE2 1 
ATOM   1042 C  CE3 . TRP A 1 130 ? -9.038  0.094   -4.297  1.00 17.69 ? 130 TRP A CE3 1 
ATOM   1043 C  CZ2 . TRP A 1 130 ? -6.500  -0.630  -3.241  1.00 16.31 ? 130 TRP A CZ2 1 
ATOM   1044 C  CZ3 . TRP A 1 130 ? -7.913  0.889   -4.500  1.00 19.87 ? 130 TRP A CZ3 1 
ATOM   1045 C  CH2 . TRP A 1 130 ? -6.659  0.521   -3.972  1.00 16.87 ? 130 TRP A CH2 1 
ATOM   1046 N  N   . GLY A 1 131 ? -10.087 -4.181  -6.067  1.00 21.92 ? 131 GLY A N   1 
ATOM   1047 C  CA  . GLY A 1 131 ? -9.422  -5.434  -6.366  1.00 27.03 ? 131 GLY A CA  1 
ATOM   1048 C  C   . GLY A 1 131 ? -10.151 -6.189  -7.462  1.00 43.24 ? 131 GLY A C   1 
ATOM   1049 O  O   . GLY A 1 131 ? -9.934  -7.412  -7.587  1.00 56.38 ? 131 GLY A O   1 
HETATM 1050 P  P   . PO4 B 2 .   ? 16.495  -6.861  -5.775  1.00 16.34 ? 145 PO4 A P   1 
HETATM 1051 O  O1  . PO4 B 2 .   ? 16.545  -8.291  -5.354  1.00 17.08 ? 145 PO4 A O1  1 
HETATM 1052 O  O2  . PO4 B 2 .   ? 15.691  -6.733  -7.008  1.00 14.57 ? 145 PO4 A O2  1 
HETATM 1053 O  O3  . PO4 B 2 .   ? 17.876  -6.374  -6.023  1.00 17.72 ? 145 PO4 A O3  1 
HETATM 1054 O  O4  . PO4 B 2 .   ? 15.870  -6.048  -4.697  1.00 15.15 ? 145 PO4 A O4  1 
HETATM 1055 P  P   . PO4 C 2 .   ? 13.298  -6.680  -15.739 0.91 29.81 ? 146 PO4 A P   1 
HETATM 1056 O  O1  . PO4 C 2 .   ? 13.638  -7.707  -14.714 0.91 14.07 ? 146 PO4 A O1  1 
HETATM 1057 O  O2  . PO4 C 2 .   ? 13.079  -7.339  -17.049 0.91 26.49 ? 146 PO4 A O2  1 
HETATM 1058 O  O3  . PO4 C 2 .   ? 14.416  -5.705  -15.856 0.91 27.33 ? 146 PO4 A O3  1 
HETATM 1059 O  O4  . PO4 C 2 .   ? 12.057  -5.964  -15.331 0.91 27.47 ? 146 PO4 A O4  1 
HETATM 1060 P  P   . PO4 D 2 .   ? -12.960 6.709   -3.624  0.91 36.51 ? 147 PO4 A P   1 
HETATM 1061 O  O1  . PO4 D 2 .   ? -13.444 5.310   -3.489  0.91 41.65 ? 147 PO4 A O1  1 
HETATM 1062 O  O2  . PO4 D 2 .   ? -12.151 6.834   -4.863  0.91 38.67 ? 147 PO4 A O2  1 
HETATM 1063 O  O3  . PO4 D 2 .   ? -12.125 7.059   -2.449  0.91 28.64 ? 147 PO4 A O3  1 
HETATM 1064 O  O4  . PO4 D 2 .   ? -14.124 7.628   -3.697  0.91 51.22 ? 147 PO4 A O4  1 
HETATM 1065 P  P   . PO4 E 2 .   ? -9.327  4.663   -6.115  0.70 29.94 ? 148 PO4 A P   1 
HETATM 1066 O  O1  . PO4 E 2 .   ? -10.111 3.401   -6.095  0.70 26.22 ? 148 PO4 A O1  1 
HETATM 1067 O  O2  . PO4 E 2 .   ? -9.555  5.369   -7.401  0.70 37.72 ? 148 PO4 A O2  1 
HETATM 1068 O  O3  . PO4 E 2 .   ? -7.882  4.352   -5.970  0.70 17.76 ? 148 PO4 A O3  1 
HETATM 1069 O  O4  . PO4 E 2 .   ? -9.760  5.534   -4.990  0.70 25.84 ? 148 PO4 A O4  1 
HETATM 1070 P  P   . PO4 F 2 .   ? -0.012  14.668  6.547   0.81 56.80 ? 149 PO4 A P   1 
HETATM 1071 O  O1  . PO4 F 2 .   ? 0.519   13.708  5.543   0.81 32.93 ? 149 PO4 A O1  1 
HETATM 1072 O  O2  . PO4 F 2 .   ? -0.096  14.002  7.871   0.81 53.81 ? 149 PO4 A O2  1 
HETATM 1073 O  O3  . PO4 F 2 .   ? -1.364  15.120  6.132   0.81 44.96 ? 149 PO4 A O3  1 
HETATM 1074 O  O4  . PO4 F 2 .   ? 0.896   15.839  6.639   0.81 60.11 ? 149 PO4 A O4  1 
HETATM 1075 C  C   . BCT G 3 .   ? 5.487   -13.781 -6.142  1.00 32.89 ? 150 BCT A C   1 
HETATM 1076 O  O1  . BCT G 3 .   ? 5.369   -15.007 -5.838  1.00 26.50 ? 150 BCT A O1  1 
HETATM 1077 O  O2  . BCT G 3 .   ? 5.728   -12.909 -5.224  1.00 17.30 ? 150 BCT A O2  1 
HETATM 1078 O  O3  . BCT G 3 .   ? 5.352   -13.497 -7.372  1.00 23.33 ? 150 BCT A O3  1 
HETATM 1079 FE FE  . HEC H 4 .   ? 2.928   -2.883  -6.751  1.00 14.57 ? 151 HEC A FE  1 
HETATM 1080 C  CHA . HEC H 4 .   ? 2.670   -6.188  -5.820  1.00 13.50 ? 151 HEC A CHA 1 
HETATM 1081 C  CHB . HEC H 4 .   ? 2.075   -1.910  -3.568  1.00 9.96  ? 151 HEC A CHB 1 
HETATM 1082 C  CHC . HEC H 4 .   ? 3.319   0.444   -7.652  1.00 12.17 ? 151 HEC A CHC 1 
HETATM 1083 C  CHD . HEC H 4 .   ? 3.573   -3.834  -9.963  1.00 15.73 ? 151 HEC A CHD 1 
HETATM 1084 N  NA  . HEC H 4 .   ? 2.451   -3.845  -5.081  1.00 14.11 ? 151 HEC A NA  1 
HETATM 1085 C  C1A . HEC H 4 .   ? 2.391   -5.215  -4.868  1.00 14.15 ? 151 HEC A C1A 1 
HETATM 1086 C  C2A . HEC H 4 .   ? 2.045   -5.512  -3.491  1.00 14.18 ? 151 HEC A C2A 1 
HETATM 1087 C  C3A . HEC H 4 .   ? 1.910   -4.320  -2.859  1.00 14.29 ? 151 HEC A C3A 1 
HETATM 1088 C  C4A . HEC H 4 .   ? 2.130   -3.287  -3.845  1.00 11.61 ? 151 HEC A C4A 1 
HETATM 1089 C  CMA . HEC H 4 .   ? 1.633   -4.116  -1.370  1.00 14.56 ? 151 HEC A CMA 1 
HETATM 1090 C  CAA . HEC H 4 .   ? 1.861   -6.896  -2.842  1.00 17.85 ? 151 HEC A CAA 1 
HETATM 1091 C  CBA . HEC H 4 .   ? 0.435   -7.388  -3.087  1.00 14.92 ? 151 HEC A CBA 1 
HETATM 1092 C  CGA . HEC H 4 .   ? 0.097   -8.647  -2.304  1.00 22.73 ? 151 HEC A CGA 1 
HETATM 1093 O  O1A . HEC H 4 .   ? -1.055  -9.124  -2.410  1.00 19.73 ? 151 HEC A O1A 1 
HETATM 1094 O  O2A . HEC H 4 .   ? 0.976   -9.159  -1.582  1.00 15.97 ? 151 HEC A O2A 1 
HETATM 1095 N  NB  . HEC H 4 .   ? 2.756   -1.130  -5.822  1.00 13.18 ? 151 HEC A NB  1 
HETATM 1096 C  C1B . HEC H 4 .   ? 2.363   -0.907  -4.503  1.00 13.85 ? 151 HEC A C1B 1 
HETATM 1097 C  C2B . HEC H 4 .   ? 2.350   0.506   -4.199  1.00 13.06 ? 151 HEC A C2B 1 
HETATM 1098 C  C3B . HEC H 4 .   ? 2.759   1.191   -5.311  1.00 12.90 ? 151 HEC A C3B 1 
HETATM 1099 C  C4B . HEC H 4 .   ? 2.988   0.163   -6.329  1.00 12.27 ? 151 HEC A C4B 1 
HETATM 1100 C  CMB . HEC H 4 .   ? 1.889   1.118   -2.879  1.00 12.80 ? 151 HEC A CMB 1 
HETATM 1101 C  CAB . HEC H 4 .   ? 2.891   2.591   -5.445  1.00 12.01 ? 151 HEC A CAB 1 
HETATM 1102 C  CBB . HEC H 4 .   ? 3.791   3.328   -4.661  1.00 15.26 ? 151 HEC A CBB 1 
HETATM 1103 N  NC  . HEC H 4 .   ? 3.379   -1.909  -8.415  1.00 12.45 ? 151 HEC A NC  1 
HETATM 1104 C  C1C . HEC H 4 .   ? 3.502   -0.533  -8.629  1.00 15.03 ? 151 HEC A C1C 1 
HETATM 1105 C  C2C . HEC H 4 .   ? 3.740   -0.238  -10.029 1.00 14.96 ? 151 HEC A C2C 1 
HETATM 1106 C  C3C . HEC H 4 .   ? 3.800   -1.427  -10.685 1.00 11.71 ? 151 HEC A C3C 1 
HETATM 1107 C  C4C . HEC H 4 .   ? 3.583   -2.466  -9.677  1.00 15.18 ? 151 HEC A C4C 1 
HETATM 1108 C  CMC . HEC H 4 .   ? 3.794   1.156   -10.668 1.00 15.10 ? 151 HEC A CMC 1 
HETATM 1109 C  CAC . HEC H 4 .   ? 3.896   -1.626  -12.073 1.00 20.01 ? 151 HEC A CAC 1 
HETATM 1110 C  CBC . HEC H 4 .   ? 5.013   -1.227  -12.789 1.00 19.75 ? 151 HEC A CBC 1 
HETATM 1111 N  ND  . HEC H 4 .   ? 3.073   -4.626  -7.686  1.00 15.01 ? 151 HEC A ND  1 
HETATM 1112 C  C1D . HEC H 4 .   ? 3.363   -4.842  -9.030  1.00 19.12 ? 151 HEC A C1D 1 
HETATM 1113 C  C2D . HEC H 4 .   ? 3.518   -6.257  -9.310  1.00 16.74 ? 151 HEC A C2D 1 
HETATM 1114 C  C3D . HEC H 4 .   ? 3.306   -6.916  -8.139  1.00 13.21 ? 151 HEC A C3D 1 
HETATM 1115 C  C4D . HEC H 4 .   ? 2.992   -5.912  -7.143  1.00 12.87 ? 151 HEC A C4D 1 
HETATM 1116 C  CMD . HEC H 4 .   ? 3.816   -6.891  -10.666 1.00 18.02 ? 151 HEC A CMD 1 
HETATM 1117 C  CAD . HEC H 4 .   ? 3.509   -8.400  -7.863  1.00 14.08 ? 151 HEC A CAD 1 
HETATM 1118 C  CBD . HEC H 4 .   ? 4.983   -8.654  -7.572  1.00 14.69 ? 151 HEC A CBD 1 
HETATM 1119 C  CGD . HEC H 4 .   ? 5.268   -10.095 -7.206  1.00 19.07 ? 151 HEC A CGD 1 
HETATM 1120 O  O1D . HEC H 4 .   ? 5.254   -10.438 -6.001  1.00 18.43 ? 151 HEC A O1D 1 
HETATM 1121 O  O2D . HEC H 4 .   ? 5.498   -10.888 -8.137  1.00 20.37 ? 151 HEC A O2D 1 
HETATM 1122 C  C1  . GOL I 5 .   ? -10.916 -8.410  8.135   1.00 41.92 ? 140 GOL A C1  1 
HETATM 1123 O  O1  . GOL I 5 .   ? -12.084 -8.448  7.282   1.00 63.85 ? 140 GOL A O1  1 
HETATM 1124 C  C2  . GOL I 5 .   ? -9.697  -7.937  7.318   1.00 52.04 ? 140 GOL A C2  1 
HETATM 1125 O  O2  . GOL I 5 .   ? -10.140 -7.055  6.263   1.00 54.36 ? 140 GOL A O2  1 
HETATM 1126 C  C3  . GOL I 5 .   ? -8.963  -9.153  6.739   1.00 48.91 ? 140 GOL A C3  1 
HETATM 1127 O  O3  . GOL I 5 .   ? -7.982  -9.660  7.670   1.00 54.76 ? 140 GOL A O3  1 
HETATM 1128 C  C1  . GOL J 5 .   ? 5.418   -11.979 -13.161 1.00 55.75 ? 141 GOL A C1  1 
HETATM 1129 O  O1  . GOL J 5 .   ? 4.240   -12.752 -12.846 1.00 57.82 ? 141 GOL A O1  1 
HETATM 1130 C  C2  . GOL J 5 .   ? 5.047   -10.486 -13.160 1.00 43.04 ? 141 GOL A C2  1 
HETATM 1131 O  O2  . GOL J 5 .   ? 5.828   -9.837  -14.182 1.00 47.64 ? 141 GOL A O2  1 
HETATM 1132 C  C3  . GOL J 5 .   ? 5.349   -9.870  -11.788 1.00 44.26 ? 141 GOL A C3  1 
HETATM 1133 O  O3  . GOL J 5 .   ? 4.666   -10.568 -10.722 1.00 29.87 ? 141 GOL A O3  1 
HETATM 1134 C  C1  . GOL K 5 .   ? -2.679  -7.359  13.139  1.00 42.53 ? 142 GOL A C1  1 
HETATM 1135 O  O1  . GOL K 5 .   ? -2.871  -6.190  13.971  1.00 68.08 ? 142 GOL A O1  1 
HETATM 1136 C  C2  . GOL K 5 .   ? -3.115  -7.019  11.705  1.00 42.41 ? 142 GOL A C2  1 
HETATM 1137 O  O2  . GOL K 5 .   ? -3.458  -8.244  11.022  1.00 53.81 ? 142 GOL A O2  1 
HETATM 1138 C  C3  . GOL K 5 .   ? -1.978  -6.280  10.980  1.00 34.66 ? 142 GOL A C3  1 
HETATM 1139 O  O3  . GOL K 5 .   ? -1.112  -7.186  10.257  1.00 33.29 ? 142 GOL A O3  1 
HETATM 1140 C  C1  . GOL L 5 .   ? 2.052   13.783  -7.097  1.00 46.03 ? 143 GOL A C1  1 
HETATM 1141 O  O1  . GOL L 5 .   ? 0.775   14.422  -6.866  1.00 55.87 ? 143 GOL A O1  1 
HETATM 1142 C  C2  . GOL L 5 .   ? 3.172   14.737  -6.654  1.00 50.44 ? 143 GOL A C2  1 
HETATM 1143 O  O2  . GOL L 5 .   ? 3.378   15.711  -7.697  1.00 57.06 ? 143 GOL A O2  1 
HETATM 1144 C  C3  . GOL L 5 .   ? 4.455   13.938  -6.396  1.00 51.44 ? 143 GOL A C3  1 
HETATM 1145 O  O3  . GOL L 5 .   ? 4.854   14.017  -5.009  1.00 68.87 ? 143 GOL A O3  1 
HETATM 1146 C  C1  . GOL M 5 .   ? 17.896  -6.777  4.936   1.00 58.87 ? 144 GOL A C1  1 
HETATM 1147 O  O1  . GOL M 5 .   ? 17.610  -8.042  4.297   1.00 82.25 ? 144 GOL A O1  1 
HETATM 1148 C  C2  . GOL M 5 .   ? 17.484  -5.633  3.984   1.00 42.84 ? 144 GOL A C2  1 
HETATM 1149 O  O2  . GOL M 5 .   ? 18.083  -5.877  2.693   1.00 57.50 ? 144 GOL A O2  1 
HETATM 1150 C  C3  . GOL M 5 .   ? 17.954  -4.278  4.542   1.00 49.02 ? 144 GOL A C3  1 
HETATM 1151 O  O3  . GOL M 5 .   ? 17.749  -4.165  5.971   1.00 76.54 ? 144 GOL A O3  1 
HETATM 1152 O  O   . HOH N 6 .   ? -6.713  7.603   0.351   1.00 14.15 ? 152 HOH A O   1 
HETATM 1153 O  O   . HOH N 6 .   ? 5.015   -9.041  -3.752  1.00 16.30 ? 153 HOH A O   1 
HETATM 1154 O  O   . HOH N 6 .   ? 3.673   -9.689  -1.200  1.00 15.62 ? 154 HOH A O   1 
HETATM 1155 O  O   . HOH N 6 .   ? 21.836  4.442   -10.490 1.00 15.96 ? 155 HOH A O   1 
HETATM 1156 O  O   . HOH N 6 .   ? 5.499   -9.424  1.159   1.00 16.96 ? 156 HOH A O   1 
HETATM 1157 O  O   . HOH N 6 .   ? -9.767  14.045  9.739   1.00 14.19 ? 157 HOH A O   1 
HETATM 1158 O  O   . HOH N 6 .   ? -6.905  6.625   3.059   1.00 16.24 ? 158 HOH A O   1 
HETATM 1159 O  O   . HOH N 6 .   ? 0.803   10.881  6.094   1.00 19.49 ? 159 HOH A O   1 
HETATM 1160 O  O   . HOH N 6 .   ? -4.260  7.773   3.409   1.00 16.50 ? 160 HOH A O   1 
HETATM 1161 O  O   . HOH N 6 .   ? -6.389  -3.513  1.231   1.00 15.74 ? 161 HOH A O   1 
HETATM 1162 O  O   . HOH N 6 .   ? 6.321   -15.980 -3.144  1.00 20.24 ? 162 HOH A O   1 
HETATM 1163 O  O   . HOH N 6 .   ? -5.839  -4.653  7.718   1.00 18.85 ? 163 HOH A O   1 
HETATM 1164 O  O   . HOH N 6 .   ? -8.926  -2.739  4.695   1.00 16.31 ? 164 HOH A O   1 
HETATM 1165 O  O   . HOH N 6 .   ? -9.581  11.410  11.055  1.00 16.02 ? 165 HOH A O   1 
HETATM 1166 O  O   . HOH N 6 .   ? -10.184 -5.880  0.466   1.00 20.42 ? 166 HOH A O   1 
HETATM 1167 O  O   . HOH N 6 .   ? -17.583 11.473  5.029   1.00 19.10 ? 167 HOH A O   1 
HETATM 1168 O  O   . HOH N 6 .   ? 13.396  -4.834  -2.266  1.00 17.16 ? 168 HOH A O   1 
HETATM 1169 O  O   . HOH N 6 .   ? 12.296  -3.257  -14.019 1.00 25.23 ? 169 HOH A O   1 
HETATM 1170 O  O   . HOH N 6 .   ? -6.344  4.701   16.028  1.00 22.75 ? 170 HOH A O   1 
HETATM 1171 O  O   . HOH N 6 .   ? 5.981   4.178   -8.761  1.00 21.77 ? 171 HOH A O   1 
HETATM 1172 O  O   . HOH N 6 .   ? -9.285  7.089   16.858  1.00 20.11 ? 172 HOH A O   1 
HETATM 1173 O  O   . HOH N 6 .   ? -10.103 -8.691  1.310   1.00 22.33 ? 173 HOH A O   1 
HETATM 1174 O  O   . HOH N 6 .   ? -3.178  10.155  11.434  1.00 24.81 ? 174 HOH A O   1 
HETATM 1175 O  O   . HOH N 6 .   ? 8.953   5.943   -11.922 1.00 22.61 ? 175 HOH A O   1 
HETATM 1176 O  O   . HOH N 6 .   ? -7.163  3.317   -8.447  1.00 26.83 ? 176 HOH A O   1 
HETATM 1177 O  O   . HOH N 6 .   ? 0.303   5.656   -11.665 1.00 23.75 ? 177 HOH A O   1 
HETATM 1178 O  O   . HOH N 6 .   ? 16.488  -11.153 -1.597  1.00 21.96 ? 178 HOH A O   1 
HETATM 1179 O  O   . HOH N 6 .   ? 10.038  -5.853  3.117   1.00 27.56 ? 179 HOH A O   1 
HETATM 1180 O  O   . HOH N 6 .   ? 8.300   -3.664  -13.485 1.00 33.73 ? 180 HOH A O   1 
HETATM 1181 O  O   . HOH N 6 .   ? -3.143  15.289  8.419   1.00 26.47 ? 181 HOH A O   1 
HETATM 1182 O  O   . HOH N 6 .   ? 2.831   -15.491 2.207   1.00 23.49 ? 182 HOH A O   1 
HETATM 1183 O  O   . HOH N 6 .   ? -2.154  12.159  -8.776  1.00 27.16 ? 183 HOH A O   1 
HETATM 1184 O  O   . HOH N 6 .   ? 7.690   12.739  5.969   1.00 25.72 ? 184 HOH A O   1 
HETATM 1185 O  O   . HOH N 6 .   ? 17.267  -5.383  -2.476  1.00 24.37 ? 185 HOH A O   1 
HETATM 1186 O  O   . HOH N 6 .   ? -7.740  11.582  13.226  1.00 31.57 ? 186 HOH A O   1 
HETATM 1187 O  O   . HOH N 6 .   ? 3.324   4.856   -12.074 1.00 32.37 ? 187 HOH A O   1 
HETATM 1188 O  O   . HOH N 6 .   ? -12.180 -5.591  -1.717  1.00 23.07 ? 188 HOH A O   1 
HETATM 1189 O  O   . HOH N 6 .   ? -4.594  7.708   15.429  1.00 29.17 ? 189 HOH A O   1 
HETATM 1190 O  O   . HOH N 6 .   ? 13.647  -11.239 1.622   1.00 33.92 ? 190 HOH A O   1 
HETATM 1191 O  O   . HOH N 6 .   ? 0.389   9.311   10.503  1.00 33.54 ? 191 HOH A O   1 
HETATM 1192 O  O   . HOH N 6 .   ? -4.091  0.812   19.095  1.00 40.64 ? 192 HOH A O   1 
HETATM 1193 O  O   . HOH N 6 .   ? -5.748  -8.136  -9.856  1.00 22.60 ? 193 HOH A O   1 
HETATM 1194 O  O   . HOH N 6 .   ? -3.486  -15.294 -0.905  1.00 31.43 ? 194 HOH A O   1 
HETATM 1195 O  O   . HOH N 6 .   ? -8.403  -11.729 -4.622  1.00 47.62 ? 195 HOH A O   1 
HETATM 1196 O  O   . HOH N 6 .   ? 9.552   1.738   7.182   1.00 41.91 ? 196 HOH A O   1 
HETATM 1197 O  O   . HOH N 6 .   ? 5.496   15.034  3.082   1.00 29.61 ? 197 HOH A O   1 
HETATM 1198 O  O   . HOH N 6 .   ? -1.717  -14.186 -10.591 1.00 36.34 ? 198 HOH A O   1 
HETATM 1199 O  O   . HOH N 6 .   ? 5.486   15.100  -1.495  1.00 45.77 ? 199 HOH A O   1 
HETATM 1200 O  O   . HOH N 6 .   ? 18.099  3.553   -6.417  1.00 28.55 ? 200 HOH A O   1 
HETATM 1201 O  O   . HOH N 6 .   ? 14.491  -8.769  3.366   1.00 53.54 ? 201 HOH A O   1 
HETATM 1202 O  O   . HOH N 6 .   ? 10.595  11.818  4.800   1.00 43.56 ? 202 HOH A O   1 
HETATM 1203 O  O   . HOH N 6 .   ? -18.934 -5.632  -1.827  1.00 40.40 ? 203 HOH A O   1 
HETATM 1204 O  O   . HOH N 6 .   ? 12.604  -4.383  5.303   1.00 36.78 ? 204 HOH A O   1 
HETATM 1205 O  O   . HOH N 6 .   ? -9.606  -1.632  -11.579 1.00 32.96 ? 205 HOH A O   1 
HETATM 1206 O  O   . HOH N 6 .   ? -19.067 3.751   7.681   1.00 43.01 ? 206 HOH A O   1 
HETATM 1207 O  O   . HOH N 6 .   ? 6.896   12.785  -12.301 1.00 49.22 ? 207 HOH A O   1 
HETATM 1208 O  O   . HOH N 6 .   ? 4.756   -14.571 -9.856  1.00 36.32 ? 208 HOH A O   1 
HETATM 1209 O  O   . HOH N 6 .   ? 13.403  4.247   -15.740 1.00 34.49 ? 209 HOH A O   1 
HETATM 1210 O  O   . HOH N 6 .   ? -15.158 -2.283  7.092   1.00 43.37 ? 210 HOH A O   1 
HETATM 1211 O  O   . HOH N 6 .   ? 10.841  -10.904 4.368   1.00 34.90 ? 211 HOH A O   1 
HETATM 1212 O  O   . HOH N 6 .   ? 5.343   0.903   15.993  1.00 50.36 ? 212 HOH A O   1 
HETATM 1213 O  O   . HOH N 6 .   ? -0.072  -17.281 3.883   1.00 44.48 ? 213 HOH A O   1 
HETATM 1214 O  O   . HOH N 6 .   ? 11.691  -0.473  6.270   1.00 48.00 ? 214 HOH A O   1 
HETATM 1215 O  O   . HOH N 6 .   ? 11.812  9.127   -1.873  1.00 37.91 ? 215 HOH A O   1 
HETATM 1216 O  O   . HOH N 6 .   ? 15.571  6.169   -14.336 1.00 48.30 ? 216 HOH A O   1 
HETATM 1217 O  O   . HOH N 6 .   ? -7.629  -12.888 -1.117  1.00 50.10 ? 217 HOH A O   1 
HETATM 1218 O  O   . HOH N 6 .   ? 2.077   -4.753  -13.045 1.00 44.67 ? 218 HOH A O   1 
HETATM 1219 O  O   . HOH N 6 .   ? 11.357  7.580   4.150   1.00 49.30 ? 219 HOH A O   1 
HETATM 1220 O  O   . HOH N 6 .   ? -7.215  -12.460 7.587   1.00 53.25 ? 220 HOH A O   1 
HETATM 1221 O  O   . HOH N 6 .   ? 3.947   -6.509  8.952   1.00 44.10 ? 221 HOH A O   1 
HETATM 1222 O  O   . HOH N 6 .   ? 10.194  -15.328 4.438   1.00 47.15 ? 222 HOH A O   1 
HETATM 1223 O  O   . HOH N 6 .   ? 1.369   13.472  1.862   1.00 41.32 ? 223 HOH A O   1 
HETATM 1224 O  O   . HOH N 6 .   ? -3.067  -10.860 9.229   1.00 64.96 ? 224 HOH A O   1 
HETATM 1225 O  O   . HOH N 6 .   ? 7.634   -5.521  7.319   1.00 53.27 ? 225 HOH A O   1 
HETATM 1226 O  O   . HOH N 6 .   ? 6.173   6.653   9.616   1.00 51.99 ? 226 HOH A O   1 
HETATM 1227 O  O   . HOH N 6 .   ? -11.962 10.733  12.327  0.50 19.21 ? 227 HOH A O   1 
HETATM 1228 O  O   . HOH N 6 .   ? -14.505 10.249  10.946  0.50 15.56 ? 228 HOH A O   1 
HETATM 1229 O  O   . HOH N 6 .   ? -11.248 -4.314  5.790   1.00 30.58 ? 229 HOH A O   1 
HETATM 1230 O  O   . HOH N 6 .   ? 11.767  -7.916  4.641   1.00 37.47 ? 230 HOH A O   1 
HETATM 1231 O  O   . HOH N 6 .   ? -5.692  5.863   -8.887  1.00 49.47 ? 231 HOH A O   1 
HETATM 1232 O  O   . HOH N 6 .   ? 2.493   15.481  3.878   1.00 45.61 ? 232 HOH A O   1 
HETATM 1233 O  O   . HOH N 6 .   ? -12.014 -5.571  2.916   1.00 39.37 ? 233 HOH A O   1 
HETATM 1234 O  O   . HOH N 6 .   ? 2.428   10.584  8.655   1.00 32.13 ? 234 HOH A O   1 
HETATM 1235 O  O   . HOH N 6 .   ? -7.165  -8.034  -12.690 1.00 44.32 ? 235 HOH A O   1 
HETATM 1236 O  O   . HOH N 6 .   ? -6.601  -7.365  8.468   1.00 37.50 ? 236 HOH A O   1 
HETATM 1237 O  O   . HOH N 6 .   ? -7.933  -8.951  -7.956  1.00 50.12 ? 237 HOH A O   1 
HETATM 1238 O  O   . HOH N 6 .   ? 5.322   -4.915  -13.736 1.00 35.69 ? 238 HOH A O   1 
HETATM 1239 O  O   . HOH N 6 .   ? -11.287 -8.777  4.142   1.00 43.14 ? 239 HOH A O   1 
HETATM 1240 O  O   . HOH N 6 .   ? 6.783   3.758   -11.628 1.00 37.89 ? 240 HOH A O   1 
HETATM 1241 O  O   . HOH N 6 .   ? -2.294  3.488   18.873  1.00 60.94 ? 241 HOH A O   1 
HETATM 1242 O  O   . HOH N 6 .   ? 3.859   -17.824 -2.496  1.00 41.57 ? 242 HOH A O   1 
HETATM 1243 O  O   . HOH N 6 .   ? -22.026 4.538   6.969   1.00 54.18 ? 243 HOH A O   1 
HETATM 1244 O  O   . HOH N 6 .   ? 9.519   -12.821 6.558   1.00 58.94 ? 244 HOH A O   1 
HETATM 1245 O  O   . HOH N 6 .   ? 9.394   -16.164 -3.648  1.00 59.41 ? 245 HOH A O   1 
HETATM 1246 O  O   . HOH N 6 .   ? -17.168 -0.054  5.913   1.00 53.17 ? 246 HOH A O   1 
HETATM 1247 O  O   . HOH N 6 .   ? 1.589   -15.692 -8.725  1.00 46.70 ? 247 HOH A O   1 
HETATM 1248 O  O   . HOH N 6 .   ? 4.007   -17.025 -7.513  1.00 38.80 ? 248 HOH A O   1 
HETATM 1249 O  O   . HOH N 6 .   ? -6.420  14.234  13.678  1.00 50.25 ? 249 HOH A O   1 
HETATM 1250 O  O   . HOH N 6 .   ? -1.142  11.510  -11.564 1.00 45.67 ? 250 HOH A O   1 
HETATM 1251 O  O   . HOH N 6 .   ? 1.044   9.027   -13.060 1.00 52.63 ? 251 HOH A O   1 
HETATM 1252 O  O   . HOH N 6 .   ? -11.192 -2.883  -9.349  1.00 51.75 ? 252 HOH A O   1 
HETATM 1253 O  O   . HOH N 6 .   ? -13.536 -6.536  -7.976  1.00 56.51 ? 253 HOH A O   1 
HETATM 1254 O  O   . HOH N 6 .   ? -12.491 -5.725  -10.742 1.00 56.83 ? 254 HOH A O   1 
HETATM 1255 O  O   . HOH N 6 .   ? -7.471  8.629   -8.063  1.00 59.31 ? 255 HOH A O   1 
HETATM 1256 O  O   . HOH N 6 .   ? -6.159  6.882   -5.939  1.00 36.15 ? 256 HOH A O   1 
# 
